data_6OP5
#
_entry.id   6OP5
#
_cell.length_a   164.402
_cell.length_b   164.402
_cell.length_c   87.122
_cell.angle_alpha   90.00
_cell.angle_beta   90.00
_cell.angle_gamma   120.00
#
_symmetry.space_group_name_H-M   'P 31'
#
loop_
_entity.id
_entity.type
_entity.pdbx_description
1 polymer 'Styrylpyrone synthase 1'
2 polymer 'Styrylpyrone synthase 1'
3 non-polymer p-coumaroyl-CoA
4 water water
#
loop_
_entity_poly.entity_id
_entity_poly.type
_entity_poly.pdbx_seq_one_letter_code
_entity_poly.pdbx_strand_id
1 'polypeptide(L)'
;MSKTVEDRAAQRAKGPATVLAIGTATPANVVYQTDYPDYYFRVTKSEHMTKLKNKFQRMCDRSTIKKRYMVLTEELLEKN
LSLCTYMEPSLDARQDILVPEVPKLGKEAADEAIAEWGRPKSEITHLIFCTTCGVDMPGADYQLTKLLGLRSSVRRTMLY
QQGCFGGGTVLRLAKDLAENNAGARVLVVCSEITTAVNFRGPSDTHLDLLVGLALFGDGAAAVIVGADPDPTLERPLFQI
VSGAQTILPDSEGAINGHLREVGLTIRLLKDVPGLVSMNIEKCLMEAFAPMGIHDWNSIFWIAHPGGPTILDQVEAKLGL
KEEKLKSTRAVLREYGNMSSACVLFILDEVRKRSMEEGKTTTGEGFDWGVLFGFGPGFTVETVVLHSMPIPKADEGR
;
A,B,D,E,F
2 'polypeptide(L)'
;MSKTVEDRAAQRAKGPATVLAIGTATPANVVYQTDYPDYYFRVTKSEHMTKLKNKFQRMCDRSTIKKRYMVLTEELLEKN
LSLCTYMEPSLDARQDILVPEVPKLGKEAADEAIAEWGRPKSEITHLIFCTTCGVDMPGADYQLTKLLGLRSSVRRTMLY
QQG(60F)FGGGTVLRLAKDLAENNAGARVLVVCSEITTAVNFRGPSDTHLDLLVGLALFGDGAAAVIVGADPDPTLERP
LFQIVSGAQTILPDSEGAINGHLREVGLTIRLLKDVPGLVSMNIEKCLMEAFAPMGIHDWNSIFWIAHPGGPTILDQVEA
KLGLKEEKLKSTRAVLREYGNMSSACVLFILDEVRKRSMEEGKTTTGEGFDWGVLFGFGPGFTVETVVLHSMPIPKADEG
R
;
C
#
# COMPACT_ATOMS: atom_id res chain seq x y z
N ALA A 9 19.77 27.30 8.16
CA ALA A 9 18.41 26.84 7.91
C ALA A 9 17.92 25.96 9.06
N ALA A 10 18.05 24.64 8.90
CA ALA A 10 17.66 23.68 9.91
C ALA A 10 18.87 23.38 10.81
N GLN A 11 18.72 22.42 11.72
CA GLN A 11 19.83 22.04 12.58
C GLN A 11 20.21 20.58 12.34
N ARG A 12 20.41 20.21 11.07
CA ARG A 12 20.60 18.82 10.70
C ARG A 12 21.59 18.73 9.53
N ALA A 13 22.11 17.51 9.34
CA ALA A 13 23.03 17.25 8.24
C ALA A 13 22.24 17.08 6.93
N LYS A 14 22.99 17.03 5.82
CA LYS A 14 22.38 17.01 4.49
C LYS A 14 22.56 15.71 3.73
N GLY A 15 23.58 14.92 4.04
CA GLY A 15 23.85 13.70 3.32
C GLY A 15 23.62 12.47 4.16
N PRO A 16 24.11 11.32 3.69
CA PRO A 16 23.97 10.08 4.45
C PRO A 16 25.11 9.87 5.42
N ALA A 17 24.82 9.11 6.48
CA ALA A 17 25.86 8.78 7.45
C ALA A 17 26.88 7.85 6.82
N THR A 18 28.15 8.18 6.95
CA THR A 18 29.23 7.41 6.35
C THR A 18 30.15 6.86 7.43
N VAL A 19 30.66 5.65 7.20
CA VAL A 19 31.66 5.08 8.09
C VAL A 19 32.98 5.81 7.87
N LEU A 20 33.53 6.35 8.96
CA LEU A 20 34.72 7.19 8.89
C LEU A 20 35.99 6.49 9.36
N ALA A 21 35.88 5.49 10.24
CA ALA A 21 37.05 4.76 10.71
C ALA A 21 36.58 3.46 11.34
N ILE A 22 37.49 2.48 11.37
CA ILE A 22 37.21 1.16 11.93
C ILE A 22 38.42 0.71 12.73
N GLY A 23 38.17 0.02 13.85
CA GLY A 23 39.23 -0.51 14.68
C GLY A 23 38.80 -1.75 15.43
N THR A 24 39.66 -2.75 15.49
CA THR A 24 39.34 -4.02 16.12
C THR A 24 40.38 -4.36 17.18
N ALA A 25 40.03 -5.29 18.07
CA ALA A 25 40.91 -5.70 19.14
C ALA A 25 40.46 -7.06 19.67
N THR A 26 41.43 -7.91 20.00
CA THR A 26 41.17 -9.23 20.54
C THR A 26 42.11 -9.50 21.70
N PRO A 27 41.70 -10.32 22.67
CA PRO A 27 42.57 -10.65 23.80
C PRO A 27 43.81 -11.40 23.35
N ALA A 28 44.73 -11.61 24.30
CA ALA A 28 46.05 -12.13 23.97
C ALA A 28 46.07 -13.65 23.83
N ASN A 29 45.29 -14.35 24.64
CA ASN A 29 45.30 -15.82 24.66
C ASN A 29 44.67 -16.35 23.37
N VAL A 30 45.47 -16.99 22.53
CA VAL A 30 45.00 -17.59 21.28
C VAL A 30 44.76 -19.07 21.50
N VAL A 31 43.59 -19.54 21.10
CA VAL A 31 43.20 -20.94 21.26
C VAL A 31 42.89 -21.51 19.89
N TYR A 32 43.73 -22.44 19.43
CA TYR A 32 43.53 -23.03 18.11
C TYR A 32 42.51 -24.16 18.16
N GLN A 33 41.74 -24.28 17.07
CA GLN A 33 40.64 -25.23 17.05
C GLN A 33 41.13 -26.67 17.05
N THR A 34 42.25 -26.94 16.41
CA THR A 34 42.80 -28.28 16.38
C THR A 34 43.31 -28.74 17.77
N ASP A 35 43.05 -27.96 18.81
CA ASP A 35 43.48 -28.26 20.16
C ASP A 35 42.38 -28.06 21.19
N TYR A 36 41.15 -27.79 20.77
CA TYR A 36 40.08 -27.44 21.70
C TYR A 36 39.28 -28.64 22.21
N PRO A 37 38.97 -29.65 21.39
CA PRO A 37 38.21 -30.80 21.92
C PRO A 37 38.89 -31.49 23.10
N ASP A 38 40.22 -31.55 23.12
CA ASP A 38 40.92 -32.23 24.21
C ASP A 38 40.92 -31.39 25.48
N TYR A 39 41.41 -30.15 25.37
CA TYR A 39 41.57 -29.29 26.55
C TYR A 39 40.24 -29.04 27.22
N TYR A 40 39.17 -28.92 26.44
CA TYR A 40 37.85 -28.64 27.00
C TYR A 40 37.39 -29.78 27.90
N PHE A 41 37.50 -31.01 27.42
CA PHE A 41 37.03 -32.17 28.18
C PHE A 41 37.98 -32.56 29.30
N ARG A 42 39.15 -31.92 29.39
CA ARG A 42 40.07 -32.19 30.49
C ARG A 42 39.81 -31.27 31.68
N VAL A 43 39.67 -29.97 31.42
CA VAL A 43 39.45 -29.02 32.51
C VAL A 43 38.08 -29.23 33.14
N THR A 44 37.11 -29.72 32.37
CA THR A 44 35.81 -30.06 32.93
C THR A 44 35.78 -31.45 33.54
N LYS A 45 36.87 -32.21 33.40
CA LYS A 45 36.97 -33.57 33.93
C LYS A 45 35.84 -34.44 33.36
N SER A 46 35.81 -34.50 32.03
CA SER A 46 34.72 -35.19 31.33
C SER A 46 35.24 -36.24 30.36
N GLU A 47 36.46 -36.73 30.59
CA GLU A 47 37.09 -37.68 29.67
C GLU A 47 36.40 -39.02 29.76
N HIS A 48 35.32 -39.09 30.53
CA HIS A 48 34.49 -40.28 30.58
C HIS A 48 33.30 -40.20 29.66
N MET A 49 33.18 -39.13 28.88
CA MET A 49 32.09 -38.93 27.91
C MET A 49 32.69 -39.06 26.52
N THR A 50 33.02 -40.29 26.14
CA THR A 50 33.60 -40.51 24.83
C THR A 50 32.63 -40.11 23.72
N LYS A 51 31.32 -40.22 23.98
CA LYS A 51 30.33 -39.83 22.98
C LYS A 51 30.35 -38.33 22.74
N LEU A 52 30.15 -37.54 23.80
CA LEU A 52 30.19 -36.09 23.65
C LEU A 52 31.55 -35.61 23.16
N LYS A 53 32.61 -36.34 23.50
CA LYS A 53 33.95 -35.95 23.06
C LYS A 53 34.09 -36.10 21.55
N ASN A 54 33.81 -37.30 21.03
CA ASN A 54 33.79 -37.48 19.58
C ASN A 54 32.75 -36.56 18.94
N LYS A 55 31.64 -36.33 19.63
CA LYS A 55 30.66 -35.35 19.17
C LYS A 55 31.27 -33.97 19.05
N PHE A 56 31.91 -33.49 20.12
CA PHE A 56 32.54 -32.17 20.09
C PHE A 56 33.66 -32.12 19.07
N GLN A 57 34.44 -33.20 18.97
CA GLN A 57 35.61 -33.21 18.11
C GLN A 57 35.24 -33.07 16.64
N ARG A 58 34.19 -33.78 16.20
CA ARG A 58 33.72 -33.62 14.83
C ARG A 58 33.22 -32.21 14.58
N MET A 59 32.55 -31.62 15.58
CA MET A 59 32.07 -30.24 15.43
C MET A 59 33.23 -29.27 15.22
N CYS A 60 34.29 -29.41 16.01
CA CYS A 60 35.42 -28.51 15.87
C CYS A 60 36.13 -28.70 14.54
N ASP A 61 36.13 -29.93 14.01
CA ASP A 61 36.75 -30.20 12.72
C ASP A 61 35.90 -29.72 11.55
N ARG A 62 34.59 -29.57 11.74
CA ARG A 62 33.72 -29.06 10.68
C ARG A 62 33.42 -27.58 10.81
N SER A 63 33.98 -26.91 11.81
CA SER A 63 33.69 -25.50 12.04
C SER A 63 34.42 -24.58 11.08
N THR A 64 35.40 -25.09 10.34
CA THR A 64 36.26 -24.28 9.47
C THR A 64 36.89 -23.12 10.24
N ILE A 65 37.10 -23.31 11.54
CA ILE A 65 37.77 -22.34 12.39
C ILE A 65 39.17 -22.84 12.67
N LYS A 66 40.15 -21.93 12.62
CA LYS A 66 41.53 -22.27 12.97
C LYS A 66 41.88 -21.85 14.38
N LYS A 67 41.55 -20.61 14.76
CA LYS A 67 41.89 -20.11 16.08
C LYS A 67 40.83 -19.14 16.56
N ARG A 68 40.79 -18.95 17.86
CA ARG A 68 39.95 -17.95 18.51
C ARG A 68 40.71 -17.37 19.68
N TYR A 69 40.52 -16.08 19.93
CA TYR A 69 41.12 -15.40 21.08
C TYR A 69 40.12 -15.46 22.23
N MET A 70 40.60 -15.78 23.43
CA MET A 70 39.72 -16.00 24.57
C MET A 70 40.25 -15.34 25.83
N VAL A 71 39.36 -14.71 26.57
CA VAL A 71 39.68 -14.05 27.84
C VAL A 71 39.69 -15.04 29.00
N LEU A 72 38.82 -16.04 28.96
CA LEU A 72 38.74 -17.05 30.02
C LEU A 72 39.83 -18.08 29.79
N THR A 73 40.97 -17.90 30.45
CA THR A 73 42.05 -18.86 30.36
C THR A 73 41.89 -19.91 31.45
N GLU A 74 42.71 -20.96 31.37
CA GLU A 74 42.68 -21.98 32.43
C GLU A 74 43.09 -21.37 33.76
N GLU A 75 43.96 -20.36 33.74
CA GLU A 75 44.26 -19.62 34.96
C GLU A 75 42.99 -19.00 35.54
N LEU A 76 42.09 -18.54 34.67
CA LEU A 76 40.83 -17.97 35.11
C LEU A 76 39.83 -19.04 35.55
N LEU A 77 39.96 -20.26 35.03
CA LEU A 77 39.03 -21.32 35.40
C LEU A 77 39.31 -21.88 36.80
N GLU A 78 40.60 -22.01 37.15
CA GLU A 78 40.95 -22.53 38.47
C GLU A 78 40.54 -21.60 39.60
N LYS A 79 40.37 -20.31 39.32
CA LYS A 79 39.95 -19.34 40.32
C LYS A 79 38.45 -19.07 40.31
N ASN A 80 37.72 -19.63 39.30
CA ASN A 80 36.27 -19.60 39.21
C ASN A 80 35.82 -21.01 38.82
N LEU A 81 35.82 -21.93 39.79
CA LEU A 81 35.53 -23.32 39.47
C LEU A 81 34.08 -23.55 39.07
N SER A 82 33.19 -22.60 39.38
CA SER A 82 31.79 -22.71 38.97
C SER A 82 31.60 -22.68 37.46
N LEU A 83 32.67 -22.45 36.68
CA LEU A 83 32.59 -22.46 35.23
C LEU A 83 33.01 -23.80 34.62
N CYS A 84 33.78 -24.61 35.34
CA CYS A 84 33.90 -26.04 35.07
C CYS A 84 32.64 -26.80 35.45
N THR A 85 31.48 -26.16 35.40
CA THR A 85 30.29 -26.69 36.05
C THR A 85 29.05 -26.21 35.31
N TYR A 86 28.14 -27.14 35.02
CA TYR A 86 26.99 -26.91 34.16
C TYR A 86 26.00 -25.99 34.87
N MET A 87 25.06 -26.55 35.62
CA MET A 87 24.09 -25.64 36.20
C MET A 87 24.08 -25.67 37.71
N GLU A 88 25.24 -25.34 38.29
CA GLU A 88 25.38 -24.88 39.66
C GLU A 88 25.69 -23.38 39.64
N PRO A 89 25.47 -22.65 40.74
CA PRO A 89 25.57 -21.19 40.70
C PRO A 89 26.85 -20.67 40.03
N SER A 90 26.69 -19.92 38.94
CA SER A 90 27.84 -19.44 38.18
C SER A 90 27.65 -18.02 37.63
N LEU A 91 26.67 -17.25 38.10
CA LEU A 91 26.45 -15.95 37.49
C LEU A 91 27.48 -14.92 37.98
N ASP A 92 27.67 -14.83 39.30
CA ASP A 92 28.64 -13.89 39.84
C ASP A 92 30.05 -14.20 39.36
N ALA A 93 30.38 -15.48 39.17
CA ALA A 93 31.71 -15.84 38.72
C ALA A 93 32.02 -15.27 37.33
N ARG A 94 31.01 -15.10 36.49
CA ARG A 94 31.20 -14.43 35.21
C ARG A 94 30.98 -12.94 35.31
N GLN A 95 30.11 -12.50 36.22
CA GLN A 95 29.88 -11.08 36.39
C GLN A 95 31.16 -10.36 36.78
N ASP A 96 31.97 -10.98 37.65
CA ASP A 96 33.24 -10.39 38.05
C ASP A 96 34.20 -10.24 36.88
N ILE A 97 33.97 -10.96 35.78
CA ILE A 97 34.82 -10.91 34.61
C ILE A 97 34.26 -9.98 33.54
N LEU A 98 32.97 -10.11 33.25
CA LEU A 98 32.39 -9.36 32.14
C LEU A 98 32.28 -7.86 32.46
N VAL A 99 31.89 -7.52 33.69
CA VAL A 99 31.66 -6.11 34.02
C VAL A 99 32.89 -5.24 33.76
N PRO A 100 34.11 -5.62 34.19
CA PRO A 100 35.28 -4.79 33.84
C PRO A 100 35.85 -5.10 32.46
N GLU A 101 35.96 -6.37 32.10
CA GLU A 101 36.71 -6.73 30.90
C GLU A 101 36.01 -6.33 29.60
N VAL A 102 34.71 -6.07 29.62
CA VAL A 102 34.00 -5.71 28.40
C VAL A 102 34.37 -4.29 27.98
N PRO A 103 34.29 -3.28 28.86
CA PRO A 103 34.74 -1.94 28.45
C PRO A 103 36.22 -1.86 28.12
N LYS A 104 37.06 -2.68 28.76
CA LYS A 104 38.49 -2.64 28.50
C LYS A 104 38.80 -3.02 27.06
N LEU A 105 38.29 -4.18 26.62
CA LEU A 105 38.46 -4.59 25.23
C LEU A 105 37.80 -3.63 24.27
N GLY A 106 36.76 -2.91 24.72
CA GLY A 106 36.13 -1.94 23.85
C GLY A 106 37.00 -0.72 23.61
N LYS A 107 37.67 -0.24 24.66
CA LYS A 107 38.60 0.86 24.50
C LYS A 107 39.78 0.46 23.62
N GLU A 108 40.24 -0.79 23.77
CA GLU A 108 41.31 -1.29 22.91
C GLU A 108 40.98 -1.11 21.44
N ALA A 109 39.72 -1.29 21.07
CA ALA A 109 39.32 -1.11 19.68
C ALA A 109 38.99 0.34 19.39
N ALA A 110 38.40 1.06 20.35
CA ALA A 110 38.09 2.46 20.14
C ALA A 110 39.35 3.31 20.04
N ASP A 111 40.42 2.91 20.71
CA ASP A 111 41.69 3.62 20.58
C ASP A 111 42.25 3.52 19.17
N GLU A 112 42.17 2.33 18.56
CA GLU A 112 42.73 2.16 17.23
C GLU A 112 41.88 2.83 16.17
N ALA A 113 40.55 2.85 16.37
CA ALA A 113 39.68 3.53 15.41
C ALA A 113 39.80 5.04 15.52
N ILE A 114 40.07 5.55 16.72
CA ILE A 114 40.32 6.99 16.89
C ILE A 114 41.66 7.36 16.30
N ALA A 115 42.66 6.48 16.43
CA ALA A 115 43.96 6.76 15.82
C ALA A 115 43.85 6.86 14.30
N GLU A 116 43.09 5.96 13.68
CA GLU A 116 42.86 6.03 12.23
C GLU A 116 41.98 7.22 11.87
N TRP A 117 41.04 7.57 12.75
CA TRP A 117 40.14 8.68 12.48
C TRP A 117 40.92 9.98 12.28
N GLY A 118 41.83 10.30 13.20
CA GLY A 118 42.67 11.46 13.08
C GLY A 118 42.13 12.73 13.72
N ARG A 119 40.96 12.68 14.34
CA ARG A 119 40.37 13.84 15.01
C ARG A 119 40.25 13.58 16.50
N PRO A 120 40.27 14.63 17.32
CA PRO A 120 40.29 14.44 18.77
C PRO A 120 39.01 13.80 19.29
N LYS A 121 39.13 13.16 20.45
CA LYS A 121 37.96 12.53 21.07
C LYS A 121 36.95 13.55 21.55
N SER A 122 37.34 14.81 21.74
CA SER A 122 36.39 15.84 22.11
C SER A 122 35.34 16.07 21.02
N GLU A 123 35.65 15.67 19.79
CA GLU A 123 34.71 15.78 18.68
C GLU A 123 33.83 14.55 18.52
N ILE A 124 33.95 13.57 19.41
CA ILE A 124 33.06 12.42 19.45
C ILE A 124 31.86 12.81 20.32
N THR A 125 30.71 13.00 19.69
CA THR A 125 29.55 13.53 20.40
C THR A 125 28.65 12.45 20.98
N HIS A 126 28.38 11.39 20.21
CA HIS A 126 27.49 10.32 20.63
C HIS A 126 28.27 9.02 20.77
N LEU A 127 27.66 8.06 21.46
CA LEU A 127 28.27 6.77 21.67
C LEU A 127 27.20 5.70 21.71
N ILE A 128 27.46 4.57 21.06
CA ILE A 128 26.63 3.38 21.16
C ILE A 128 27.53 2.25 21.62
N PHE A 129 27.23 1.68 22.78
CA PHE A 129 27.93 0.52 23.28
C PHE A 129 27.01 -0.68 23.24
N CYS A 130 27.49 -1.76 22.62
CA CYS A 130 26.67 -2.94 22.36
C CYS A 130 27.41 -4.17 22.85
N THR A 131 26.78 -4.90 23.77
CA THR A 131 27.28 -6.20 24.15
C THR A 131 26.15 -7.05 24.72
N THR A 132 26.17 -8.33 24.39
CA THR A 132 25.29 -9.34 24.96
C THR A 132 25.89 -9.96 26.21
N CYS A 133 27.02 -9.46 26.68
CA CYS A 133 27.78 -10.05 27.76
C CYS A 133 27.72 -9.14 28.98
N GLY A 134 26.99 -9.57 30.00
CA GLY A 134 27.04 -8.91 31.29
C GLY A 134 26.09 -7.73 31.37
N VAL A 135 25.82 -7.32 32.62
CA VAL A 135 24.92 -6.21 32.91
C VAL A 135 25.43 -5.49 34.15
N ASP A 136 25.47 -4.15 34.10
CA ASP A 136 25.98 -3.39 35.22
C ASP A 136 25.36 -2.00 35.21
N MET A 137 25.40 -1.35 36.37
CA MET A 137 24.89 0.00 36.52
C MET A 137 25.90 0.83 37.29
N PRO A 138 26.40 1.94 36.72
CA PRO A 138 26.09 2.35 35.34
C PRO A 138 26.66 1.41 34.26
N GLY A 139 26.13 1.50 33.05
CA GLY A 139 26.45 0.55 32.01
C GLY A 139 27.87 0.67 31.51
N ALA A 140 28.21 -0.21 30.56
CA ALA A 140 29.52 -0.18 29.93
C ALA A 140 29.73 1.09 29.11
N ASP A 141 28.65 1.76 28.68
CA ASP A 141 28.81 3.03 28.00
C ASP A 141 29.40 4.08 28.93
N TYR A 142 29.11 3.99 30.23
CA TYR A 142 29.72 4.89 31.19
C TYR A 142 31.17 4.51 31.44
N GLN A 143 31.46 3.22 31.61
CA GLN A 143 32.83 2.81 31.89
C GLN A 143 33.76 3.13 30.73
N LEU A 144 33.28 3.06 29.49
CA LEU A 144 34.11 3.45 28.36
C LEU A 144 34.27 4.97 28.28
N THR A 145 33.18 5.70 28.53
CA THR A 145 33.25 7.17 28.58
C THR A 145 34.36 7.62 29.52
N LYS A 146 34.47 6.98 30.68
CA LYS A 146 35.52 7.34 31.63
C LYS A 146 36.88 6.82 31.19
N LEU A 147 36.92 5.61 30.63
CA LEU A 147 38.19 5.02 30.23
C LEU A 147 38.75 5.71 28.99
N LEU A 148 37.89 6.03 28.03
CA LEU A 148 38.34 6.63 26.77
C LEU A 148 38.53 8.13 26.89
N GLY A 149 38.08 8.75 27.97
CA GLY A 149 38.26 10.18 28.12
C GLY A 149 37.39 11.02 27.21
N LEU A 150 36.22 10.51 26.82
CA LEU A 150 35.28 11.32 26.05
C LEU A 150 34.63 12.36 26.96
N ARG A 151 33.93 13.29 26.33
CA ARG A 151 33.33 14.38 27.10
C ARG A 151 32.19 13.86 27.96
N SER A 152 31.99 14.50 29.11
CA SER A 152 30.92 14.09 30.01
C SER A 152 29.55 14.31 29.38
N SER A 153 29.44 15.24 28.43
CA SER A 153 28.20 15.52 27.74
C SER A 153 27.98 14.60 26.55
N VAL A 154 28.68 13.46 26.50
CA VAL A 154 28.46 12.49 25.44
C VAL A 154 27.08 11.87 25.63
N ARG A 155 26.35 11.73 24.54
CA ARG A 155 25.01 11.14 24.57
C ARG A 155 25.16 9.67 24.19
N ARG A 156 24.88 8.78 25.14
CA ARG A 156 25.17 7.36 25.01
C ARG A 156 23.90 6.55 24.83
N THR A 157 24.05 5.38 24.23
CA THR A 157 22.95 4.43 24.03
C THR A 157 23.46 3.03 24.35
N MET A 158 22.80 2.37 25.29
CA MET A 158 23.24 1.08 25.81
C MET A 158 22.43 -0.03 25.15
N LEU A 159 23.10 -0.87 24.37
CA LEU A 159 22.48 -2.03 23.73
C LEU A 159 22.95 -3.26 24.50
N TYR A 160 22.13 -3.70 25.45
CA TYR A 160 22.38 -4.90 26.24
C TYR A 160 21.58 -6.07 25.69
N GLN A 161 22.24 -7.22 25.56
CA GLN A 161 21.54 -8.47 25.26
C GLN A 161 20.80 -8.40 23.92
N GLN A 162 21.40 -7.73 22.93
CA GLN A 162 20.80 -7.66 21.60
C GLN A 162 21.17 -8.85 20.71
N GLY A 163 21.80 -9.87 21.25
CA GLY A 163 22.11 -11.01 20.43
C GLY A 163 23.19 -10.72 19.39
N CYS A 164 23.24 -11.58 18.37
CA CYS A 164 24.23 -11.50 17.31
C CYS A 164 23.80 -10.62 16.15
N PHE A 165 22.67 -9.93 16.25
CA PHE A 165 22.27 -8.94 15.25
C PHE A 165 22.57 -7.52 15.69
N GLY A 166 23.32 -7.35 16.78
CA GLY A 166 23.68 -6.02 17.24
C GLY A 166 24.55 -5.24 16.28
N GLY A 167 25.35 -5.93 15.46
CA GLY A 167 26.22 -5.25 14.51
C GLY A 167 25.46 -4.37 13.52
N GLY A 168 24.27 -4.80 13.11
CA GLY A 168 23.45 -4.01 12.21
C GLY A 168 22.51 -3.12 12.98
N THR A 169 22.15 -3.54 14.20
CA THR A 169 21.31 -2.71 15.06
C THR A 169 21.99 -1.38 15.35
N VAL A 170 23.30 -1.41 15.57
CA VAL A 170 24.00 -0.18 15.92
C VAL A 170 24.25 0.68 14.68
N LEU A 171 24.50 0.06 13.52
CA LEU A 171 24.60 0.85 12.31
C LEU A 171 23.29 1.56 12.00
N ARG A 172 22.15 0.93 12.30
CA ARG A 172 20.87 1.59 12.05
C ARG A 172 20.64 2.72 13.03
N LEU A 173 21.05 2.55 14.29
CA LEU A 173 20.92 3.63 15.25
C LEU A 173 21.90 4.76 14.97
N ALA A 174 23.15 4.42 14.67
CA ALA A 174 24.14 5.44 14.38
C ALA A 174 23.85 6.20 13.09
N LYS A 175 23.07 5.62 12.18
CA LYS A 175 22.70 6.33 10.96
C LYS A 175 21.83 7.54 11.29
N ASP A 176 20.81 7.34 12.13
CA ASP A 176 19.92 8.45 12.48
C ASP A 176 20.62 9.47 13.37
N LEU A 177 21.49 9.01 14.28
CA LEU A 177 22.18 9.93 15.18
C LEU A 177 23.06 10.89 14.41
N ALA A 178 23.67 10.43 13.31
CA ALA A 178 24.57 11.25 12.53
C ALA A 178 23.87 12.07 11.45
N GLU A 179 22.63 11.71 11.10
CA GLU A 179 21.90 12.39 10.03
C GLU A 179 20.88 13.39 10.55
N ASN A 180 20.62 13.45 11.85
CA ASN A 180 19.77 14.48 12.41
C ASN A 180 20.57 15.56 13.11
N ASN A 181 21.59 15.20 13.88
CA ASN A 181 22.37 16.16 14.64
C ASN A 181 23.55 16.60 13.78
N ALA A 182 23.54 17.85 13.35
CA ALA A 182 24.58 18.35 12.44
C ALA A 182 25.93 18.40 13.13
N GLY A 183 26.96 17.98 12.40
CA GLY A 183 28.30 17.92 12.94
C GLY A 183 28.55 16.80 13.91
N ALA A 184 27.59 15.91 14.12
CA ALA A 184 27.74 14.82 15.08
C ALA A 184 28.62 13.72 14.50
N ARG A 185 29.47 13.16 15.36
CA ARG A 185 30.35 12.05 15.01
C ARG A 185 30.17 10.96 16.05
N VAL A 186 29.56 9.85 15.66
CA VAL A 186 29.12 8.81 16.58
C VAL A 186 30.16 7.70 16.60
N LEU A 187 30.72 7.44 17.77
CA LEU A 187 31.55 6.26 17.98
C LEU A 187 30.67 5.11 18.46
N VAL A 188 30.80 3.96 17.81
CA VAL A 188 29.98 2.80 18.11
C VAL A 188 30.90 1.62 18.41
N VAL A 189 30.74 1.03 19.60
CA VAL A 189 31.61 -0.04 20.07
C VAL A 189 30.76 -1.28 20.34
N CYS A 190 31.17 -2.41 19.75
CA CYS A 190 30.55 -3.71 19.98
C CYS A 190 31.62 -4.62 20.57
N SER A 191 31.49 -4.95 21.85
CA SER A 191 32.52 -5.67 22.59
C SER A 191 31.91 -6.95 23.17
N GLU A 192 32.24 -8.08 22.57
CA GLU A 192 31.64 -9.36 22.94
C GLU A 192 32.71 -10.28 23.50
N ILE A 193 32.67 -10.48 24.82
CA ILE A 193 33.52 -11.46 25.50
C ILE A 193 32.60 -12.62 25.83
N THR A 194 32.46 -13.53 24.87
CA THR A 194 31.49 -14.63 24.99
C THR A 194 32.04 -15.76 25.85
N THR A 195 32.30 -15.43 27.11
CA THR A 195 32.50 -16.44 28.15
C THR A 195 31.20 -16.86 28.81
N ALA A 196 30.11 -16.12 28.57
CA ALA A 196 28.82 -16.41 29.16
C ALA A 196 28.33 -17.83 28.86
N VAL A 197 28.98 -18.54 27.94
CA VAL A 197 28.49 -19.83 27.48
C VAL A 197 29.34 -20.99 28.01
N ASN A 198 30.59 -20.75 28.41
CA ASN A 198 31.45 -21.83 28.87
C ASN A 198 30.83 -22.59 30.02
N PHE A 199 30.10 -23.65 29.70
CA PHE A 199 29.47 -24.54 30.67
C PHE A 199 30.26 -25.83 30.73
N ARG A 200 30.05 -26.56 31.83
CA ARG A 200 30.65 -27.88 31.96
C ARG A 200 30.09 -28.81 30.88
N GLY A 201 31.00 -29.56 30.25
CA GLY A 201 30.64 -30.51 29.22
C GLY A 201 29.56 -31.48 29.63
N PRO A 202 29.72 -32.11 30.81
CA PRO A 202 28.66 -32.98 31.36
C PRO A 202 27.25 -32.44 31.19
N SER A 203 26.70 -32.62 29.99
CA SER A 203 25.28 -32.39 29.77
C SER A 203 24.88 -33.19 28.54
N ASP A 204 24.34 -34.39 28.76
CA ASP A 204 23.60 -35.06 27.71
C ASP A 204 22.25 -34.42 27.48
N THR A 205 21.81 -33.54 28.39
CA THR A 205 20.55 -32.82 28.25
C THR A 205 20.72 -31.47 27.56
N HIS A 206 21.87 -31.20 26.94
CA HIS A 206 22.14 -29.89 26.37
C HIS A 206 23.28 -29.97 25.35
N LEU A 207 22.98 -30.50 24.16
CA LEU A 207 23.97 -30.59 23.10
C LEU A 207 24.20 -29.28 22.39
N ASP A 208 23.28 -28.32 22.51
CA ASP A 208 23.39 -27.08 21.76
C ASP A 208 24.51 -26.21 22.29
N LEU A 209 24.88 -26.35 23.57
CA LEU A 209 26.00 -25.58 24.07
C LEU A 209 27.31 -26.02 23.43
N LEU A 210 27.42 -27.30 23.07
CA LEU A 210 28.63 -27.79 22.42
C LEU A 210 28.89 -27.01 21.14
N VAL A 211 27.91 -26.95 20.26
CA VAL A 211 28.04 -26.24 19.00
C VAL A 211 27.85 -24.74 19.23
N GLY A 212 27.67 -24.35 20.49
CA GLY A 212 27.77 -22.94 20.84
C GLY A 212 29.13 -22.60 21.42
N LEU A 213 29.83 -23.64 21.89
CA LEU A 213 31.16 -23.49 22.45
C LEU A 213 32.27 -23.79 21.44
N ALA A 214 31.94 -24.41 20.32
CA ALA A 214 32.94 -24.72 19.30
C ALA A 214 33.08 -23.63 18.25
N LEU A 215 32.29 -22.57 18.36
CA LEU A 215 32.30 -21.47 17.39
C LEU A 215 32.69 -20.14 18.00
N PHE A 216 32.13 -19.79 19.16
CA PHE A 216 32.15 -18.43 19.65
C PHE A 216 33.50 -18.05 20.26
N GLY A 217 33.95 -16.84 19.95
CA GLY A 217 35.17 -16.29 20.53
C GLY A 217 34.95 -14.86 20.97
N ASP A 218 36.03 -14.25 21.45
CA ASP A 218 35.98 -12.90 22.01
C ASP A 218 36.62 -11.90 21.08
N GLY A 219 36.06 -10.69 21.04
CA GLY A 219 36.57 -9.63 20.19
C GLY A 219 35.71 -8.39 20.32
N ALA A 220 36.29 -7.26 19.93
CA ALA A 220 35.62 -5.97 20.00
C ALA A 220 35.99 -5.12 18.80
N ALA A 221 35.01 -4.38 18.29
CA ALA A 221 35.19 -3.53 17.13
C ALA A 221 34.51 -2.20 17.38
N ALA A 222 35.02 -1.15 16.74
CA ALA A 222 34.51 0.18 16.98
C ALA A 222 34.64 0.99 15.70
N VAL A 223 33.59 1.74 15.38
CA VAL A 223 33.58 2.56 14.18
C VAL A 223 33.21 3.99 14.55
N ILE A 224 33.78 4.94 13.80
CA ILE A 224 33.34 6.33 13.81
C ILE A 224 32.45 6.54 12.60
N VAL A 225 31.24 7.02 12.83
CA VAL A 225 30.25 7.22 11.78
C VAL A 225 29.69 8.62 11.91
N GLY A 226 29.59 9.33 10.79
CA GLY A 226 29.04 10.67 10.78
C GLY A 226 28.70 11.09 9.37
N ALA A 227 27.78 12.04 9.28
CA ALA A 227 27.32 12.58 8.01
C ALA A 227 28.03 13.89 7.68
N ASP A 228 28.01 14.25 6.40
CA ASP A 228 28.75 15.38 5.88
C ASP A 228 30.21 15.36 6.33
N PRO A 229 30.96 14.31 6.00
CA PRO A 229 32.36 14.25 6.41
C PRO A 229 33.15 15.31 5.65
N ASP A 230 33.94 16.09 6.39
CA ASP A 230 34.76 17.10 5.76
C ASP A 230 35.84 16.42 4.92
N PRO A 231 35.79 16.51 3.59
CA PRO A 231 36.74 15.75 2.77
C PRO A 231 38.19 16.18 2.97
N THR A 232 38.42 17.23 3.76
CA THR A 232 39.77 17.63 4.11
C THR A 232 40.18 17.24 5.52
N LEU A 233 39.24 16.79 6.35
CA LEU A 233 39.56 16.28 7.67
C LEU A 233 39.31 14.78 7.81
N GLU A 234 38.34 14.25 7.07
CA GLU A 234 37.91 12.87 7.20
C GLU A 234 37.99 12.17 5.85
N ARG A 235 38.01 10.84 5.92
CA ARG A 235 37.99 10.00 4.72
C ARG A 235 36.82 9.04 4.84
N PRO A 236 35.79 9.16 4.01
CA PRO A 236 34.68 8.21 4.09
C PRO A 236 35.07 6.85 3.54
N LEU A 237 34.46 5.82 4.10
CA LEU A 237 34.70 4.44 3.65
C LEU A 237 33.45 3.81 3.09
N PHE A 238 32.34 3.87 3.82
CA PHE A 238 31.07 3.32 3.38
C PHE A 238 29.97 4.29 3.77
N GLN A 239 28.94 4.39 2.94
CA GLN A 239 27.76 5.19 3.22
C GLN A 239 26.65 4.26 3.69
N ILE A 240 26.24 4.41 4.94
CA ILE A 240 25.12 3.61 5.45
C ILE A 240 23.83 4.12 4.84
N VAL A 241 23.36 3.43 3.80
CA VAL A 241 22.24 3.95 3.02
C VAL A 241 20.91 3.62 3.69
N SER A 242 20.74 2.38 4.16
CA SER A 242 19.47 1.97 4.73
C SER A 242 19.71 0.98 5.85
N GLY A 243 18.74 0.91 6.76
CA GLY A 243 18.79 -0.04 7.85
C GLY A 243 17.42 -0.59 8.19
N ALA A 244 17.29 -1.92 8.24
CA ALA A 244 16.01 -2.56 8.46
C ALA A 244 16.14 -3.68 9.48
N GLN A 245 15.03 -3.97 10.15
CA GLN A 245 14.95 -5.05 11.12
C GLN A 245 13.59 -5.72 10.98
N THR A 246 13.57 -7.05 11.04
CA THR A 246 12.33 -7.77 10.87
C THR A 246 12.42 -9.14 11.53
N ILE A 247 11.26 -9.64 11.95
CA ILE A 247 11.14 -10.96 12.56
C ILE A 247 10.64 -11.92 11.49
N LEU A 248 11.35 -13.03 11.32
CA LEU A 248 11.03 -13.98 10.27
C LEU A 248 9.75 -14.77 10.60
N PRO A 249 8.95 -15.10 9.58
CA PRO A 249 7.73 -15.86 9.84
C PRO A 249 8.04 -17.26 10.33
N ASP A 250 7.24 -17.72 11.29
CA ASP A 250 7.37 -19.06 11.87
C ASP A 250 8.79 -19.28 12.42
N SER A 251 9.14 -18.44 13.40
CA SER A 251 10.44 -18.53 14.06
C SER A 251 10.31 -18.45 15.58
N GLU A 252 9.17 -18.84 16.14
CA GLU A 252 8.94 -18.72 17.57
C GLU A 252 9.96 -19.56 18.34
N GLY A 253 10.77 -18.89 19.17
CA GLY A 253 11.74 -19.58 20.00
C GLY A 253 12.92 -20.15 19.26
N ALA A 254 13.29 -19.56 18.12
CA ALA A 254 14.42 -20.07 17.37
C ALA A 254 15.71 -19.98 18.18
N ILE A 255 15.92 -18.87 18.87
CA ILE A 255 17.07 -18.70 19.75
C ILE A 255 16.55 -18.09 21.05
N ASN A 256 16.62 -18.86 22.13
CA ASN A 256 16.09 -18.45 23.43
C ASN A 256 17.23 -18.45 24.43
N GLY A 257 17.56 -17.27 24.95
CA GLY A 257 18.60 -17.15 25.96
C GLY A 257 18.07 -16.53 27.23
N HIS A 258 17.89 -17.33 28.27
CA HIS A 258 17.39 -16.87 29.55
C HIS A 258 18.54 -16.63 30.51
N LEU A 259 18.39 -15.61 31.36
CA LEU A 259 19.41 -15.24 32.34
C LEU A 259 19.03 -15.82 33.68
N ARG A 260 19.77 -16.83 34.12
CA ARG A 260 19.51 -17.54 35.37
C ARG A 260 20.71 -17.42 36.30
N GLU A 261 20.53 -17.88 37.54
CA GLU A 261 21.60 -17.88 38.53
C GLU A 261 22.80 -18.71 38.11
N VAL A 262 22.64 -19.56 37.09
CA VAL A 262 23.72 -20.36 36.56
C VAL A 262 24.24 -19.81 35.23
N GLY A 263 23.86 -18.59 34.87
CA GLY A 263 24.34 -17.97 33.65
C GLY A 263 23.25 -17.76 32.63
N LEU A 264 23.66 -17.55 31.37
CA LEU A 264 22.72 -17.41 30.27
C LEU A 264 22.55 -18.77 29.61
N THR A 265 21.37 -19.38 29.80
CA THR A 265 21.08 -20.69 29.22
C THR A 265 20.41 -20.48 27.87
N ILE A 266 21.08 -20.90 26.80
CA ILE A 266 20.56 -20.75 25.44
C ILE A 266 20.21 -22.12 24.89
N ARG A 267 18.98 -22.26 24.38
CA ARG A 267 18.52 -23.48 23.73
C ARG A 267 17.86 -23.13 22.41
N LEU A 268 18.02 -24.02 21.42
CA LEU A 268 17.53 -23.78 20.07
C LEU A 268 16.36 -24.72 19.76
N LEU A 269 15.32 -24.16 19.17
CA LEU A 269 14.13 -24.92 18.79
C LEU A 269 13.98 -25.10 17.28
N LYS A 270 14.47 -24.15 16.48
CA LYS A 270 14.29 -24.18 15.05
C LYS A 270 15.64 -24.10 14.34
N ASP A 271 15.72 -24.74 13.18
CA ASP A 271 16.94 -24.75 12.39
C ASP A 271 17.15 -23.38 11.77
N VAL A 272 18.11 -22.64 12.29
CA VAL A 272 18.36 -21.27 11.86
C VAL A 272 19.13 -21.17 10.55
N PRO A 273 19.83 -22.21 10.05
CA PRO A 273 20.33 -22.11 8.66
C PRO A 273 19.19 -22.10 7.65
N GLY A 274 18.27 -23.05 7.79
CA GLY A 274 17.09 -23.07 6.94
C GLY A 274 16.10 -21.98 7.24
N LEU A 275 16.20 -21.35 8.40
CA LEU A 275 15.41 -20.16 8.69
C LEU A 275 15.95 -18.95 7.95
N VAL A 276 17.28 -18.86 7.83
CA VAL A 276 17.87 -17.74 7.12
C VAL A 276 17.77 -17.94 5.62
N SER A 277 17.95 -19.17 5.14
CA SER A 277 17.93 -19.41 3.70
C SER A 277 16.56 -19.08 3.10
N MET A 278 15.48 -19.61 3.68
CA MET A 278 14.15 -19.42 3.13
C MET A 278 13.64 -17.99 3.24
N ASN A 279 14.39 -17.09 3.90
CA ASN A 279 13.95 -15.73 4.07
C ASN A 279 14.96 -14.68 3.61
N ILE A 280 16.18 -15.08 3.23
CA ILE A 280 17.19 -14.08 2.91
C ILE A 280 16.88 -13.40 1.58
N GLU A 281 16.21 -14.07 0.66
CA GLU A 281 15.93 -13.47 -0.64
C GLU A 281 14.90 -12.36 -0.51
N LYS A 282 13.92 -12.52 0.39
CA LYS A 282 12.92 -11.49 0.56
C LYS A 282 13.53 -10.22 1.17
N CYS A 283 14.49 -10.38 2.09
CA CYS A 283 15.13 -9.23 2.71
C CYS A 283 15.98 -8.46 1.70
N LEU A 284 16.72 -9.17 0.86
CA LEU A 284 17.55 -8.51 -0.14
C LEU A 284 16.71 -7.83 -1.21
N MET A 285 15.60 -8.47 -1.61
CA MET A 285 14.69 -7.85 -2.58
C MET A 285 14.13 -6.54 -2.05
N GLU A 286 13.64 -6.55 -0.81
CA GLU A 286 13.09 -5.33 -0.22
C GLU A 286 14.17 -4.26 -0.01
N ALA A 287 15.38 -4.68 0.33
CA ALA A 287 16.41 -3.70 0.68
C ALA A 287 16.95 -2.99 -0.55
N PHE A 288 17.07 -3.70 -1.68
CA PHE A 288 17.66 -3.15 -2.89
C PHE A 288 16.61 -2.75 -3.93
N ALA A 289 15.32 -2.84 -3.58
CA ALA A 289 14.29 -2.41 -4.52
C ALA A 289 14.38 -0.93 -4.89
N PRO A 290 14.68 0.03 -3.98
CA PRO A 290 14.75 1.44 -4.40
C PRO A 290 15.88 1.73 -5.38
N MET A 291 16.71 0.74 -5.67
CA MET A 291 17.81 0.90 -6.62
C MET A 291 17.76 -0.12 -7.75
N GLY A 292 16.69 -0.92 -7.84
CA GLY A 292 16.54 -1.84 -8.95
C GLY A 292 17.63 -2.88 -9.08
N ILE A 293 18.15 -3.37 -7.96
CA ILE A 293 19.24 -4.34 -7.95
C ILE A 293 18.67 -5.71 -7.60
N HIS A 294 18.89 -6.70 -8.48
CA HIS A 294 18.41 -8.05 -8.27
C HIS A 294 19.50 -9.11 -8.42
N ASP A 295 20.66 -8.77 -8.96
CA ASP A 295 21.80 -9.69 -8.98
C ASP A 295 22.53 -9.60 -7.65
N TRP A 296 22.48 -10.67 -6.86
CA TRP A 296 23.17 -10.69 -5.58
C TRP A 296 24.66 -10.99 -5.70
N ASN A 297 25.15 -11.21 -6.93
CA ASN A 297 26.58 -11.17 -7.21
C ASN A 297 27.07 -9.79 -7.61
N SER A 298 26.15 -8.88 -7.96
CA SER A 298 26.47 -7.48 -8.21
C SER A 298 26.76 -6.70 -6.94
N ILE A 299 26.74 -7.36 -5.79
CA ILE A 299 26.73 -6.72 -4.48
C ILE A 299 27.86 -7.31 -3.65
N PHE A 300 28.52 -6.49 -2.84
CA PHE A 300 29.49 -7.06 -1.92
C PHE A 300 28.79 -7.48 -0.64
N TRP A 301 29.31 -8.53 -0.01
CA TRP A 301 28.58 -9.30 0.97
C TRP A 301 29.26 -9.25 2.33
N ILE A 302 28.49 -8.90 3.36
CA ILE A 302 28.88 -9.07 4.75
C ILE A 302 27.71 -9.76 5.46
N ALA A 303 27.87 -11.03 5.78
CA ALA A 303 26.86 -11.79 6.50
C ALA A 303 27.42 -12.20 7.84
N HIS A 304 26.59 -12.16 8.87
CA HIS A 304 27.03 -12.53 10.20
C HIS A 304 27.43 -14.00 10.21
N PRO A 305 28.68 -14.33 10.53
CA PRO A 305 29.11 -15.74 10.53
C PRO A 305 28.61 -16.49 11.76
N GLY A 306 27.32 -16.83 11.75
CA GLY A 306 26.80 -17.68 12.81
C GLY A 306 27.48 -19.04 12.83
N GLY A 307 27.80 -19.56 11.65
CA GLY A 307 28.53 -20.80 11.50
C GLY A 307 28.89 -21.03 10.05
N PRO A 308 29.46 -22.19 9.75
CA PRO A 308 29.78 -22.51 8.35
C PRO A 308 28.55 -22.86 7.54
N THR A 309 27.57 -23.50 8.19
CA THR A 309 26.42 -24.02 7.45
C THR A 309 25.44 -22.91 7.08
N ILE A 310 25.22 -21.95 7.98
CA ILE A 310 24.32 -20.85 7.69
C ILE A 310 24.81 -20.08 6.46
N LEU A 311 26.13 -19.92 6.33
CA LEU A 311 26.69 -19.29 5.14
C LEU A 311 26.60 -20.23 3.94
N ASP A 312 26.88 -21.51 4.14
CA ASP A 312 26.80 -22.47 3.05
C ASP A 312 25.40 -22.50 2.44
N GLN A 313 24.36 -22.47 3.29
CA GLN A 313 23.00 -22.58 2.78
C GLN A 313 22.54 -21.30 2.10
N VAL A 314 22.97 -20.14 2.61
CA VAL A 314 22.65 -18.89 1.93
C VAL A 314 23.31 -18.85 0.57
N GLU A 315 24.56 -19.32 0.49
CA GLU A 315 25.27 -19.35 -0.78
C GLU A 315 24.65 -20.34 -1.76
N ALA A 316 24.10 -21.44 -1.24
CA ALA A 316 23.46 -22.44 -2.10
C ALA A 316 22.11 -21.96 -2.61
N LYS A 317 21.27 -21.42 -1.73
CA LYS A 317 19.92 -21.04 -2.13
C LYS A 317 19.92 -19.85 -3.08
N LEU A 318 20.78 -18.86 -2.82
CA LEU A 318 20.83 -17.68 -3.68
C LEU A 318 21.70 -17.87 -4.90
N GLY A 319 22.46 -18.96 -4.98
CA GLY A 319 23.33 -19.20 -6.12
C GLY A 319 24.42 -18.17 -6.27
N LEU A 320 25.19 -17.95 -5.21
CA LEU A 320 26.27 -16.98 -5.23
C LEU A 320 27.60 -17.64 -5.59
N LYS A 321 28.53 -16.82 -6.06
CA LYS A 321 29.88 -17.29 -6.29
C LYS A 321 30.62 -17.42 -4.95
N GLU A 322 31.69 -18.20 -4.96
CA GLU A 322 32.39 -18.48 -3.71
C GLU A 322 33.15 -17.28 -3.18
N GLU A 323 33.39 -16.26 -4.02
CA GLU A 323 34.13 -15.09 -3.56
C GLU A 323 33.31 -14.17 -2.66
N LYS A 324 31.99 -14.27 -2.69
CA LYS A 324 31.14 -13.31 -1.98
C LYS A 324 31.33 -13.39 -0.47
N LEU A 325 31.43 -14.60 0.07
CA LEU A 325 31.61 -14.79 1.50
C LEU A 325 33.07 -15.03 1.87
N LYS A 326 34.01 -14.59 1.04
CA LYS A 326 35.42 -14.85 1.32
C LYS A 326 35.86 -14.16 2.60
N SER A 327 35.60 -12.86 2.72
CA SER A 327 35.99 -12.14 3.93
C SER A 327 35.15 -12.56 5.13
N THR A 328 33.86 -12.84 4.93
CA THR A 328 33.02 -13.33 6.03
C THR A 328 33.55 -14.65 6.57
N ARG A 329 33.85 -15.59 5.68
CA ARG A 329 34.39 -16.87 6.12
C ARG A 329 35.83 -16.74 6.60
N ALA A 330 36.55 -15.71 6.17
CA ALA A 330 37.91 -15.48 6.66
C ALA A 330 37.90 -14.93 8.08
N VAL A 331 36.95 -14.06 8.40
CA VAL A 331 36.79 -13.61 9.78
C VAL A 331 36.32 -14.77 10.65
N LEU A 332 35.44 -15.61 10.12
CA LEU A 332 35.01 -16.80 10.84
C LEU A 332 36.15 -17.79 10.99
N ARG A 333 37.08 -17.82 10.04
CA ARG A 333 38.15 -18.82 10.08
C ARG A 333 39.19 -18.51 11.15
N GLU A 334 39.61 -17.24 11.25
CA GLU A 334 40.69 -16.84 12.15
C GLU A 334 40.21 -16.22 13.45
N TYR A 335 38.92 -15.90 13.56
CA TYR A 335 38.34 -15.36 14.79
C TYR A 335 37.15 -16.15 15.32
N GLY A 336 36.49 -16.94 14.49
CA GLY A 336 35.30 -17.60 14.99
C GLY A 336 34.15 -16.61 15.03
N ASN A 337 33.06 -17.05 15.66
CA ASN A 337 31.91 -16.19 15.88
C ASN A 337 32.18 -15.30 17.08
N MET A 338 32.07 -13.98 16.87
CA MET A 338 32.23 -13.02 17.96
C MET A 338 30.96 -12.21 18.19
N SER A 339 29.81 -12.75 17.77
CA SER A 339 28.51 -12.10 17.94
C SER A 339 28.45 -10.80 17.14
N SER A 340 27.97 -9.73 17.78
CA SER A 340 27.68 -8.51 17.03
C SER A 340 28.92 -7.87 16.44
N ALA A 341 30.12 -8.13 16.98
CA ALA A 341 31.32 -7.49 16.48
C ALA A 341 31.86 -8.12 15.20
N CYS A 342 31.33 -9.28 14.82
CA CYS A 342 31.89 -10.01 13.69
C CYS A 342 31.69 -9.25 12.38
N VAL A 343 30.48 -8.75 12.13
CA VAL A 343 30.22 -8.05 10.88
C VAL A 343 31.11 -6.82 10.76
N LEU A 344 31.36 -6.13 11.87
CA LEU A 344 32.31 -5.02 11.85
C LEU A 344 33.74 -5.52 11.72
N PHE A 345 34.05 -6.67 12.32
CA PHE A 345 35.32 -7.34 12.01
C PHE A 345 35.41 -7.68 10.53
N ILE A 346 34.28 -8.03 9.91
CA ILE A 346 34.28 -8.29 8.48
C ILE A 346 34.39 -6.98 7.72
N LEU A 347 33.75 -5.92 8.23
CA LEU A 347 33.83 -4.62 7.58
C LEU A 347 35.27 -4.15 7.45
N ASP A 348 36.07 -4.33 8.51
CA ASP A 348 37.48 -4.00 8.43
C ASP A 348 38.18 -4.86 7.38
N GLU A 349 37.78 -6.13 7.26
CA GLU A 349 38.49 -7.04 6.36
C GLU A 349 38.23 -6.69 4.90
N VAL A 350 37.01 -6.28 4.55
CA VAL A 350 36.70 -6.01 3.16
C VAL A 350 37.49 -4.82 2.66
N ARG A 351 37.65 -3.78 3.48
CA ARG A 351 38.42 -2.63 3.06
C ARG A 351 39.91 -2.93 3.01
N LYS A 352 40.39 -3.87 3.84
CA LYS A 352 41.77 -4.29 3.75
C LYS A 352 41.99 -5.14 2.50
N ARG A 353 41.09 -6.09 2.25
CA ARG A 353 41.22 -6.93 1.06
C ARG A 353 41.04 -6.12 -0.21
N SER A 354 40.16 -5.10 -0.18
CA SER A 354 39.88 -4.34 -1.40
C SER A 354 41.02 -3.39 -1.74
N MET A 355 41.91 -3.11 -0.79
CA MET A 355 43.14 -2.38 -1.11
C MET A 355 44.33 -3.31 -1.21
N GLU A 356 44.23 -4.51 -0.65
CA GLU A 356 45.19 -5.57 -0.98
C GLU A 356 45.31 -5.78 -2.49
N GLU A 357 44.17 -5.81 -3.19
CA GLU A 357 44.13 -6.18 -4.59
C GLU A 357 43.83 -4.99 -5.51
N GLY A 358 43.75 -3.79 -4.96
CA GLY A 358 43.51 -2.60 -5.75
C GLY A 358 42.21 -2.63 -6.51
N LYS A 359 41.13 -3.04 -5.84
CA LYS A 359 39.83 -3.06 -6.49
C LYS A 359 39.33 -1.65 -6.76
N THR A 360 38.19 -1.56 -7.44
CA THR A 360 37.67 -0.25 -7.82
C THR A 360 37.13 0.51 -6.62
N THR A 361 36.66 -0.19 -5.59
CA THR A 361 35.96 0.40 -4.46
C THR A 361 36.62 -0.01 -3.15
N THR A 362 35.94 0.29 -2.04
CA THR A 362 36.25 -0.25 -0.73
C THR A 362 35.43 -1.50 -0.42
N GLY A 363 34.57 -1.92 -1.34
CA GLY A 363 33.82 -3.15 -1.20
C GLY A 363 34.11 -4.11 -2.32
N GLU A 364 35.39 -4.48 -2.48
CA GLU A 364 35.83 -5.49 -3.44
C GLU A 364 35.40 -5.15 -4.87
N GLY A 365 35.49 -3.87 -5.23
CA GLY A 365 35.15 -3.46 -6.57
C GLY A 365 33.67 -3.43 -6.87
N PHE A 366 32.84 -3.16 -5.87
CA PHE A 366 31.39 -3.13 -6.04
C PHE A 366 30.82 -1.83 -5.48
N ASP A 367 29.76 -1.34 -6.11
CA ASP A 367 29.15 -0.09 -5.69
C ASP A 367 28.32 -0.28 -4.42
N TRP A 368 27.40 -1.24 -4.44
CA TRP A 368 26.47 -1.45 -3.33
C TRP A 368 26.83 -2.73 -2.59
N GLY A 369 26.49 -2.76 -1.31
CA GLY A 369 26.81 -3.90 -0.46
C GLY A 369 25.79 -4.05 0.63
N VAL A 370 25.78 -5.25 1.23
CA VAL A 370 24.81 -5.60 2.26
C VAL A 370 25.53 -6.14 3.48
N LEU A 371 25.03 -5.77 4.66
CA LEU A 371 25.51 -6.27 5.93
C LEU A 371 24.36 -6.92 6.66
N PHE A 372 24.56 -8.13 7.15
CA PHE A 372 23.49 -8.95 7.71
C PHE A 372 23.78 -9.28 9.16
N GLY A 373 22.81 -9.03 10.02
CA GLY A 373 22.87 -9.48 11.39
C GLY A 373 21.73 -10.41 11.70
N PHE A 374 22.04 -11.67 12.00
CA PHE A 374 21.06 -12.68 12.37
C PHE A 374 21.13 -12.94 13.86
N GLY A 375 19.97 -13.12 14.49
CA GLY A 375 19.95 -13.35 15.92
C GLY A 375 18.60 -13.74 16.50
N PRO A 376 18.50 -13.63 17.83
CA PRO A 376 17.28 -14.06 18.52
C PRO A 376 16.06 -13.30 18.04
N GLY A 377 14.98 -14.04 17.82
CA GLY A 377 13.75 -13.47 17.29
C GLY A 377 12.83 -14.50 16.66
N PHE A 378 13.20 -15.06 15.51
CA PHE A 378 14.45 -14.77 14.82
C PHE A 378 14.44 -13.40 14.15
N THR A 379 15.44 -12.58 14.46
CA THR A 379 15.55 -11.23 13.94
C THR A 379 16.72 -11.14 12.97
N VAL A 380 16.46 -10.60 11.78
CA VAL A 380 17.49 -10.36 10.77
C VAL A 380 17.57 -8.87 10.51
N GLU A 381 18.78 -8.32 10.54
CA GLU A 381 19.04 -6.90 10.29
C GLU A 381 19.75 -6.77 8.95
N THR A 382 19.16 -6.00 8.04
CA THR A 382 19.69 -5.83 6.69
C THR A 382 20.10 -4.37 6.52
N VAL A 383 21.40 -4.12 6.40
CA VAL A 383 21.95 -2.78 6.27
C VAL A 383 22.61 -2.66 4.90
N VAL A 384 22.07 -1.78 4.06
CA VAL A 384 22.63 -1.53 2.73
C VAL A 384 23.72 -0.47 2.86
N LEU A 385 24.91 -0.78 2.32
CA LEU A 385 26.03 0.14 2.33
C LEU A 385 26.45 0.46 0.90
N HIS A 386 27.03 1.64 0.73
CA HIS A 386 27.58 2.08 -0.55
C HIS A 386 29.07 2.32 -0.37
N SER A 387 29.88 1.75 -1.25
CA SER A 387 31.32 1.90 -1.16
C SER A 387 31.75 3.29 -1.63
N MET A 388 32.95 3.69 -1.22
CA MET A 388 33.51 4.97 -1.62
C MET A 388 34.72 4.75 -2.53
N PRO A 389 35.00 5.70 -3.42
CA PRO A 389 36.07 5.47 -4.42
C PRO A 389 37.44 5.34 -3.77
N ILE A 390 38.29 4.55 -4.42
CA ILE A 390 39.68 4.38 -4.01
C ILE A 390 40.58 4.63 -5.21
N PRO A 391 41.69 5.36 -5.05
CA PRO A 391 42.66 5.58 -6.13
C PRO A 391 43.86 4.64 -6.05
N ALA B 10 13.62 15.24 0.43
CA ALA B 10 12.70 14.11 0.59
C ALA B 10 13.31 13.01 1.44
N GLN B 11 12.65 11.85 1.44
CA GLN B 11 13.12 10.64 2.11
C GLN B 11 13.09 10.76 3.63
N ARG B 12 13.12 11.98 4.15
CA ARG B 12 13.18 12.23 5.59
C ARG B 12 12.15 13.28 5.96
N ALA B 13 11.93 13.41 7.27
CA ALA B 13 10.83 14.24 7.77
C ALA B 13 11.17 15.73 7.59
N LYS B 14 10.19 16.56 7.92
CA LYS B 14 10.29 18.01 7.78
C LYS B 14 10.54 18.69 9.12
N GLY B 15 9.57 18.63 10.03
CA GLY B 15 9.63 19.38 11.26
C GLY B 15 10.06 18.56 12.45
N PRO B 16 9.82 19.08 13.65
CA PRO B 16 10.33 18.42 14.85
C PRO B 16 9.49 17.20 15.23
N ALA B 17 10.09 16.36 16.06
CA ALA B 17 9.34 15.26 16.65
C ALA B 17 8.27 15.81 17.58
N THR B 18 7.11 15.16 17.60
CA THR B 18 5.98 15.59 18.40
C THR B 18 5.38 14.38 19.09
N VAL B 19 5.02 14.54 20.35
CA VAL B 19 4.30 13.49 21.06
C VAL B 19 2.81 13.63 20.75
N LEU B 20 2.20 12.54 20.30
CA LEU B 20 0.83 12.56 19.80
C LEU B 20 -0.16 11.87 20.71
N ALA B 21 0.30 11.13 21.72
CA ALA B 21 -0.58 10.42 22.63
C ALA B 21 0.24 9.90 23.80
N ILE B 22 -0.33 9.92 24.99
CA ILE B 22 0.33 9.42 26.20
C ILE B 22 -0.67 8.54 26.94
N GLY B 23 -0.32 7.28 27.13
CA GLY B 23 -1.15 6.34 27.86
C GLY B 23 -0.39 5.80 29.05
N THR B 24 -1.11 5.59 30.15
CA THR B 24 -0.56 5.09 31.40
C THR B 24 -1.32 3.85 31.84
N ALA B 25 -0.63 2.97 32.58
CA ALA B 25 -1.22 1.73 33.03
C ALA B 25 -0.53 1.28 34.31
N THR B 26 -1.32 0.77 35.24
CA THR B 26 -0.84 0.27 36.54
C THR B 26 -1.46 -1.08 36.83
N PRO B 27 -0.94 -1.80 37.81
CA PRO B 27 -1.60 -3.03 38.26
C PRO B 27 -2.80 -2.72 39.12
N ALA B 28 -3.54 -3.79 39.45
CA ALA B 28 -4.77 -3.64 40.22
C ALA B 28 -4.49 -3.41 41.70
N ASN B 29 -3.39 -3.94 42.21
CA ASN B 29 -3.10 -3.87 43.63
C ASN B 29 -2.76 -2.43 44.02
N VAL B 30 -3.63 -1.80 44.80
CA VAL B 30 -3.36 -0.50 45.40
C VAL B 30 -2.89 -0.74 46.82
N VAL B 31 -1.74 -0.18 47.18
CA VAL B 31 -1.13 -0.37 48.49
C VAL B 31 -0.90 1.01 49.09
N TYR B 32 -1.66 1.34 50.12
CA TYR B 32 -1.51 2.61 50.82
C TYR B 32 -0.22 2.60 51.64
N GLN B 33 0.44 3.75 51.70
CA GLN B 33 1.73 3.81 52.37
C GLN B 33 1.60 3.82 53.89
N THR B 34 0.53 4.41 54.42
CA THR B 34 0.35 4.43 55.87
C THR B 34 0.26 3.03 56.46
N ASP B 35 0.05 2.01 55.63
CA ASP B 35 0.03 0.61 56.06
C ASP B 35 1.26 -0.17 55.65
N TYR B 36 2.08 0.37 54.74
CA TYR B 36 3.17 -0.40 54.15
C TYR B 36 4.28 -0.77 55.13
N PRO B 37 4.63 0.07 56.12
CA PRO B 37 5.60 -0.38 57.13
C PRO B 37 5.16 -1.65 57.85
N ASP B 38 3.95 -1.66 58.39
CA ASP B 38 3.46 -2.84 59.10
C ASP B 38 3.41 -4.05 58.18
N TYR B 39 2.84 -3.88 56.99
CA TYR B 39 2.83 -4.95 56.00
C TYR B 39 4.24 -5.47 55.75
N TYR B 40 5.18 -4.55 55.48
CA TYR B 40 6.52 -4.94 55.06
C TYR B 40 7.27 -5.70 56.15
N PHE B 41 7.06 -5.36 57.42
CA PHE B 41 7.75 -6.05 58.51
C PHE B 41 6.99 -7.26 58.99
N ARG B 42 5.70 -7.39 58.65
CA ARG B 42 4.97 -8.62 58.90
C ARG B 42 5.28 -9.66 57.83
N VAL B 43 5.13 -9.28 56.55
CA VAL B 43 5.37 -10.20 55.45
C VAL B 43 6.78 -10.75 55.51
N THR B 44 7.77 -9.86 55.69
CA THR B 44 9.17 -10.26 55.81
C THR B 44 9.44 -11.03 57.10
N LYS B 45 8.50 -11.06 58.04
CA LYS B 45 8.69 -11.68 59.35
C LYS B 45 9.90 -11.08 60.05
N SER B 46 9.85 -9.75 60.20
CA SER B 46 10.92 -9.00 60.86
C SER B 46 10.35 -8.10 61.93
N GLU B 47 9.26 -8.52 62.58
CA GLU B 47 8.60 -7.69 63.58
C GLU B 47 9.48 -7.43 64.79
N HIS B 48 10.58 -8.17 64.96
CA HIS B 48 11.41 -8.01 66.14
C HIS B 48 12.39 -6.85 66.03
N MET B 49 12.72 -6.43 64.81
CA MET B 49 13.69 -5.34 64.60
C MET B 49 12.96 -4.01 64.64
N THR B 50 12.65 -3.57 65.85
CA THR B 50 11.90 -2.32 66.01
C THR B 50 12.72 -1.09 65.65
N LYS B 51 14.04 -1.21 65.53
CA LYS B 51 14.85 -0.06 65.13
C LYS B 51 14.63 0.27 63.65
N LEU B 52 14.83 -0.72 62.78
CA LEU B 52 14.55 -0.50 61.36
C LEU B 52 13.08 -0.21 61.11
N LYS B 53 12.18 -0.78 61.91
CA LYS B 53 10.76 -0.51 61.74
C LYS B 53 10.46 0.96 61.99
N ASN B 54 10.95 1.50 63.11
CA ASN B 54 10.80 2.94 63.37
C ASN B 54 11.45 3.77 62.26
N LYS B 55 12.60 3.31 61.77
CA LYS B 55 13.28 4.05 60.71
C LYS B 55 12.49 4.00 59.42
N PHE B 56 12.08 2.80 59.00
CA PHE B 56 11.32 2.67 57.76
C PHE B 56 9.97 3.37 57.84
N GLN B 57 9.38 3.42 59.03
CA GLN B 57 8.13 4.15 59.21
C GLN B 57 8.30 5.63 58.87
N ARG B 58 9.33 6.27 59.45
CA ARG B 58 9.56 7.69 59.20
C ARG B 58 9.92 7.94 57.74
N MET B 59 10.47 6.93 57.05
CA MET B 59 10.77 7.08 55.63
C MET B 59 9.48 7.22 54.83
N CYS B 60 8.54 6.30 55.03
CA CYS B 60 7.27 6.37 54.33
C CYS B 60 6.45 7.58 54.76
N ASP B 61 6.56 7.99 56.02
CA ASP B 61 5.82 9.15 56.49
C ASP B 61 6.25 10.43 55.78
N ARG B 62 7.55 10.55 55.47
CA ARG B 62 8.10 11.74 54.85
C ARG B 62 8.34 11.57 53.36
N SER B 63 7.81 10.52 52.74
CA SER B 63 7.97 10.30 51.31
C SER B 63 6.92 10.99 50.47
N THR B 64 5.97 11.69 51.09
CA THR B 64 4.87 12.38 50.42
C THR B 64 3.98 11.44 49.61
N ILE B 65 4.20 10.13 49.70
CA ILE B 65 3.46 9.16 48.90
C ILE B 65 2.21 8.75 49.68
N LYS B 66 1.09 8.67 48.97
CA LYS B 66 -0.17 8.23 49.54
C LYS B 66 -0.54 6.81 49.17
N LYS B 67 -0.36 6.45 47.90
CA LYS B 67 -0.63 5.09 47.45
C LYS B 67 0.37 4.72 46.36
N ARG B 68 0.54 3.42 46.18
CA ARG B 68 1.39 2.87 45.13
C ARG B 68 0.80 1.56 44.64
N TYR B 69 1.01 1.29 43.35
CA TYR B 69 0.52 0.07 42.72
C TYR B 69 1.68 -0.92 42.57
N MET B 70 1.45 -2.17 42.97
CA MET B 70 2.52 -3.16 43.03
C MET B 70 2.05 -4.50 42.47
N VAL B 71 2.82 -5.04 41.52
CA VAL B 71 2.59 -6.39 41.03
C VAL B 71 2.85 -7.40 42.14
N LEU B 72 3.86 -7.17 42.96
CA LEU B 72 4.22 -8.05 44.06
C LEU B 72 3.11 -8.08 45.09
N THR B 73 2.24 -9.07 45.00
CA THR B 73 1.20 -9.26 46.00
C THR B 73 1.72 -10.13 47.14
N GLU B 74 0.97 -10.16 48.24
CA GLU B 74 1.35 -11.06 49.33
C GLU B 74 1.38 -12.51 48.89
N GLU B 75 0.47 -12.90 47.98
CA GLU B 75 0.47 -14.26 47.48
C GLU B 75 1.71 -14.55 46.65
N LEU B 76 2.14 -13.59 45.83
CA LEU B 76 3.35 -13.79 45.03
C LEU B 76 4.58 -14.01 45.92
N LEU B 77 4.60 -13.41 47.10
CA LEU B 77 5.68 -13.66 48.04
C LEU B 77 5.53 -15.01 48.73
N GLU B 78 4.29 -15.49 48.91
CA GLU B 78 4.09 -16.82 49.48
C GLU B 78 4.62 -17.90 48.56
N LYS B 79 4.55 -17.68 47.24
CA LYS B 79 5.07 -18.62 46.27
C LYS B 79 6.53 -18.37 45.94
N ASN B 80 7.06 -17.19 46.26
CA ASN B 80 8.45 -16.83 46.02
C ASN B 80 9.06 -16.36 47.34
N LEU B 81 9.29 -17.30 48.24
CA LEU B 81 9.74 -17.00 49.59
C LEU B 81 11.19 -16.52 49.66
N SER B 82 12.00 -16.74 48.62
CA SER B 82 13.34 -16.19 48.64
C SER B 82 13.34 -14.68 48.51
N LEU B 83 12.22 -14.09 48.06
CA LEU B 83 12.06 -12.64 48.05
C LEU B 83 11.75 -12.09 49.44
N CYS B 84 11.37 -12.93 50.39
CA CYS B 84 11.30 -12.55 51.80
C CYS B 84 12.66 -12.64 52.46
N THR B 85 13.67 -12.93 51.66
CA THR B 85 15.06 -12.96 52.08
C THR B 85 15.84 -11.85 51.37
N TYR B 86 16.95 -11.51 52.01
CA TYR B 86 17.95 -10.50 51.65
C TYR B 86 19.00 -11.09 50.71
N MET B 87 20.06 -11.68 51.25
CA MET B 87 21.13 -12.22 50.41
C MET B 87 21.04 -13.75 50.29
N GLU B 88 19.86 -14.22 49.88
CA GLU B 88 19.69 -15.61 49.44
C GLU B 88 19.40 -15.63 47.95
N PRO B 89 19.76 -16.71 47.25
CA PRO B 89 19.59 -16.72 45.78
C PRO B 89 18.14 -16.47 45.41
N SER B 90 17.93 -15.45 44.57
CA SER B 90 16.57 -15.06 44.22
C SER B 90 16.43 -14.53 42.79
N LEU B 91 17.44 -14.65 41.94
CA LEU B 91 17.36 -14.05 40.61
C LEU B 91 16.27 -14.72 39.77
N ASP B 92 16.23 -16.06 39.77
CA ASP B 92 15.21 -16.77 39.01
C ASP B 92 13.82 -16.46 39.52
N ALA B 93 13.67 -16.24 40.84
CA ALA B 93 12.36 -15.94 41.38
C ALA B 93 11.85 -14.57 40.91
N ARG B 94 12.75 -13.62 40.72
CA ARG B 94 12.34 -12.30 40.21
C ARG B 94 12.13 -12.34 38.71
N GLN B 95 12.99 -13.04 37.99
CA GLN B 95 12.89 -13.05 36.53
C GLN B 95 11.71 -13.85 36.04
N ASP B 96 11.30 -14.90 36.76
CA ASP B 96 10.09 -15.63 36.42
C ASP B 96 8.85 -14.75 36.55
N ILE B 97 8.96 -13.60 37.21
CA ILE B 97 7.87 -12.63 37.27
C ILE B 97 8.09 -11.50 36.27
N LEU B 98 9.31 -11.01 36.17
CA LEU B 98 9.57 -9.79 35.41
C LEU B 98 9.48 -10.04 33.90
N VAL B 99 10.11 -11.11 33.41
CA VAL B 99 10.11 -11.36 31.97
C VAL B 99 8.71 -11.37 31.38
N PRO B 100 7.68 -11.97 32.02
CA PRO B 100 6.34 -11.86 31.46
C PRO B 100 5.59 -10.58 31.84
N GLU B 101 5.72 -10.16 33.09
CA GLU B 101 4.86 -9.09 33.61
C GLU B 101 5.21 -7.71 33.07
N VAL B 102 6.43 -7.50 32.58
CA VAL B 102 6.81 -6.17 32.10
C VAL B 102 6.18 -5.90 30.73
N PRO B 103 6.25 -6.82 29.75
CA PRO B 103 5.51 -6.58 28.50
C PRO B 103 4.00 -6.50 28.70
N LYS B 104 3.45 -7.22 29.66
CA LYS B 104 2.00 -7.20 29.87
C LYS B 104 1.53 -5.81 30.31
N LEU B 105 2.23 -5.22 31.28
CA LEU B 105 1.90 -3.86 31.69
C LEU B 105 2.23 -2.86 30.59
N GLY B 106 3.24 -3.16 29.77
CA GLY B 106 3.55 -2.30 28.64
C GLY B 106 2.47 -2.29 27.58
N LYS B 107 1.84 -3.44 27.35
CA LYS B 107 0.76 -3.49 26.37
C LYS B 107 -0.44 -2.68 26.83
N GLU B 108 -0.77 -2.73 28.12
CA GLU B 108 -1.88 -1.95 28.62
C GLU B 108 -1.67 -0.46 28.39
N ALA B 109 -0.46 0.03 28.67
CA ALA B 109 -0.20 1.46 28.46
C ALA B 109 -0.14 1.80 26.98
N ALA B 110 0.47 0.93 26.18
CA ALA B 110 0.51 1.20 24.74
C ALA B 110 -0.88 1.20 24.13
N ASP B 111 -1.77 0.32 24.61
CA ASP B 111 -3.14 0.31 24.10
C ASP B 111 -3.89 1.58 24.47
N GLU B 112 -3.70 2.07 25.69
CA GLU B 112 -4.29 3.35 26.06
C GLU B 112 -3.72 4.49 25.22
N ALA B 113 -2.45 4.37 24.80
CA ALA B 113 -1.84 5.43 24.00
C ALA B 113 -2.31 5.37 22.55
N ILE B 114 -2.40 4.19 21.96
CA ILE B 114 -2.91 4.09 20.59
C ILE B 114 -4.39 4.44 20.57
N ALA B 115 -5.12 4.17 21.66
CA ALA B 115 -6.53 4.58 21.72
C ALA B 115 -6.67 6.09 21.65
N GLU B 116 -5.78 6.83 22.31
CA GLU B 116 -5.79 8.28 22.15
C GLU B 116 -5.23 8.69 20.81
N TRP B 117 -4.32 7.89 20.26
CA TRP B 117 -3.69 8.24 18.99
C TRP B 117 -4.73 8.34 17.88
N GLY B 118 -5.67 7.40 17.84
CA GLY B 118 -6.71 7.40 16.83
C GLY B 118 -6.36 6.68 15.55
N ARG B 119 -5.11 6.28 15.35
CA ARG B 119 -4.71 5.58 14.14
C ARG B 119 -4.35 4.12 14.45
N PRO B 120 -4.49 3.22 13.49
CA PRO B 120 -4.21 1.80 13.76
C PRO B 120 -2.74 1.57 14.05
N LYS B 121 -2.47 0.43 14.70
CA LYS B 121 -1.08 0.03 14.96
C LYS B 121 -0.33 -0.36 13.70
N SER B 122 -1.04 -0.58 12.59
CA SER B 122 -0.37 -0.99 11.35
C SER B 122 0.61 0.05 10.84
N GLU B 123 0.52 1.29 11.32
CA GLU B 123 1.36 2.37 10.84
C GLU B 123 2.47 2.73 11.82
N ILE B 124 2.59 2.02 12.94
CA ILE B 124 3.71 2.22 13.84
C ILE B 124 4.97 1.68 13.19
N THR B 125 5.94 2.55 12.93
CA THR B 125 7.15 2.17 12.23
C THR B 125 8.25 1.65 13.15
N HIS B 126 8.46 2.30 14.29
CA HIS B 126 9.52 1.96 15.22
C HIS B 126 8.96 1.61 16.59
N LEU B 127 9.83 1.06 17.44
CA LEU B 127 9.48 0.75 18.81
C LEU B 127 10.72 0.90 19.69
N ILE B 128 10.61 1.67 20.76
CA ILE B 128 11.66 1.80 21.77
C ILE B 128 11.08 1.31 23.10
N PHE B 129 11.59 0.20 23.59
CA PHE B 129 11.18 -0.34 24.88
C PHE B 129 12.31 -0.13 25.87
N CYS B 130 11.98 0.35 27.06
CA CYS B 130 12.96 0.62 28.10
C CYS B 130 12.47 0.03 29.41
N THR B 131 13.32 -0.79 30.03
CA THR B 131 13.04 -1.32 31.36
C THR B 131 14.35 -1.54 32.09
N THR B 132 14.30 -1.37 33.40
CA THR B 132 15.41 -1.74 34.28
C THR B 132 15.18 -3.10 34.92
N CYS B 133 13.97 -3.63 34.83
CA CYS B 133 13.58 -4.85 35.51
C CYS B 133 13.69 -6.02 34.55
N GLY B 134 14.47 -7.03 34.92
CA GLY B 134 14.58 -8.25 34.15
C GLY B 134 15.40 -8.06 32.90
N VAL B 135 15.87 -9.19 32.38
CA VAL B 135 16.71 -9.26 31.18
C VAL B 135 16.46 -10.60 30.50
N ASP B 136 16.27 -10.59 29.19
CA ASP B 136 15.96 -11.81 28.47
C ASP B 136 16.29 -11.63 26.99
N MET B 137 16.45 -12.76 26.30
CA MET B 137 16.64 -12.79 24.87
C MET B 137 15.59 -13.71 24.25
N PRO B 138 14.78 -13.23 23.28
CA PRO B 138 14.77 -11.85 22.78
C PRO B 138 14.16 -10.88 23.78
N GLY B 139 14.39 -9.59 23.58
CA GLY B 139 14.02 -8.61 24.58
C GLY B 139 12.52 -8.37 24.66
N ALA B 140 12.15 -7.58 25.66
CA ALA B 140 10.74 -7.20 25.83
C ALA B 140 10.21 -6.40 24.65
N ASP B 141 11.08 -5.92 23.75
CA ASP B 141 10.61 -5.27 22.54
C ASP B 141 10.00 -6.29 21.60
N TYR B 142 10.57 -7.50 21.55
CA TYR B 142 9.99 -8.57 20.76
C TYR B 142 8.71 -9.08 21.40
N GLN B 143 8.69 -9.17 22.74
CA GLN B 143 7.48 -9.59 23.44
C GLN B 143 6.35 -8.60 23.22
N LEU B 144 6.64 -7.30 23.27
CA LEU B 144 5.61 -6.30 23.05
C LEU B 144 5.14 -6.30 21.60
N THR B 145 6.06 -6.56 20.66
CA THR B 145 5.69 -6.63 19.25
C THR B 145 4.71 -7.78 19.00
N LYS B 146 4.92 -8.91 19.67
CA LYS B 146 4.01 -10.04 19.54
C LYS B 146 2.72 -9.80 20.31
N LEU B 147 2.82 -9.23 21.51
CA LEU B 147 1.62 -9.01 22.33
C LEU B 147 0.70 -7.97 21.70
N LEU B 148 1.28 -6.90 21.14
CA LEU B 148 0.48 -5.84 20.53
C LEU B 148 0.07 -6.15 19.10
N GLY B 149 0.71 -7.12 18.45
CA GLY B 149 0.44 -7.36 17.05
C GLY B 149 0.93 -6.26 16.14
N LEU B 150 2.06 -5.64 16.47
CA LEU B 150 2.64 -4.66 15.57
C LEU B 150 3.19 -5.33 14.32
N ARG B 151 3.47 -4.52 13.31
CA ARG B 151 4.07 -5.05 12.10
C ARG B 151 5.36 -5.78 12.45
N SER B 152 5.56 -6.94 11.83
CA SER B 152 6.82 -7.67 12.01
C SER B 152 8.00 -6.90 11.45
N SER B 153 7.75 -5.89 10.62
CA SER B 153 8.80 -5.03 10.08
C SER B 153 9.27 -3.98 11.08
N VAL B 154 8.76 -4.01 12.32
CA VAL B 154 9.11 -2.99 13.30
C VAL B 154 10.60 -3.09 13.59
N ARG B 155 11.27 -1.93 13.66
CA ARG B 155 12.68 -1.88 14.01
C ARG B 155 12.80 -1.36 15.43
N ARG B 156 13.38 -2.17 16.31
CA ARG B 156 13.24 -1.99 17.73
C ARG B 156 14.54 -1.54 18.37
N THR B 157 14.40 -0.85 19.51
CA THR B 157 15.52 -0.46 20.35
C THR B 157 15.22 -0.89 21.77
N MET B 158 16.06 -1.75 22.32
CA MET B 158 15.90 -2.27 23.67
C MET B 158 16.84 -1.52 24.61
N LEU B 159 16.28 -0.79 25.56
CA LEU B 159 17.05 -0.08 26.57
C LEU B 159 16.92 -0.85 27.87
N TYR B 160 17.93 -1.70 28.14
CA TYR B 160 17.91 -2.55 29.32
C TYR B 160 18.70 -1.90 30.45
N GLN B 161 18.08 -1.83 31.62
CA GLN B 161 18.75 -1.45 32.86
C GLN B 161 19.46 -0.11 32.71
N GLN B 162 18.72 0.89 32.26
CA GLN B 162 19.25 2.25 32.24
C GLN B 162 19.03 2.97 33.56
N GLY B 163 17.97 2.66 34.28
CA GLY B 163 17.67 3.33 35.54
C GLY B 163 16.67 4.45 35.34
N CYS B 164 16.45 5.18 36.42
CA CYS B 164 15.41 6.21 36.46
C CYS B 164 15.64 7.36 35.49
N PHE B 165 16.63 7.36 34.58
CA PHE B 165 16.73 8.42 33.58
C PHE B 165 16.33 7.94 32.20
N GLY B 166 15.89 6.69 32.06
CA GLY B 166 15.47 6.17 30.78
C GLY B 166 14.32 6.93 30.15
N GLY B 167 13.46 7.55 30.96
CA GLY B 167 12.34 8.33 30.45
C GLY B 167 12.73 9.50 29.57
N GLY B 168 13.91 10.08 29.78
CA GLY B 168 14.41 11.14 28.90
C GLY B 168 15.26 10.58 27.79
N THR B 169 15.87 9.42 28.04
CA THR B 169 16.62 8.76 26.98
C THR B 169 15.73 8.38 25.82
N VAL B 170 14.53 7.86 26.11
CA VAL B 170 13.63 7.44 25.05
C VAL B 170 13.16 8.63 24.22
N LEU B 171 12.93 9.77 24.87
CA LEU B 171 12.50 10.96 24.15
C LEU B 171 13.61 11.51 23.27
N ARG B 172 14.84 11.53 23.79
CA ARG B 172 15.96 12.01 22.99
C ARG B 172 16.27 11.09 21.81
N LEU B 173 16.00 9.79 21.96
CA LEU B 173 16.23 8.85 20.88
C LEU B 173 15.06 8.83 19.90
N ALA B 174 13.83 8.94 20.39
CA ALA B 174 12.67 8.94 19.51
C ALA B 174 12.59 10.19 18.64
N LYS B 175 13.23 11.27 19.06
CA LYS B 175 13.27 12.47 18.23
C LYS B 175 14.02 12.20 16.93
N ASP B 176 15.21 11.63 17.02
CA ASP B 176 15.99 11.37 15.80
C ASP B 176 15.37 10.26 14.97
N LEU B 177 14.71 9.28 15.61
CA LEU B 177 14.08 8.20 14.85
C LEU B 177 12.93 8.74 14.00
N ALA B 178 12.11 9.62 14.56
CA ALA B 178 10.97 10.17 13.84
C ALA B 178 11.38 11.23 12.82
N GLU B 179 12.45 11.99 13.10
CA GLU B 179 12.82 13.11 12.23
C GLU B 179 13.73 12.71 11.08
N ASN B 180 14.41 11.57 11.16
CA ASN B 180 15.28 11.12 10.08
C ASN B 180 14.63 10.09 9.18
N ASN B 181 13.37 9.74 9.42
CA ASN B 181 12.64 8.78 8.59
C ASN B 181 11.27 9.34 8.28
N ALA B 182 11.04 9.67 7.01
CA ALA B 182 9.79 10.30 6.61
C ALA B 182 8.61 9.38 6.89
N GLY B 183 7.55 9.93 7.47
CA GLY B 183 6.35 9.16 7.73
C GLY B 183 6.48 8.09 8.80
N ALA B 184 7.56 8.10 9.58
CA ALA B 184 7.77 7.12 10.63
C ALA B 184 7.07 7.56 11.92
N ARG B 185 6.45 6.61 12.61
CA ARG B 185 5.78 6.86 13.87
C ARG B 185 6.36 5.92 14.91
N VAL B 186 6.68 6.45 16.09
CA VAL B 186 7.46 5.75 17.10
C VAL B 186 6.54 5.35 18.25
N LEU B 187 6.52 4.06 18.57
CA LEU B 187 5.87 3.57 19.78
C LEU B 187 6.93 3.51 20.88
N VAL B 188 6.80 4.38 21.88
CA VAL B 188 7.72 4.43 23.00
C VAL B 188 7.01 3.85 24.22
N VAL B 189 7.64 2.88 24.87
CA VAL B 189 7.09 2.25 26.06
C VAL B 189 8.21 2.12 27.09
N CYS B 190 7.93 2.59 28.29
CA CYS B 190 8.79 2.39 29.45
C CYS B 190 7.93 1.70 30.49
N SER B 191 8.23 0.44 30.79
CA SER B 191 7.46 -0.34 31.74
C SER B 191 8.43 -0.90 32.77
N GLU B 192 8.19 -0.55 34.03
CA GLU B 192 9.07 -0.92 35.12
C GLU B 192 8.26 -1.52 36.27
N ILE B 193 8.61 -2.74 36.65
CA ILE B 193 8.07 -3.39 37.84
C ILE B 193 9.19 -3.39 38.87
N THR B 194 9.09 -2.51 39.86
CA THR B 194 10.09 -2.46 40.92
C THR B 194 9.94 -3.59 41.94
N THR B 195 9.64 -4.80 41.43
CA THR B 195 10.01 -6.07 42.05
C THR B 195 11.48 -6.39 41.81
N ALA B 196 12.13 -5.66 40.90
CA ALA B 196 13.58 -5.69 40.82
C ALA B 196 14.22 -5.22 42.12
N VAL B 197 13.51 -4.41 42.91
CA VAL B 197 14.00 -3.91 44.19
C VAL B 197 13.03 -4.41 45.26
N ASN B 198 13.43 -5.46 45.99
CA ASN B 198 12.70 -5.94 47.15
C ASN B 198 13.47 -7.04 47.86
N PHE B 199 13.97 -6.75 49.06
CA PHE B 199 14.78 -7.69 49.83
C PHE B 199 14.22 -7.78 51.25
N ARG B 200 14.71 -8.76 52.01
CA ARG B 200 14.35 -8.84 53.42
C ARG B 200 14.91 -7.63 54.15
N GLY B 201 14.11 -7.06 55.04
CA GLY B 201 14.54 -5.98 55.89
C GLY B 201 15.83 -6.27 56.62
N PRO B 202 15.85 -7.37 57.43
CA PRO B 202 17.01 -7.66 58.29
C PRO B 202 18.38 -7.36 57.70
N SER B 203 18.75 -6.08 57.69
CA SER B 203 20.10 -5.70 57.28
C SER B 203 20.37 -4.29 57.80
N ASP B 204 21.12 -4.20 58.89
CA ASP B 204 21.84 -2.97 59.21
C ASP B 204 23.02 -2.76 58.27
N THR B 205 23.28 -3.72 57.39
CA THR B 205 24.34 -3.64 56.39
C THR B 205 23.89 -2.94 55.12
N HIS B 206 22.62 -2.55 55.01
CA HIS B 206 22.09 -1.95 53.80
C HIS B 206 20.83 -1.16 54.11
N LEU B 207 20.99 0.08 54.57
CA LEU B 207 19.84 0.90 54.94
C LEU B 207 19.29 1.71 53.79
N ASP B 208 20.09 1.97 52.75
CA ASP B 208 19.55 2.64 51.56
C ASP B 208 18.52 1.77 50.85
N LEU B 209 18.58 0.45 51.08
CA LEU B 209 17.54 -0.43 50.58
C LEU B 209 16.16 0.00 51.06
N LEU B 210 16.09 0.63 52.23
CA LEU B 210 14.80 0.99 52.81
C LEU B 210 14.23 2.27 52.18
N VAL B 211 15.06 3.27 51.93
CA VAL B 211 14.56 4.46 51.25
C VAL B 211 14.26 4.15 49.79
N GLY B 212 14.84 3.07 49.28
CA GLY B 212 14.45 2.57 47.97
C GLY B 212 13.13 1.85 47.97
N LEU B 213 12.80 1.13 49.04
CA LEU B 213 11.52 0.43 49.14
C LEU B 213 10.38 1.36 49.52
N ALA B 214 10.66 2.48 50.17
CA ALA B 214 9.62 3.41 50.59
C ALA B 214 9.22 4.39 49.50
N LEU B 215 9.90 4.37 48.36
CA LEU B 215 9.68 5.34 47.30
C LEU B 215 9.21 4.73 45.98
N PHE B 216 9.65 3.53 45.64
CA PHE B 216 9.40 2.97 44.32
C PHE B 216 8.02 2.30 44.24
N GLY B 217 7.40 2.40 43.05
CA GLY B 217 6.16 1.74 42.74
C GLY B 217 6.20 1.17 41.33
N ASP B 218 5.11 0.50 40.96
CA ASP B 218 5.02 -0.18 39.67
C ASP B 218 4.09 0.57 38.73
N GLY B 219 4.43 0.55 37.45
CA GLY B 219 3.61 1.24 36.47
C GLY B 219 4.30 1.22 35.12
N ALA B 220 3.51 1.47 34.10
CA ALA B 220 3.97 1.50 32.71
C ALA B 220 3.38 2.71 32.00
N ALA B 221 4.18 3.34 31.14
CA ALA B 221 3.79 4.53 30.40
C ALA B 221 4.21 4.37 28.95
N ALA B 222 3.46 5.00 28.06
CA ALA B 222 3.72 4.89 26.63
C ALA B 222 3.36 6.20 25.95
N VAL B 223 4.11 6.52 24.90
CA VAL B 223 3.83 7.67 24.07
C VAL B 223 4.00 7.26 22.61
N ILE B 224 3.39 8.05 21.73
CA ILE B 224 3.52 7.89 20.28
C ILE B 224 4.20 9.15 19.75
N VAL B 225 5.33 8.96 19.08
CA VAL B 225 6.16 10.06 18.62
C VAL B 225 6.20 10.04 17.09
N GLY B 226 6.06 11.21 16.48
CA GLY B 226 6.08 11.32 15.03
C GLY B 226 6.29 12.75 14.59
N ALA B 227 6.92 12.91 13.43
CA ALA B 227 7.21 14.22 12.87
C ALA B 227 6.25 14.56 11.74
N ASP B 228 5.99 15.86 11.57
CA ASP B 228 5.04 16.38 10.59
C ASP B 228 3.68 15.73 10.79
N PRO B 229 3.00 16.00 11.91
CA PRO B 229 1.73 15.33 12.17
C PRO B 229 0.62 15.77 11.22
N ASP B 230 -0.19 14.81 10.79
CA ASP B 230 -1.37 15.09 9.98
C ASP B 230 -2.47 15.62 10.89
N PRO B 231 -2.79 16.91 10.83
CA PRO B 231 -3.69 17.50 11.82
C PRO B 231 -5.17 17.20 11.58
N THR B 232 -5.46 16.05 10.98
CA THR B 232 -6.83 15.56 10.85
C THR B 232 -7.09 14.31 11.66
N LEU B 233 -6.12 13.38 11.70
CA LEU B 233 -6.22 12.21 12.54
C LEU B 233 -5.47 12.35 13.86
N GLU B 234 -4.56 13.32 13.97
CA GLU B 234 -3.66 13.43 15.10
C GLU B 234 -3.83 14.77 15.81
N ARG B 235 -3.52 14.77 17.11
CA ARG B 235 -3.52 15.98 17.92
C ARG B 235 -2.16 16.11 18.58
N PRO B 236 -1.39 17.17 18.31
CA PRO B 236 -0.08 17.31 18.94
C PRO B 236 -0.19 17.77 20.39
N LEU B 237 0.76 17.31 21.20
CA LEU B 237 0.80 17.63 22.63
C LEU B 237 2.07 18.39 23.01
N PHE B 238 3.23 17.81 22.77
CA PHE B 238 4.53 18.44 22.99
C PHE B 238 5.45 18.10 21.84
N GLN B 239 6.30 19.05 21.44
CA GLN B 239 7.31 18.78 20.42
C GLN B 239 8.68 18.81 21.07
N ILE B 240 9.47 17.76 20.80
CA ILE B 240 10.76 17.55 21.46
C ILE B 240 11.81 18.35 20.67
N VAL B 241 12.23 19.49 21.22
CA VAL B 241 13.16 20.36 20.51
C VAL B 241 14.59 19.83 20.62
N SER B 242 14.99 19.40 21.81
CA SER B 242 16.33 18.86 21.98
C SER B 242 16.35 17.86 23.14
N GLY B 243 17.37 17.02 23.14
CA GLY B 243 17.58 16.06 24.21
C GLY B 243 19.04 15.96 24.56
N ALA B 244 19.36 16.09 25.84
CA ALA B 244 20.75 16.15 26.29
C ALA B 244 21.00 15.09 27.36
N GLN B 245 22.27 14.74 27.51
CA GLN B 245 22.73 13.79 28.52
C GLN B 245 24.10 14.21 28.98
N THR B 246 24.34 14.14 30.28
CA THR B 246 25.59 14.62 30.86
C THR B 246 25.97 13.77 32.06
N ILE B 247 27.25 13.85 32.42
CA ILE B 247 27.77 13.20 33.61
C ILE B 247 28.15 14.30 34.60
N LEU B 248 27.56 14.26 35.79
CA LEU B 248 27.82 15.30 36.77
C LEU B 248 29.26 15.22 37.27
N PRO B 249 29.92 16.35 37.51
CA PRO B 249 31.30 16.31 38.00
C PRO B 249 31.37 15.77 39.41
N ASP B 250 32.41 14.97 39.68
CA ASP B 250 32.64 14.38 40.99
C ASP B 250 31.46 13.52 41.42
N SER B 251 30.86 12.81 40.47
CA SER B 251 29.71 11.94 40.73
C SER B 251 30.04 10.48 40.52
N GLU B 252 31.32 10.10 40.60
CA GLU B 252 31.69 8.72 40.39
C GLU B 252 31.16 7.84 41.51
N GLY B 253 30.51 6.75 41.14
CA GLY B 253 29.98 5.82 42.12
C GLY B 253 28.79 6.33 42.90
N ALA B 254 28.09 7.34 42.39
CA ALA B 254 26.95 7.89 43.12
C ALA B 254 25.90 6.83 43.40
N ILE B 255 25.52 6.08 42.37
CA ILE B 255 24.65 4.92 42.50
C ILE B 255 25.29 3.77 41.74
N ASN B 256 25.47 2.64 42.41
CA ASN B 256 26.09 1.45 41.83
C ASN B 256 25.09 0.30 41.88
N GLY B 257 24.72 -0.22 40.72
CA GLY B 257 23.78 -1.34 40.68
C GLY B 257 24.40 -2.57 40.07
N HIS B 258 24.62 -3.60 40.88
CA HIS B 258 25.23 -4.84 40.43
C HIS B 258 24.16 -5.94 40.40
N LEU B 259 24.04 -6.59 39.25
CA LEU B 259 23.10 -7.69 39.07
C LEU B 259 23.81 -9.01 39.36
N ARG B 260 23.52 -9.60 40.51
CA ARG B 260 24.14 -10.83 40.97
C ARG B 260 23.08 -11.93 41.08
N GLU B 261 23.46 -13.07 41.64
CA GLU B 261 22.52 -14.16 41.88
C GLU B 261 21.47 -13.82 42.92
N VAL B 262 21.64 -12.71 43.63
CA VAL B 262 20.65 -12.23 44.59
C VAL B 262 19.84 -11.08 44.00
N GLY B 263 19.88 -10.91 42.70
CA GLY B 263 19.20 -9.79 42.08
C GLY B 263 20.10 -8.58 41.96
N LEU B 264 19.46 -7.44 41.73
CA LEU B 264 20.16 -6.18 41.56
C LEU B 264 20.37 -5.54 42.92
N THR B 265 21.61 -5.52 43.37
CA THR B 265 21.98 -4.86 44.62
C THR B 265 22.46 -3.46 44.30
N ILE B 266 21.85 -2.45 44.90
CA ILE B 266 22.13 -1.05 44.61
C ILE B 266 22.66 -0.38 45.86
N ARG B 267 23.77 0.34 45.74
CA ARG B 267 24.41 1.01 46.84
C ARG B 267 24.70 2.45 46.46
N LEU B 268 24.45 3.37 47.39
CA LEU B 268 24.65 4.79 47.16
C LEU B 268 25.91 5.25 47.86
N LEU B 269 26.72 6.04 47.15
CA LEU B 269 27.91 6.66 47.72
C LEU B 269 27.80 8.16 47.85
N LYS B 270 27.01 8.81 47.00
CA LYS B 270 26.90 10.26 46.95
C LYS B 270 25.54 10.71 47.46
N ASP B 271 25.50 11.96 47.90
CA ASP B 271 24.24 12.60 48.28
C ASP B 271 23.60 13.11 47.00
N VAL B 272 22.69 12.31 46.43
CA VAL B 272 22.16 12.62 45.12
C VAL B 272 21.39 13.94 45.09
N PRO B 273 20.46 14.23 46.02
CA PRO B 273 19.72 15.49 45.93
C PRO B 273 20.61 16.72 45.98
N GLY B 274 21.68 16.67 46.77
CA GLY B 274 22.64 17.77 46.75
C GLY B 274 23.47 17.79 45.48
N LEU B 275 23.64 16.62 44.86
CA LEU B 275 24.37 16.56 43.60
C LEU B 275 23.54 17.12 42.45
N VAL B 276 22.25 16.79 42.42
CA VAL B 276 21.38 17.36 41.40
C VAL B 276 21.25 18.87 41.59
N SER B 277 21.09 19.33 42.83
CA SER B 277 20.90 20.74 43.09
C SER B 277 22.12 21.55 42.70
N MET B 278 23.31 21.12 43.12
CA MET B 278 24.52 21.88 42.84
C MET B 278 24.91 21.86 41.36
N ASN B 279 24.23 21.07 40.52
CA ASN B 279 24.63 20.94 39.12
C ASN B 279 23.48 21.13 38.13
N ILE B 280 22.25 21.33 38.58
CA ILE B 280 21.13 21.40 37.64
C ILE B 280 21.13 22.73 36.91
N GLU B 281 21.58 23.80 37.56
CA GLU B 281 21.50 25.13 36.95
C GLU B 281 22.35 25.21 35.69
N LYS B 282 23.48 24.51 35.66
CA LYS B 282 24.26 24.47 34.42
C LYS B 282 23.49 23.74 33.33
N CYS B 283 22.76 22.68 33.70
CA CYS B 283 22.03 21.90 32.71
C CYS B 283 20.87 22.69 32.13
N LEU B 284 20.22 23.52 32.95
CA LEU B 284 19.18 24.41 32.43
C LEU B 284 19.78 25.52 31.59
N MET B 285 20.96 26.01 31.98
CA MET B 285 21.58 27.09 31.21
C MET B 285 22.02 26.60 29.83
N GLU B 286 22.64 25.43 29.77
CA GLU B 286 23.14 24.94 28.49
C GLU B 286 22.00 24.49 27.57
N ALA B 287 20.91 23.98 28.14
CA ALA B 287 19.79 23.51 27.33
C ALA B 287 18.90 24.65 26.86
N PHE B 288 18.73 25.69 27.67
CA PHE B 288 17.88 26.82 27.33
C PHE B 288 18.66 27.99 26.73
N ALA B 289 19.97 27.84 26.55
CA ALA B 289 20.74 28.90 25.91
C ALA B 289 20.29 29.19 24.48
N PRO B 290 19.97 28.21 23.64
CA PRO B 290 19.53 28.55 22.26
C PRO B 290 18.28 29.40 22.19
N MET B 291 17.57 29.58 23.31
CA MET B 291 16.37 30.41 23.34
C MET B 291 16.56 31.69 24.13
N GLY B 292 17.67 31.82 24.87
CA GLY B 292 17.87 33.01 25.68
C GLY B 292 17.05 33.04 26.93
N ILE B 293 16.78 31.88 27.53
CA ILE B 293 15.92 31.77 28.71
C ILE B 293 16.78 31.46 29.91
N HIS B 294 16.65 32.28 30.97
CA HIS B 294 17.33 32.00 32.22
C HIS B 294 16.42 32.12 33.45
N ASP B 295 15.13 32.42 33.26
CA ASP B 295 14.16 32.39 34.35
C ASP B 295 13.45 31.04 34.30
N TRP B 296 13.75 30.16 35.25
CA TRP B 296 13.23 28.81 35.23
C TRP B 296 11.79 28.72 35.73
N ASN B 297 11.16 29.84 36.08
CA ASN B 297 9.74 29.88 36.40
C ASN B 297 8.90 30.37 35.24
N SER B 298 9.52 30.69 34.10
CA SER B 298 8.82 30.91 32.84
C SER B 298 8.78 29.66 31.98
N ILE B 299 8.92 28.49 32.62
CA ILE B 299 9.08 27.20 31.96
C ILE B 299 8.16 26.22 32.69
N PHE B 300 7.59 25.27 31.95
CA PHE B 300 6.83 24.22 32.62
C PHE B 300 7.75 23.04 32.90
N TRP B 301 7.57 22.43 34.07
CA TRP B 301 8.56 21.54 34.65
C TRP B 301 8.07 20.11 34.71
N ILE B 302 8.90 19.18 34.25
CA ILE B 302 8.75 17.76 34.52
C ILE B 302 10.12 17.24 34.91
N ALA B 303 10.27 16.84 36.16
CA ALA B 303 11.51 16.26 36.64
C ALA B 303 11.19 14.95 37.33
N HIS B 304 12.01 13.93 37.07
CA HIS B 304 11.82 12.64 37.71
C HIS B 304 11.83 12.80 39.22
N PRO B 305 10.71 12.53 39.90
CA PRO B 305 10.65 12.68 41.36
C PRO B 305 11.38 11.57 42.12
N GLY B 306 12.71 11.61 42.04
CA GLY B 306 13.52 10.62 42.74
C GLY B 306 13.17 10.52 44.21
N GLY B 307 12.71 11.62 44.81
CA GLY B 307 12.26 11.64 46.18
C GLY B 307 11.68 13.00 46.51
N PRO B 308 11.13 13.16 47.71
CA PRO B 308 10.56 14.45 48.09
C PRO B 308 11.60 15.57 48.13
N THR B 309 12.74 15.33 48.78
CA THR B 309 13.68 16.42 49.06
C THR B 309 14.55 16.79 47.88
N ILE B 310 14.78 15.88 46.92
CA ILE B 310 15.58 16.24 45.75
C ILE B 310 14.84 17.30 44.93
N LEU B 311 13.52 17.22 44.87
CA LEU B 311 12.73 18.30 44.33
C LEU B 311 12.66 19.48 45.28
N ASP B 312 12.64 19.21 46.59
CA ASP B 312 12.64 20.28 47.59
C ASP B 312 13.90 21.14 47.49
N GLN B 313 15.05 20.48 47.35
CA GLN B 313 16.31 21.22 47.33
C GLN B 313 16.49 21.97 46.02
N VAL B 314 16.17 21.34 44.89
CA VAL B 314 16.22 22.02 43.61
C VAL B 314 15.24 23.18 43.57
N GLU B 315 14.03 22.97 44.11
CA GLU B 315 13.05 24.04 44.19
C GLU B 315 13.56 25.20 45.03
N ALA B 316 14.40 24.92 46.03
CA ALA B 316 14.98 25.96 46.87
C ALA B 316 16.23 26.58 46.24
N LYS B 317 17.10 25.74 45.69
CA LYS B 317 18.33 26.25 45.09
C LYS B 317 18.05 27.14 43.90
N LEU B 318 17.07 26.77 43.07
CA LEU B 318 16.71 27.58 41.91
C LEU B 318 15.76 28.72 42.26
N GLY B 319 15.21 28.74 43.47
CA GLY B 319 14.22 29.73 43.83
C GLY B 319 12.99 29.62 42.94
N LEU B 320 12.40 28.43 42.88
CA LEU B 320 11.24 28.18 42.05
C LEU B 320 9.95 28.38 42.84
N LYS B 321 8.88 28.70 42.12
CA LYS B 321 7.58 28.81 42.75
C LYS B 321 7.03 27.42 43.08
N GLU B 322 6.02 27.39 43.94
CA GLU B 322 5.44 26.12 44.38
C GLU B 322 4.67 25.43 43.26
N GLU B 323 4.15 26.21 42.29
CA GLU B 323 3.33 25.65 41.23
C GLU B 323 4.15 24.82 40.23
N LYS B 324 5.45 25.06 40.12
CA LYS B 324 6.22 24.43 39.06
C LYS B 324 6.26 22.91 39.21
N LEU B 325 6.44 22.42 40.43
CA LEU B 325 6.58 20.99 40.70
C LEU B 325 5.32 20.37 41.26
N LYS B 326 4.16 21.04 41.08
CA LYS B 326 2.93 20.49 41.63
C LYS B 326 2.57 19.18 40.95
N SER B 327 2.74 19.11 39.62
CA SER B 327 2.42 17.90 38.88
C SER B 327 3.42 16.79 39.20
N THR B 328 4.71 17.15 39.28
CA THR B 328 5.72 16.17 39.65
C THR B 328 5.42 15.56 41.02
N ARG B 329 5.21 16.42 42.02
CA ARG B 329 4.90 15.92 43.35
C ARG B 329 3.59 15.15 43.38
N ALA B 330 2.63 15.53 42.53
CA ALA B 330 1.35 14.82 42.50
C ALA B 330 1.49 13.41 41.94
N VAL B 331 2.37 13.21 40.96
CA VAL B 331 2.60 11.87 40.45
C VAL B 331 3.33 11.04 41.49
N LEU B 332 4.27 11.65 42.22
CA LEU B 332 4.91 10.95 43.33
C LEU B 332 3.92 10.65 44.45
N ARG B 333 2.86 11.45 44.56
CA ARG B 333 1.87 11.23 45.61
C ARG B 333 0.94 10.07 45.28
N GLU B 334 0.28 10.11 44.11
CA GLU B 334 -0.70 9.09 43.76
C GLU B 334 -0.10 7.87 43.07
N TYR B 335 1.14 7.95 42.58
CA TYR B 335 1.80 6.83 41.92
C TYR B 335 3.16 6.48 42.49
N GLY B 336 3.88 7.42 43.08
CA GLY B 336 5.20 7.14 43.62
C GLY B 336 6.28 7.23 42.55
N ASN B 337 7.42 6.60 42.85
CA ASN B 337 8.50 6.48 41.90
C ASN B 337 8.28 5.21 41.08
N MET B 338 8.18 5.37 39.77
CA MET B 338 8.05 4.25 38.85
C MET B 338 9.23 4.20 37.90
N SER B 339 10.37 4.75 38.35
CA SER B 339 11.62 4.79 37.62
C SER B 339 11.52 5.58 36.33
N SER B 340 11.98 4.98 35.24
CA SER B 340 12.07 5.72 33.98
C SER B 340 10.70 6.17 33.48
N ALA B 341 9.67 5.34 33.63
CA ALA B 341 8.34 5.69 33.15
C ALA B 341 7.73 6.88 33.87
N CYS B 342 8.32 7.30 34.99
CA CYS B 342 7.65 8.27 35.85
C CYS B 342 7.52 9.63 35.19
N VAL B 343 8.49 10.01 34.36
CA VAL B 343 8.44 11.34 33.74
C VAL B 343 7.35 11.41 32.68
N LEU B 344 7.08 10.31 31.99
CA LEU B 344 6.00 10.32 31.01
C LEU B 344 4.64 10.44 31.69
N PHE B 345 4.52 9.87 32.90
CA PHE B 345 3.31 10.07 33.69
C PHE B 345 3.07 11.55 33.98
N ILE B 346 4.14 12.27 34.35
CA ILE B 346 4.01 13.69 34.65
C ILE B 346 3.69 14.47 33.39
N LEU B 347 4.28 14.07 32.25
CA LEU B 347 3.90 14.66 30.98
C LEU B 347 2.39 14.60 30.79
N ASP B 348 1.81 13.44 31.06
CA ASP B 348 0.36 13.28 30.93
C ASP B 348 -0.38 14.17 31.91
N GLU B 349 0.07 14.21 33.17
CA GLU B 349 -0.58 15.05 34.16
C GLU B 349 -0.46 16.53 33.81
N VAL B 350 0.68 16.93 33.23
CA VAL B 350 0.85 18.32 32.79
C VAL B 350 -0.20 18.67 31.75
N ARG B 351 -0.52 17.72 30.87
CA ARG B 351 -1.55 17.96 29.86
C ARG B 351 -2.96 17.86 30.46
N LYS B 352 -3.19 16.86 31.32
CA LYS B 352 -4.52 16.70 31.91
C LYS B 352 -4.89 17.91 32.76
N ARG B 353 -4.00 18.33 33.66
CA ARG B 353 -4.27 19.48 34.50
C ARG B 353 -4.36 20.77 33.70
N SER B 354 -3.63 20.86 32.59
CA SER B 354 -3.70 22.06 31.76
C SER B 354 -5.10 22.24 31.17
N MET B 355 -5.80 21.15 30.89
CA MET B 355 -7.17 21.25 30.41
C MET B 355 -8.15 21.41 31.56
N GLU B 356 -7.96 20.64 32.64
CA GLU B 356 -8.86 20.72 33.79
C GLU B 356 -8.92 22.14 34.36
N GLU B 357 -7.82 22.89 34.28
CA GLU B 357 -7.77 24.26 34.77
C GLU B 357 -7.76 25.28 33.63
N GLY B 358 -8.02 24.85 32.41
CA GLY B 358 -8.25 25.78 31.31
C GLY B 358 -7.12 26.76 31.03
N LYS B 359 -5.88 26.27 31.05
CA LYS B 359 -4.75 27.12 30.72
C LYS B 359 -4.54 27.17 29.20
N THR B 360 -3.78 28.17 28.77
CA THR B 360 -3.68 28.47 27.34
C THR B 360 -3.01 27.37 26.54
N THR B 361 -2.17 26.53 27.16
CA THR B 361 -1.35 25.60 26.40
C THR B 361 -1.17 24.30 27.19
N THR B 362 -0.61 23.29 26.53
CA THR B 362 -0.47 21.97 27.14
C THR B 362 0.44 22.00 28.36
N GLY B 363 1.39 22.93 28.41
CA GLY B 363 2.30 23.00 29.53
C GLY B 363 1.90 23.99 30.60
N GLU B 364 0.66 23.87 31.09
CA GLU B 364 0.12 24.69 32.18
C GLU B 364 0.06 26.17 31.84
N GLY B 365 0.24 26.54 30.58
CA GLY B 365 0.13 27.92 30.14
C GLY B 365 1.42 28.50 29.60
N PHE B 366 2.53 27.78 29.71
CA PHE B 366 3.84 28.30 29.34
C PHE B 366 4.30 27.66 28.03
N ASP B 367 5.11 28.40 27.29
CA ASP B 367 5.50 27.97 25.96
C ASP B 367 6.54 26.85 26.01
N TRP B 368 7.64 27.06 26.72
CA TRP B 368 8.73 26.09 26.75
C TRP B 368 8.69 25.29 28.04
N GLY B 369 9.29 24.10 27.98
CA GLY B 369 9.26 23.19 29.12
C GLY B 369 10.46 22.28 29.15
N VAL B 370 10.72 21.71 30.32
CA VAL B 370 11.88 20.87 30.55
C VAL B 370 11.43 19.50 31.07
N LEU B 371 12.12 18.46 30.63
CA LEU B 371 11.92 17.11 31.17
C LEU B 371 13.26 16.59 31.68
N PHE B 372 13.31 16.32 32.99
CA PHE B 372 14.53 15.90 33.66
C PHE B 372 14.42 14.42 34.03
N GLY B 373 15.47 13.67 33.73
CA GLY B 373 15.57 12.31 34.22
C GLY B 373 16.92 12.11 34.88
N PHE B 374 16.93 11.66 36.13
CA PHE B 374 18.15 11.49 36.92
C PHE B 374 18.38 10.01 37.16
N GLY B 375 19.61 9.55 36.95
CA GLY B 375 19.94 8.15 37.15
C GLY B 375 21.41 7.88 37.34
N PRO B 376 21.79 6.60 37.30
CA PRO B 376 23.18 6.23 37.60
C PRO B 376 24.18 6.95 36.72
N GLY B 377 25.35 7.24 37.29
CA GLY B 377 26.39 7.94 36.56
C GLY B 377 27.34 8.74 37.43
N PHE B 378 26.86 9.83 38.03
CA PHE B 378 25.47 10.26 37.94
C PHE B 378 25.14 10.92 36.59
N THR B 379 23.97 10.59 36.03
CA THR B 379 23.56 11.04 34.71
C THR B 379 22.29 11.86 34.81
N VAL B 380 22.29 13.03 34.15
CA VAL B 380 21.12 13.90 34.09
C VAL B 380 20.72 14.05 32.63
N GLU B 381 19.49 13.64 32.31
CA GLU B 381 18.92 13.76 30.97
C GLU B 381 17.96 14.93 30.97
N THR B 382 18.34 16.01 30.32
CA THR B 382 17.50 17.21 30.25
C THR B 382 16.96 17.34 28.83
N VAL B 383 15.64 17.35 28.72
CA VAL B 383 14.95 17.36 27.44
C VAL B 383 14.08 18.59 27.41
N VAL B 384 14.24 19.42 26.39
CA VAL B 384 13.49 20.67 26.26
C VAL B 384 12.36 20.46 25.27
N LEU B 385 11.13 20.71 25.72
CA LEU B 385 9.95 20.57 24.90
C LEU B 385 9.29 21.92 24.68
N HIS B 386 8.46 22.00 23.65
CA HIS B 386 7.64 23.17 23.38
C HIS B 386 6.18 22.76 23.42
N SER B 387 5.36 23.60 24.05
CA SER B 387 3.96 23.26 24.28
C SER B 387 3.16 23.33 22.99
N MET B 388 1.91 22.88 23.08
CA MET B 388 0.92 22.99 22.01
C MET B 388 -0.26 23.81 22.48
N PRO B 389 -0.78 24.71 21.64
CA PRO B 389 -1.87 25.58 22.09
C PRO B 389 -3.13 24.79 22.41
N ILE B 390 -3.90 25.30 23.36
CA ILE B 390 -5.21 24.73 23.73
C ILE B 390 -6.28 25.79 23.50
N PRO B 391 -7.20 25.57 22.55
CA PRO B 391 -8.34 26.48 22.35
C PRO B 391 -9.47 26.21 23.33
N ALA C 10 7.33 53.08 -42.76
CA ALA C 10 8.02 52.84 -41.49
C ALA C 10 7.05 52.88 -40.32
N GLN C 11 7.60 52.82 -39.11
CA GLN C 11 6.85 52.88 -37.85
C GLN C 11 6.10 51.58 -37.55
N ARG C 12 6.66 50.44 -37.94
CA ARG C 12 6.02 49.16 -37.70
C ARG C 12 7.07 48.05 -37.75
N ALA C 13 6.81 46.99 -37.01
CA ALA C 13 7.77 45.90 -36.85
C ALA C 13 7.58 44.85 -37.95
N LYS C 14 8.59 44.00 -38.10
CA LYS C 14 8.61 42.99 -39.15
C LYS C 14 8.34 41.58 -38.65
N GLY C 15 8.81 41.23 -37.45
CA GLY C 15 8.63 39.90 -36.92
C GLY C 15 7.61 39.84 -35.80
N PRO C 16 7.48 38.68 -35.18
CA PRO C 16 6.49 38.52 -34.10
C PRO C 16 7.04 38.97 -32.75
N ALA C 17 6.11 39.31 -31.87
CA ALA C 17 6.49 39.75 -30.53
C ALA C 17 7.25 38.64 -29.82
N THR C 18 8.33 39.01 -29.14
CA THR C 18 9.24 38.05 -28.54
C THR C 18 9.48 38.39 -27.08
N VAL C 19 9.26 37.42 -26.19
CA VAL C 19 9.59 37.62 -24.78
C VAL C 19 11.10 37.65 -24.63
N LEU C 20 11.61 38.74 -24.04
CA LEU C 20 13.05 38.94 -23.92
C LEU C 20 13.60 38.72 -22.53
N ALA C 21 12.77 38.85 -21.49
CA ALA C 21 13.21 38.68 -20.11
C ALA C 21 12.00 38.39 -19.23
N ILE C 22 12.23 37.71 -18.12
CA ILE C 22 11.16 37.39 -17.17
C ILE C 22 11.67 37.62 -15.76
N GLY C 23 10.90 38.36 -14.96
CA GLY C 23 11.28 38.70 -13.62
C GLY C 23 10.31 38.19 -12.57
N THR C 24 10.75 38.14 -11.32
CA THR C 24 9.99 37.50 -10.25
C THR C 24 10.23 38.23 -8.94
N ALA C 25 9.16 38.50 -8.20
CA ALA C 25 9.26 39.16 -6.91
C ALA C 25 8.25 38.55 -5.96
N THR C 26 8.63 38.43 -4.69
CA THR C 26 7.77 37.87 -3.66
C THR C 26 7.95 38.66 -2.38
N PRO C 27 6.94 38.66 -1.50
CA PRO C 27 7.07 39.34 -0.21
C PRO C 27 8.05 38.64 0.72
N ALA C 28 8.29 39.25 1.87
CA ALA C 28 9.29 38.74 2.81
C ALA C 28 8.77 37.61 3.67
N ASN C 29 7.48 37.63 4.02
CA ASN C 29 6.93 36.67 4.97
C ASN C 29 6.60 35.36 4.27
N VAL C 30 7.23 34.27 4.71
CA VAL C 30 6.93 32.95 4.21
C VAL C 30 5.84 32.33 5.09
N VAL C 31 4.84 31.73 4.46
CA VAL C 31 3.76 31.07 5.18
C VAL C 31 3.69 29.62 4.71
N TYR C 32 3.71 28.69 5.66
CA TYR C 32 3.68 27.26 5.36
C TYR C 32 2.28 26.72 5.55
N GLN C 33 1.81 25.93 4.57
CA GLN C 33 0.48 25.36 4.64
C GLN C 33 0.31 24.41 5.82
N THR C 34 1.40 23.82 6.30
CA THR C 34 1.32 22.99 7.49
C THR C 34 1.05 23.80 8.79
N ASP C 35 0.74 25.10 8.70
CA ASP C 35 0.57 25.97 9.86
C ASP C 35 -0.70 26.81 9.76
N TYR C 36 -1.15 27.08 8.53
CA TYR C 36 -2.15 28.11 8.28
C TYR C 36 -3.55 27.84 8.84
N PRO C 37 -4.08 26.61 8.78
CA PRO C 37 -5.43 26.40 9.33
C PRO C 37 -5.58 26.84 10.78
N ASP C 38 -4.73 26.34 11.67
CA ASP C 38 -4.78 26.80 13.05
C ASP C 38 -4.41 28.27 13.15
N TYR C 39 -3.50 28.73 12.30
CA TYR C 39 -3.14 30.14 12.29
C TYR C 39 -4.34 31.00 11.90
N TYR C 40 -4.97 30.68 10.78
CA TYR C 40 -6.08 31.48 10.29
C TYR C 40 -7.23 31.52 11.28
N PHE C 41 -7.55 30.38 11.89
CA PHE C 41 -8.62 30.36 12.88
C PHE C 41 -8.21 31.00 14.20
N ARG C 42 -6.91 31.14 14.44
CA ARG C 42 -6.44 31.77 15.68
C ARG C 42 -6.43 33.28 15.56
N VAL C 43 -5.87 33.80 14.47
CA VAL C 43 -5.85 35.24 14.25
C VAL C 43 -7.27 35.79 14.19
N THR C 44 -8.20 35.02 13.63
CA THR C 44 -9.60 35.41 13.56
C THR C 44 -10.38 34.98 14.79
N LYS C 45 -9.71 34.44 15.81
CA LYS C 45 -10.33 34.07 17.08
C LYS C 45 -11.65 33.34 16.85
N SER C 46 -11.60 32.34 15.94
CA SER C 46 -12.77 31.60 15.52
C SER C 46 -12.53 30.11 15.61
N GLU C 47 -11.68 29.68 16.54
CA GLU C 47 -11.33 28.27 16.64
C GLU C 47 -12.46 27.41 17.20
N HIS C 48 -13.58 28.01 17.61
CA HIS C 48 -14.72 27.23 18.07
C HIS C 48 -15.57 26.70 16.94
N MET C 49 -15.35 27.16 15.71
CA MET C 49 -15.98 26.59 14.51
C MET C 49 -15.18 25.36 14.09
N THR C 50 -15.35 24.28 14.84
CA THR C 50 -14.57 23.08 14.58
C THR C 50 -14.89 22.48 13.22
N LYS C 51 -16.14 22.58 12.78
CA LYS C 51 -16.51 22.00 11.49
C LYS C 51 -15.82 22.71 10.35
N LEU C 52 -15.92 24.05 10.30
CA LEU C 52 -15.28 24.81 9.25
C LEU C 52 -13.77 24.67 9.29
N LYS C 53 -13.19 24.53 10.48
CA LYS C 53 -11.75 24.28 10.59
C LYS C 53 -11.39 22.94 9.97
N ASN C 54 -12.23 21.93 10.20
CA ASN C 54 -12.01 20.62 9.59
C ASN C 54 -12.13 20.71 8.07
N LYS C 55 -13.11 21.47 7.57
CA LYS C 55 -13.21 21.68 6.13
C LYS C 55 -12.00 22.41 5.60
N PHE C 56 -11.60 23.49 6.28
CA PHE C 56 -10.49 24.31 5.81
C PHE C 56 -9.19 23.52 5.80
N GLN C 57 -8.97 22.70 6.84
CA GLN C 57 -7.78 21.85 6.86
C GLN C 57 -7.78 20.88 5.69
N ARG C 58 -8.95 20.32 5.35
CA ARG C 58 -9.02 19.43 4.19
C ARG C 58 -8.77 20.20 2.90
N MET C 59 -9.31 21.42 2.79
CA MET C 59 -9.05 22.24 1.61
C MET C 59 -7.55 22.47 1.43
N CYS C 60 -6.83 22.65 2.53
CA CYS C 60 -5.39 22.86 2.44
C CYS C 60 -4.66 21.56 2.11
N ASP C 61 -5.12 20.44 2.69
CA ASP C 61 -4.45 19.16 2.45
C ASP C 61 -4.47 18.79 0.98
N ARG C 62 -5.55 19.10 0.27
CA ARG C 62 -5.68 18.78 -1.14
C ARG C 62 -5.14 19.86 -2.05
N SER C 63 -4.64 20.97 -1.49
CA SER C 63 -4.34 22.15 -2.29
C SER C 63 -3.03 22.05 -3.07
N THR C 64 -2.22 21.01 -2.83
CA THR C 64 -0.90 20.85 -3.46
C THR C 64 0.06 21.92 -2.95
N ILE C 65 -0.47 23.01 -2.41
CA ILE C 65 0.34 24.13 -1.95
C ILE C 65 1.09 23.73 -0.69
N LYS C 66 2.42 23.87 -0.72
CA LYS C 66 3.25 23.65 0.45
C LYS C 66 3.55 24.93 1.21
N LYS C 67 3.76 26.04 0.50
CA LYS C 67 3.99 27.32 1.15
C LYS C 67 3.48 28.44 0.26
N ARG C 68 3.32 29.61 0.86
CA ARG C 68 2.96 30.83 0.16
C ARG C 68 3.67 32.00 0.81
N TYR C 69 3.97 33.03 0.03
CA TYR C 69 4.49 34.29 0.53
C TYR C 69 3.35 35.30 0.57
N MET C 70 3.11 35.89 1.75
CA MET C 70 1.97 36.77 1.94
C MET C 70 2.41 38.11 2.52
N VAL C 71 1.86 39.19 1.96
CA VAL C 71 2.10 40.52 2.50
C VAL C 71 1.36 40.69 3.83
N LEU C 72 0.15 40.16 3.93
CA LEU C 72 -0.65 40.27 5.14
C LEU C 72 -0.02 39.43 6.23
N THR C 73 0.70 40.08 7.13
CA THR C 73 1.26 39.41 8.31
C THR C 73 0.32 39.59 9.48
N GLU C 74 0.51 38.75 10.50
CA GLU C 74 -0.20 38.95 11.75
C GLU C 74 0.05 40.34 12.32
N GLU C 75 1.29 40.84 12.14
CA GLU C 75 1.58 42.22 12.54
C GLU C 75 0.73 43.21 11.78
N LEU C 76 0.42 42.92 10.52
CA LEU C 76 -0.46 43.77 9.73
C LEU C 76 -1.92 43.62 10.11
N LEU C 77 -2.28 42.59 10.87
CA LEU C 77 -3.65 42.36 11.28
C LEU C 77 -3.96 42.99 12.64
N GLU C 78 -2.99 43.01 13.55
CA GLU C 78 -3.23 43.60 14.87
C GLU C 78 -3.41 45.11 14.81
N LYS C 79 -3.02 45.74 13.71
CA LYS C 79 -3.25 47.17 13.53
C LYS C 79 -4.58 47.47 12.84
N ASN C 80 -5.06 46.57 11.98
CA ASN C 80 -6.32 46.74 11.28
C ASN C 80 -7.25 45.59 11.67
N LEU C 81 -8.22 45.90 12.55
CA LEU C 81 -9.09 44.88 13.10
C LEU C 81 -10.25 44.50 12.18
N SER C 82 -10.61 45.35 11.22
CA SER C 82 -11.73 45.06 10.34
C SER C 82 -11.46 43.90 9.40
N LEU C 83 -10.19 43.51 9.22
CA LEU C 83 -9.87 42.41 8.33
C LEU C 83 -9.98 41.04 8.98
N CYS C 84 -10.03 40.97 10.30
CA CYS C 84 -10.44 39.76 11.02
C CYS C 84 -11.90 39.87 11.42
N THR C 85 -12.75 40.14 10.42
CA THR C 85 -14.18 40.23 10.62
C THR C 85 -14.82 39.85 9.30
N TYR C 86 -15.92 39.10 9.36
CA TYR C 86 -16.52 38.57 8.14
C TYR C 86 -16.99 39.70 7.23
N MET C 87 -17.96 40.49 7.69
CA MET C 87 -18.52 41.55 6.83
C MET C 87 -18.81 42.78 7.69
N GLU C 88 -17.76 43.55 7.97
CA GLU C 88 -17.84 44.90 8.52
C GLU C 88 -17.01 45.81 7.63
N PRO C 89 -17.32 47.11 7.61
CA PRO C 89 -16.59 48.04 6.73
C PRO C 89 -15.08 47.92 6.88
N SER C 90 -14.41 47.49 5.80
CA SER C 90 -12.97 47.30 5.82
C SER C 90 -12.29 47.78 4.55
N LEU C 91 -13.02 48.36 3.60
CA LEU C 91 -12.41 48.71 2.32
C LEU C 91 -11.30 49.75 2.48
N ASP C 92 -11.42 50.64 3.46
CA ASP C 92 -10.40 51.66 3.65
C ASP C 92 -9.04 51.03 3.96
N ALA C 93 -8.98 50.16 4.96
CA ALA C 93 -7.71 49.55 5.32
C ALA C 93 -7.17 48.68 4.19
N ARG C 94 -8.04 48.12 3.36
CA ARG C 94 -7.56 47.32 2.24
C ARG C 94 -6.87 48.19 1.20
N GLN C 95 -7.49 49.30 0.83
CA GLN C 95 -6.86 50.20 -0.12
C GLN C 95 -5.59 50.82 0.45
N ASP C 96 -5.57 51.11 1.75
CA ASP C 96 -4.38 51.67 2.38
C ASP C 96 -3.20 50.70 2.39
N ILE C 97 -3.44 49.42 2.14
CA ILE C 97 -2.37 48.43 2.04
C ILE C 97 -1.99 48.17 0.59
N LEU C 98 -2.98 48.05 -0.30
CA LEU C 98 -2.74 47.63 -1.68
C LEU C 98 -2.11 48.75 -2.50
N VAL C 99 -2.71 49.94 -2.48
CA VAL C 99 -2.29 51.07 -3.30
C VAL C 99 -0.78 51.31 -3.16
N PRO C 100 -0.18 51.33 -1.94
CA PRO C 100 1.27 51.52 -1.85
C PRO C 100 2.07 50.30 -2.22
N GLU C 101 1.66 49.12 -1.75
CA GLU C 101 2.51 47.94 -1.85
C GLU C 101 2.44 47.27 -3.23
N VAL C 102 1.35 47.43 -3.96
CA VAL C 102 1.24 46.79 -5.28
C VAL C 102 2.33 47.27 -6.22
N PRO C 103 2.59 48.58 -6.39
CA PRO C 103 3.69 48.99 -7.28
C PRO C 103 5.07 48.68 -6.73
N LYS C 104 5.23 48.49 -5.42
CA LYS C 104 6.55 48.18 -4.88
C LYS C 104 7.03 46.83 -5.36
N LEU C 105 6.21 45.79 -5.20
CA LEU C 105 6.61 44.47 -5.67
C LEU C 105 6.63 44.38 -7.18
N GLY C 106 5.80 45.19 -7.85
CA GLY C 106 5.93 45.30 -9.29
C GLY C 106 7.22 45.99 -9.70
N LYS C 107 7.78 46.81 -8.80
CA LYS C 107 9.06 47.44 -9.08
C LYS C 107 10.18 46.42 -8.99
N GLU C 108 10.18 45.61 -7.93
CA GLU C 108 11.21 44.59 -7.78
C GLU C 108 11.16 43.55 -8.89
N ALA C 109 9.95 43.22 -9.37
CA ALA C 109 9.83 42.23 -10.45
C ALA C 109 10.27 42.83 -11.78
N ALA C 110 10.02 44.10 -12.02
CA ALA C 110 10.56 44.75 -13.22
C ALA C 110 12.06 44.97 -13.10
N ASP C 111 12.56 45.12 -11.88
CA ASP C 111 14.01 45.21 -11.68
C ASP C 111 14.70 43.91 -12.10
N GLU C 112 14.12 42.77 -11.70
CA GLU C 112 14.72 41.49 -12.09
C GLU C 112 14.64 41.29 -13.60
N ALA C 113 13.52 41.67 -14.21
CA ALA C 113 13.37 41.50 -15.65
C ALA C 113 14.31 42.43 -16.42
N ILE C 114 14.41 43.69 -15.99
CA ILE C 114 15.30 44.62 -16.67
C ILE C 114 16.75 44.22 -16.49
N ALA C 115 17.10 43.73 -15.29
CA ALA C 115 18.44 43.17 -15.08
C ALA C 115 18.72 42.08 -16.11
N GLU C 116 17.83 41.09 -16.21
CA GLU C 116 18.02 40.02 -17.19
C GLU C 116 17.95 40.55 -18.62
N TRP C 117 17.14 41.58 -18.86
CA TRP C 117 17.15 42.21 -20.17
C TRP C 117 18.52 42.80 -20.47
N GLY C 118 19.18 43.36 -19.47
CA GLY C 118 20.51 43.90 -19.66
C GLY C 118 20.59 45.15 -20.50
N ARG C 119 19.46 45.77 -20.82
CA ARG C 119 19.44 47.01 -21.58
C ARG C 119 18.85 48.13 -20.74
N PRO C 120 19.19 49.39 -21.04
CA PRO C 120 18.75 50.49 -20.18
C PRO C 120 17.25 50.71 -20.26
N LYS C 121 16.72 51.33 -19.20
CA LYS C 121 15.28 51.54 -19.11
C LYS C 121 14.79 52.62 -20.07
N SER C 122 15.68 53.46 -20.58
CA SER C 122 15.25 54.53 -21.48
C SER C 122 14.72 54.00 -22.79
N GLU C 123 14.85 52.70 -23.05
CA GLU C 123 14.39 52.09 -24.28
C GLU C 123 13.04 51.40 -24.13
N ILE C 124 12.53 51.31 -22.91
CA ILE C 124 11.19 50.76 -22.67
C ILE C 124 10.18 51.81 -23.12
N THR C 125 9.42 51.49 -24.15
CA THR C 125 8.50 52.46 -24.72
C THR C 125 7.08 52.31 -24.21
N HIS C 126 6.64 51.08 -23.92
CA HIS C 126 5.28 50.81 -23.46
C HIS C 126 5.32 50.17 -22.08
N LEU C 127 4.34 50.50 -21.24
CA LEU C 127 4.16 49.86 -19.95
C LEU C 127 2.77 49.27 -19.87
N ILE C 128 2.67 48.06 -19.34
CA ILE C 128 1.38 47.42 -19.07
C ILE C 128 1.43 46.90 -17.64
N PHE C 129 0.65 47.52 -16.76
CA PHE C 129 0.51 47.06 -15.38
C PHE C 129 -0.85 46.40 -15.21
N CYS C 130 -0.86 45.20 -14.65
CA CYS C 130 -2.10 44.45 -14.46
C CYS C 130 -2.18 44.01 -13.01
N THR C 131 -3.24 44.43 -12.32
CA THR C 131 -3.49 43.97 -10.96
C THR C 131 -4.99 43.91 -10.73
N THR C 132 -5.41 42.99 -9.87
CA THR C 132 -6.83 42.85 -9.51
C THR C 132 -7.15 43.33 -8.10
N CYS C 133 -6.14 43.57 -7.26
CA CYS C 133 -6.34 44.10 -5.93
C CYS C 133 -5.97 45.58 -5.90
N GLY C 134 -6.87 46.42 -5.38
CA GLY C 134 -6.62 47.84 -5.24
C GLY C 134 -6.85 48.66 -6.50
N VAL C 135 -7.32 49.90 -6.33
CA VAL C 135 -7.56 50.83 -7.43
C VAL C 135 -7.31 52.25 -6.93
N ASP C 136 -6.77 53.10 -7.79
CA ASP C 136 -6.40 54.46 -7.41
C ASP C 136 -6.10 55.25 -8.67
N MET C 137 -6.22 56.57 -8.58
CA MET C 137 -5.83 57.44 -9.66
C MET C 137 -4.98 58.58 -9.11
N PRO C 138 -3.78 58.83 -9.65
CA PRO C 138 -3.15 58.05 -10.72
C PRO C 138 -2.72 56.66 -10.27
N GLY C 139 -2.69 55.72 -11.21
CA GLY C 139 -2.74 54.31 -10.88
C GLY C 139 -1.38 53.68 -10.62
N ALA C 140 -1.41 52.36 -10.42
CA ALA C 140 -0.20 51.60 -10.12
C ALA C 140 0.80 51.62 -11.26
N ASP C 141 0.37 51.87 -12.50
CA ASP C 141 1.33 52.06 -13.59
C ASP C 141 1.98 53.43 -13.50
N TYR C 142 1.28 54.42 -12.95
CA TYR C 142 1.90 55.71 -12.72
C TYR C 142 2.92 55.63 -11.61
N GLN C 143 2.61 54.90 -10.53
CA GLN C 143 3.59 54.72 -9.46
C GLN C 143 4.81 53.97 -9.98
N LEU C 144 4.60 52.97 -10.82
CA LEU C 144 5.73 52.18 -11.32
C LEU C 144 6.63 53.02 -12.22
N THR C 145 6.04 53.90 -13.03
CA THR C 145 6.85 54.81 -13.84
C THR C 145 7.69 55.71 -12.94
N LYS C 146 7.12 56.21 -11.84
CA LYS C 146 7.84 57.10 -10.95
C LYS C 146 8.82 56.35 -10.05
N LEU C 147 8.53 55.10 -9.71
CA LEU C 147 9.40 54.35 -8.81
C LEU C 147 10.68 53.92 -9.50
N LEU C 148 10.57 53.41 -10.72
CA LEU C 148 11.77 52.98 -11.44
C LEU C 148 12.44 54.14 -12.16
N GLY C 149 11.69 55.18 -12.52
CA GLY C 149 12.24 56.27 -13.28
C GLY C 149 12.20 56.08 -14.79
N LEU C 150 11.17 55.43 -15.31
CA LEU C 150 11.05 55.29 -16.75
C LEU C 150 10.82 56.66 -17.37
N ARG C 151 10.99 56.73 -18.69
CA ARG C 151 10.71 57.97 -19.40
C ARG C 151 9.28 58.40 -19.13
N SER C 152 9.06 59.71 -19.08
CA SER C 152 7.72 60.19 -18.84
C SER C 152 6.82 60.01 -20.06
N SER C 153 7.37 59.65 -21.21
CA SER C 153 6.63 59.51 -22.45
C SER C 153 6.17 58.08 -22.72
N VAL C 154 6.16 57.22 -21.70
CA VAL C 154 5.74 55.84 -21.91
C VAL C 154 4.25 55.79 -22.21
N ARG C 155 3.85 54.89 -23.11
CA ARG C 155 2.46 54.67 -23.44
C ARG C 155 1.98 53.48 -22.62
N ARG C 156 1.06 53.74 -21.68
CA ARG C 156 0.74 52.82 -20.61
C ARG C 156 -0.62 52.19 -20.77
N THR C 157 -0.79 51.02 -20.16
CA THR C 157 -2.04 50.29 -20.16
C THR C 157 -2.25 49.70 -18.77
N MET C 158 -3.24 50.20 -18.04
CA MET C 158 -3.47 49.80 -16.67
C MET C 158 -4.72 48.94 -16.61
N LEU C 159 -4.53 47.64 -16.41
CA LEU C 159 -5.63 46.70 -16.33
C LEU C 159 -6.04 46.59 -14.87
N TYR C 160 -7.18 47.17 -14.52
CA TYR C 160 -7.69 47.13 -13.16
C TYR C 160 -8.79 46.10 -13.05
N GLN C 161 -8.69 45.22 -12.04
CA GLN C 161 -9.79 44.34 -11.66
C GLN C 161 -10.11 43.33 -12.75
N GLN C 162 -9.09 42.73 -13.35
CA GLN C 162 -9.29 41.80 -14.46
C GLN C 162 -9.25 40.34 -14.04
N GLY C 163 -9.30 40.04 -12.75
CA GLY C 163 -9.23 38.67 -12.31
C GLY C 163 -7.89 38.05 -12.64
N PHE C 165 -7.24 35.93 -15.51
CA PHE C 165 -6.97 35.58 -16.90
C PHE C 165 -6.09 36.69 -17.46
N GLY C 166 -5.84 37.70 -16.61
CA GLY C 166 -5.04 38.85 -17.01
C GLY C 166 -3.64 38.51 -17.44
N GLY C 167 -3.13 37.33 -17.06
CA GLY C 167 -1.80 36.94 -17.50
C GLY C 167 -1.71 36.67 -18.99
N GLY C 168 -2.80 36.21 -19.60
CA GLY C 168 -2.84 36.01 -21.02
C GLY C 168 -3.26 37.26 -21.76
N THR C 169 -3.99 38.13 -21.05
CA THR C 169 -4.39 39.40 -21.64
C THR C 169 -3.18 40.28 -21.94
N VAL C 170 -2.25 40.37 -20.99
CA VAL C 170 -1.11 41.26 -21.15
C VAL C 170 -0.22 40.79 -22.30
N LEU C 171 0.02 39.47 -22.39
CA LEU C 171 0.77 38.93 -23.52
C LEU C 171 0.06 39.21 -24.83
N ARG C 172 -1.26 39.05 -24.85
CA ARG C 172 -2.01 39.36 -26.07
C ARG C 172 -1.96 40.84 -26.40
N LEU C 173 -2.08 41.70 -25.38
CA LEU C 173 -2.02 43.12 -25.62
C LEU C 173 -0.61 43.55 -26.02
N ALA C 174 0.40 43.12 -25.27
CA ALA C 174 1.78 43.47 -25.59
C ALA C 174 2.22 42.91 -26.94
N LYS C 175 1.56 41.86 -27.43
CA LYS C 175 1.85 41.38 -28.78
C LYS C 175 1.51 42.45 -29.81
N ASP C 176 0.32 43.03 -29.71
CA ASP C 176 -0.12 44.02 -30.69
C ASP C 176 0.62 45.33 -30.55
N LEU C 177 1.03 45.70 -29.33
CA LEU C 177 1.74 46.95 -29.13
C LEU C 177 3.15 46.88 -29.71
N ALA C 178 3.79 45.72 -29.62
CA ALA C 178 5.17 45.57 -30.08
C ALA C 178 5.25 45.36 -31.59
N GLU C 179 4.31 44.60 -32.16
CA GLU C 179 4.38 44.27 -33.59
C GLU C 179 3.95 45.42 -34.48
N ASN C 180 3.27 46.43 -33.94
CA ASN C 180 2.82 47.57 -34.73
C ASN C 180 3.70 48.80 -34.52
N ASN C 181 4.57 48.79 -33.53
CA ASN C 181 5.43 49.93 -33.23
C ASN C 181 6.89 49.49 -33.35
N ALA C 182 7.60 50.05 -34.32
CA ALA C 182 8.97 49.63 -34.62
C ALA C 182 9.92 50.09 -33.52
N GLY C 183 10.78 49.18 -33.07
CA GLY C 183 11.73 49.49 -32.02
C GLY C 183 11.15 49.64 -30.64
N ALA C 184 9.88 49.26 -30.44
CA ALA C 184 9.23 49.42 -29.15
C ALA C 184 9.63 48.29 -28.20
N ARG C 185 9.71 48.62 -26.91
CA ARG C 185 10.01 47.65 -25.86
C ARG C 185 8.98 47.79 -24.75
N VAL C 186 8.26 46.70 -24.49
CA VAL C 186 7.05 46.72 -23.66
C VAL C 186 7.36 46.04 -22.32
N LEU C 187 7.25 46.79 -21.22
CA LEU C 187 7.42 46.24 -19.89
C LEU C 187 6.04 45.82 -19.36
N VAL C 188 5.84 44.53 -19.19
CA VAL C 188 4.59 43.97 -18.69
C VAL C 188 4.81 43.57 -17.23
N VAL C 189 3.90 43.99 -16.36
CA VAL C 189 4.00 43.73 -14.93
C VAL C 189 2.64 43.27 -14.41
N CYS C 190 2.64 42.20 -13.62
CA CYS C 190 1.47 41.68 -12.93
C CYS C 190 1.79 41.61 -11.44
N SER C 191 1.06 42.38 -10.62
CA SER C 191 1.30 42.45 -9.19
C SER C 191 0.02 42.08 -8.46
N GLU C 192 0.08 41.08 -7.59
CA GLU C 192 -1.12 40.56 -6.93
C GLU C 192 -0.83 40.33 -5.46
N ILE C 193 -1.87 40.50 -4.62
CA ILE C 193 -1.72 40.51 -3.16
C ILE C 193 -2.89 39.76 -2.51
N THR C 194 -2.63 39.24 -1.30
CA THR C 194 -3.67 38.59 -0.49
C THR C 194 -4.81 39.56 -0.19
N THR C 195 -4.47 40.66 0.48
CA THR C 195 -5.39 41.50 1.25
C THR C 195 -6.65 41.97 0.54
N ALA C 196 -6.97 41.41 -0.62
CA ALA C 196 -8.30 41.57 -1.21
C ALA C 196 -9.23 40.42 -0.85
N VAL C 197 -8.73 39.42 -0.14
CA VAL C 197 -9.41 38.13 0.01
C VAL C 197 -9.62 37.79 1.48
N ASN C 198 -8.69 38.19 2.34
CA ASN C 198 -8.72 37.74 3.74
C ASN C 198 -9.93 38.31 4.45
N PHE C 199 -10.86 37.42 4.83
CA PHE C 199 -11.98 37.73 5.71
C PHE C 199 -11.89 36.83 6.94
N ARG C 200 -12.71 37.13 7.94
CA ARG C 200 -12.73 36.30 9.14
C ARG C 200 -13.38 34.95 8.84
N GLY C 201 -13.13 34.01 9.73
CA GLY C 201 -13.72 32.69 9.69
C GLY C 201 -15.22 32.68 9.42
N PRO C 202 -16.02 33.49 10.20
CA PRO C 202 -17.49 33.35 10.15
C PRO C 202 -18.08 33.00 8.79
N SER C 203 -18.87 31.93 8.78
CA SER C 203 -19.42 31.41 7.54
C SER C 203 -20.63 30.52 7.79
N ASP C 204 -20.59 29.31 7.24
CA ASP C 204 -21.76 28.55 6.80
C ASP C 204 -22.35 29.28 5.60
N THR C 205 -22.52 30.60 5.72
CA THR C 205 -22.73 31.46 4.57
C THR C 205 -21.38 31.74 3.91
N HIS C 206 -21.33 31.66 2.58
CA HIS C 206 -20.11 31.93 1.82
C HIS C 206 -18.96 31.01 2.21
N LEU C 207 -18.93 29.81 1.62
CA LEU C 207 -17.83 28.88 1.82
C LEU C 207 -16.70 29.06 0.81
N ASP C 208 -16.94 29.78 -0.29
CA ASP C 208 -15.89 30.05 -1.26
C ASP C 208 -14.76 30.86 -0.66
N LEU C 209 -15.00 31.54 0.46
CA LEU C 209 -13.94 32.29 1.12
C LEU C 209 -12.88 31.35 1.68
N LEU C 210 -13.29 30.18 2.19
CA LEU C 210 -12.30 29.21 2.65
C LEU C 210 -11.42 28.75 1.50
N VAL C 211 -11.99 28.58 0.30
CA VAL C 211 -11.20 28.12 -0.83
C VAL C 211 -10.20 29.20 -1.24
N GLY C 212 -10.61 30.47 -1.17
CA GLY C 212 -9.70 31.55 -1.49
C GLY C 212 -8.56 31.68 -0.49
N LEU C 213 -8.87 31.59 0.80
CA LEU C 213 -7.83 31.63 1.82
C LEU C 213 -6.95 30.39 1.77
N ALA C 214 -7.41 29.31 1.14
CA ALA C 214 -6.58 28.13 1.03
C ALA C 214 -5.59 28.20 -0.13
N LEU C 215 -5.92 28.94 -1.18
CA LEU C 215 -5.16 28.90 -2.42
C LEU C 215 -4.37 30.17 -2.71
N PHE C 216 -4.95 31.35 -2.50
CA PHE C 216 -4.40 32.58 -3.08
C PHE C 216 -3.22 33.09 -2.28
N GLY C 217 -2.22 33.64 -3.00
CA GLY C 217 -1.02 34.18 -2.40
C GLY C 217 -0.57 35.47 -3.06
N ASP C 218 0.64 35.93 -2.75
CA ASP C 218 1.16 37.21 -3.23
C ASP C 218 2.37 36.99 -4.12
N GLY C 219 2.49 37.80 -5.16
CA GLY C 219 3.65 37.72 -6.04
C GLY C 219 3.50 38.67 -7.21
N ALA C 220 4.66 39.01 -7.78
CA ALA C 220 4.72 39.94 -8.90
C ALA C 220 5.66 39.39 -9.96
N ALA C 221 5.23 39.43 -11.21
CA ALA C 221 6.01 38.96 -12.33
C ALA C 221 6.12 40.08 -13.36
N ALA C 222 7.18 40.04 -14.15
CA ALA C 222 7.42 41.05 -15.16
C ALA C 222 8.09 40.41 -16.36
N VAL C 223 7.83 40.98 -17.54
CA VAL C 223 8.47 40.55 -18.78
C VAL C 223 8.69 41.76 -19.66
N ILE C 224 9.69 41.65 -20.53
CA ILE C 224 9.94 42.63 -21.58
C ILE C 224 9.58 41.96 -22.90
N VAL C 225 8.59 42.53 -23.58
CA VAL C 225 8.10 42.02 -24.86
C VAL C 225 8.47 43.02 -25.94
N GLY C 226 9.11 42.54 -26.99
CA GLY C 226 9.45 43.38 -28.13
C GLY C 226 9.53 42.55 -29.39
N ALA C 227 9.25 43.18 -30.52
CA ALA C 227 9.32 42.54 -31.81
C ALA C 227 10.63 42.92 -32.51
N ASP C 228 11.10 42.01 -33.37
CA ASP C 228 12.41 42.13 -34.02
C ASP C 228 13.49 42.36 -32.96
N PRO C 229 13.83 41.36 -32.16
CA PRO C 229 14.84 41.55 -31.13
C PRO C 229 16.19 41.84 -31.75
N ASP C 230 17.03 42.47 -30.96
CA ASP C 230 18.40 42.74 -31.35
C ASP C 230 19.24 41.55 -30.89
N PRO C 231 19.56 40.61 -31.79
CA PRO C 231 20.15 39.34 -31.37
C PRO C 231 21.62 39.44 -30.98
N THR C 232 22.09 40.66 -30.71
CA THR C 232 23.38 40.87 -30.08
C THR C 232 23.25 41.05 -28.57
N LEU C 233 22.49 42.08 -28.16
CA LEU C 233 22.34 42.48 -26.77
C LEU C 233 21.12 41.87 -26.12
N GLU C 234 20.19 41.35 -26.90
CA GLU C 234 18.92 40.83 -26.42
C GLU C 234 18.81 39.36 -26.78
N ARG C 235 18.34 38.57 -25.83
CA ARG C 235 18.24 37.13 -25.98
C ARG C 235 16.76 36.73 -25.99
N PRO C 236 16.22 36.31 -27.13
CA PRO C 236 14.82 35.86 -27.16
C PRO C 236 14.60 34.69 -26.22
N LEU C 237 13.34 34.44 -25.89
CA LEU C 237 12.98 33.28 -25.08
C LEU C 237 11.76 32.58 -25.68
N PHE C 238 10.64 33.30 -25.77
CA PHE C 238 9.43 32.76 -26.33
C PHE C 238 8.82 33.77 -27.30
N GLN C 239 8.23 33.27 -28.38
CA GLN C 239 7.55 34.10 -29.36
C GLN C 239 6.05 34.02 -29.10
N ILE C 240 5.41 35.17 -28.91
CA ILE C 240 3.96 35.20 -28.76
C ILE C 240 3.34 35.03 -30.14
N VAL C 241 2.83 33.82 -30.42
CA VAL C 241 2.35 33.51 -31.76
C VAL C 241 0.93 34.05 -31.97
N SER C 242 0.06 33.88 -30.98
CA SER C 242 -1.32 34.34 -31.12
C SER C 242 -1.92 34.51 -29.72
N GLY C 243 -3.05 35.20 -29.68
CA GLY C 243 -3.78 35.39 -28.44
C GLY C 243 -5.27 35.51 -28.67
N ALA C 244 -6.05 34.62 -28.07
CA ALA C 244 -7.50 34.60 -28.24
C ALA C 244 -8.18 34.55 -26.88
N GLN C 245 -9.33 35.21 -26.80
CA GLN C 245 -10.12 35.26 -25.59
C GLN C 245 -11.56 34.87 -25.91
N THR C 246 -12.12 33.96 -25.11
CA THR C 246 -13.46 33.46 -25.35
C THR C 246 -14.22 33.33 -24.04
N ILE C 247 -15.55 33.45 -24.13
CA ILE C 247 -16.44 33.24 -23.00
C ILE C 247 -17.05 31.85 -23.12
N LEU C 248 -16.92 31.05 -22.08
CA LEU C 248 -17.39 29.68 -22.14
C LEU C 248 -18.91 29.62 -22.17
N PRO C 249 -19.51 28.73 -22.95
CA PRO C 249 -20.96 28.70 -23.05
C PRO C 249 -21.60 28.29 -21.73
N ASP C 250 -22.74 28.90 -21.43
CA ASP C 250 -23.51 28.62 -20.21
C ASP C 250 -22.65 28.79 -18.97
N SER C 251 -21.95 29.92 -18.88
CA SER C 251 -21.11 30.23 -17.73
C SER C 251 -21.53 31.53 -17.05
N GLU C 252 -22.77 31.96 -17.23
CA GLU C 252 -23.20 33.23 -16.66
C GLU C 252 -23.18 33.13 -15.13
N GLY C 253 -22.45 34.04 -14.50
CA GLY C 253 -22.31 34.03 -13.05
C GLY C 253 -21.32 33.04 -12.51
N ALA C 254 -20.54 32.37 -13.37
CA ALA C 254 -19.64 31.32 -12.91
C ALA C 254 -18.68 31.83 -11.85
N ILE C 255 -18.23 33.07 -11.99
CA ILE C 255 -17.52 33.77 -10.93
C ILE C 255 -17.95 35.23 -11.00
N ASN C 256 -18.50 35.75 -9.90
CA ASN C 256 -18.92 37.15 -9.83
C ASN C 256 -18.30 37.76 -8.60
N GLY C 257 -17.49 38.81 -8.79
CA GLY C 257 -16.84 39.47 -7.68
C GLY C 257 -17.23 40.92 -7.59
N HIS C 258 -17.94 41.29 -6.53
CA HIS C 258 -18.44 42.64 -6.32
C HIS C 258 -17.65 43.32 -5.23
N LEU C 259 -17.17 44.54 -5.51
CA LEU C 259 -16.35 45.30 -4.57
C LEU C 259 -17.23 46.32 -3.87
N ARG C 260 -17.60 46.01 -2.62
CA ARG C 260 -18.45 46.86 -1.80
C ARG C 260 -17.63 47.46 -0.66
N GLU C 261 -18.33 48.12 0.28
CA GLU C 261 -17.66 48.67 1.45
C GLU C 261 -16.99 47.59 2.30
N VAL C 262 -17.45 46.34 2.20
CA VAL C 262 -16.81 45.26 2.95
C VAL C 262 -15.57 44.76 2.26
N GLY C 263 -15.35 45.14 1.00
CA GLY C 263 -14.24 44.64 0.22
C GLY C 263 -14.73 43.91 -1.02
N LEU C 264 -13.89 42.98 -1.49
CA LEU C 264 -14.22 42.19 -2.66
C LEU C 264 -14.87 40.88 -2.23
N THR C 265 -16.17 40.78 -2.42
CA THR C 265 -16.91 39.56 -2.11
C THR C 265 -17.09 38.77 -3.40
N ILE C 266 -16.48 37.59 -3.47
CA ILE C 266 -16.50 36.74 -4.65
C ILE C 266 -17.37 35.52 -4.37
N ARG C 267 -18.24 35.18 -5.32
CA ARG C 267 -19.11 34.02 -5.20
C ARG C 267 -19.18 33.30 -6.53
N LEU C 268 -18.93 31.99 -6.50
CA LEU C 268 -18.98 31.15 -7.69
C LEU C 268 -20.35 30.49 -7.80
N LEU C 269 -20.80 30.30 -9.04
CA LEU C 269 -22.06 29.64 -9.34
C LEU C 269 -21.88 28.29 -10.02
N LYS C 270 -20.89 28.15 -10.89
CA LYS C 270 -20.71 26.95 -11.69
C LYS C 270 -19.55 26.12 -11.18
N ASP C 271 -19.45 24.90 -11.72
CA ASP C 271 -18.36 23.99 -11.42
C ASP C 271 -17.18 24.33 -12.33
N VAL C 272 -16.27 25.18 -11.83
CA VAL C 272 -15.19 25.68 -12.67
C VAL C 272 -14.30 24.57 -13.22
N PRO C 273 -13.78 23.64 -12.40
CA PRO C 273 -12.94 22.59 -12.99
C PRO C 273 -13.67 21.72 -14.01
N GLY C 274 -15.00 21.69 -13.98
CA GLY C 274 -15.78 20.91 -14.91
C GLY C 274 -16.22 21.74 -16.09
N LEU C 275 -16.21 23.06 -15.93
CA LEU C 275 -16.53 23.96 -17.03
C LEU C 275 -15.32 24.28 -17.88
N VAL C 276 -14.13 24.41 -17.28
CA VAL C 276 -12.92 24.60 -18.08
C VAL C 276 -12.57 23.32 -18.83
N SER C 277 -12.82 22.16 -18.22
CA SER C 277 -12.87 20.94 -19.01
C SER C 277 -14.19 20.90 -19.78
N MET C 278 -14.29 19.96 -20.73
CA MET C 278 -15.42 19.89 -21.65
C MET C 278 -15.49 21.14 -22.51
N ASN C 279 -14.50 22.03 -22.40
CA ASN C 279 -14.41 23.23 -23.21
C ASN C 279 -12.99 23.64 -23.57
N ILE C 280 -11.97 23.16 -22.85
CA ILE C 280 -10.60 23.55 -23.16
C ILE C 280 -10.15 22.96 -24.50
N GLU C 281 -10.72 21.81 -24.89
CA GLU C 281 -10.33 21.21 -26.16
C GLU C 281 -10.72 22.09 -27.34
N LYS C 282 -11.91 22.69 -27.28
CA LYS C 282 -12.33 23.57 -28.36
C LYS C 282 -11.41 24.78 -28.48
N CYS C 283 -10.88 25.26 -27.35
CA CYS C 283 -9.91 26.36 -27.39
C CYS C 283 -8.60 25.91 -28.02
N LEU C 284 -8.14 24.71 -27.66
CA LEU C 284 -6.90 24.19 -28.24
C LEU C 284 -7.04 23.94 -29.73
N MET C 285 -8.20 23.48 -30.18
CA MET C 285 -8.42 23.25 -31.60
C MET C 285 -8.46 24.57 -32.37
N GLU C 286 -9.22 25.55 -31.86
CA GLU C 286 -9.29 26.85 -32.56
C GLU C 286 -7.94 27.55 -32.56
N ALA C 287 -7.11 27.32 -31.55
CA ALA C 287 -5.77 27.91 -31.51
C ALA C 287 -4.75 27.11 -32.30
N PHE C 288 -4.86 25.78 -32.32
CA PHE C 288 -3.90 24.91 -33.01
C PHE C 288 -4.45 24.34 -34.30
N ALA C 289 -5.46 24.98 -34.87
CA ALA C 289 -5.91 24.66 -36.22
C ALA C 289 -4.91 25.09 -37.29
N PRO C 290 -4.28 26.29 -37.21
CA PRO C 290 -3.42 26.72 -38.32
C PRO C 290 -2.29 25.75 -38.65
N MET C 291 -1.66 25.14 -37.65
CA MET C 291 -0.55 24.22 -37.88
C MET C 291 -0.99 22.76 -37.93
N GLY C 292 -2.28 22.49 -37.84
CA GLY C 292 -2.76 21.11 -37.92
C GLY C 292 -2.29 20.25 -36.77
N ILE C 293 -2.30 20.79 -35.55
CA ILE C 293 -1.85 20.07 -34.37
C ILE C 293 -3.08 19.68 -33.54
N HIS C 294 -3.14 18.41 -33.13
CA HIS C 294 -4.19 17.97 -32.22
C HIS C 294 -3.69 17.06 -31.11
N ASP C 295 -2.40 16.72 -31.08
CA ASP C 295 -1.83 15.94 -30.00
C ASP C 295 -1.25 16.90 -28.96
N TRP C 296 -1.90 16.98 -27.80
CA TRP C 296 -1.51 17.92 -26.76
C TRP C 296 -0.41 17.39 -25.84
N ASN C 297 0.20 16.25 -26.19
CA ASN C 297 1.39 15.78 -25.50
C ASN C 297 2.67 16.02 -26.30
N SER C 298 2.55 16.59 -27.50
CA SER C 298 3.66 17.05 -28.33
C SER C 298 4.02 18.52 -28.09
N ILE C 299 3.44 19.14 -27.06
CA ILE C 299 3.51 20.58 -26.86
C ILE C 299 3.87 20.86 -25.40
N PHE C 300 4.30 22.09 -25.12
CA PHE C 300 4.59 22.47 -23.73
C PHE C 300 3.49 23.37 -23.19
N TRP C 301 3.22 23.23 -21.90
CA TRP C 301 2.02 23.77 -21.26
C TRP C 301 2.36 24.76 -20.17
N ILE C 302 1.64 25.88 -20.17
CA ILE C 302 1.63 26.79 -19.03
C ILE C 302 0.16 27.15 -18.76
N ALA C 303 -0.45 26.44 -17.82
CA ALA C 303 -1.87 26.62 -17.51
C ALA C 303 -2.01 27.29 -16.16
N HIS C 304 -2.85 28.32 -16.09
CA HIS C 304 -3.08 29.03 -14.84
C HIS C 304 -3.59 28.05 -13.79
N PRO C 305 -2.89 27.89 -12.66
CA PRO C 305 -3.31 26.92 -11.63
C PRO C 305 -4.33 27.49 -10.66
N GLY C 306 -5.53 27.78 -11.18
CA GLY C 306 -6.61 28.26 -10.34
C GLY C 306 -6.91 27.34 -9.18
N GLY C 307 -6.50 26.08 -9.28
CA GLY C 307 -6.58 25.12 -8.20
C GLY C 307 -6.19 23.74 -8.67
N PRO C 308 -5.92 22.84 -7.73
CA PRO C 308 -5.51 21.48 -8.13
C PRO C 308 -6.62 20.70 -8.82
N THR C 309 -7.87 20.91 -8.42
CA THR C 309 -8.98 20.21 -9.08
C THR C 309 -9.05 20.55 -10.56
N ILE C 310 -8.74 21.80 -10.92
CA ILE C 310 -8.81 22.23 -12.31
C ILE C 310 -7.78 21.48 -13.14
N LEU C 311 -6.53 21.48 -12.68
CA LEU C 311 -5.46 20.79 -13.41
C LEU C 311 -5.74 19.29 -13.50
N ASP C 312 -6.22 18.70 -12.40
CA ASP C 312 -6.49 17.26 -12.39
C ASP C 312 -7.53 16.89 -13.44
N GLN C 313 -8.66 17.62 -13.48
CA GLN C 313 -9.73 17.28 -14.41
C GLN C 313 -9.34 17.56 -15.85
N VAL C 314 -8.52 18.60 -16.10
CA VAL C 314 -8.08 18.87 -17.46
C VAL C 314 -7.10 17.81 -17.91
N GLU C 315 -6.18 17.40 -17.03
CA GLU C 315 -5.24 16.35 -17.37
C GLU C 315 -5.95 15.02 -17.62
N ALA C 316 -7.04 14.77 -16.89
CA ALA C 316 -7.75 13.50 -17.04
C ALA C 316 -8.51 13.45 -18.36
N LYS C 317 -9.18 14.54 -18.73
CA LYS C 317 -10.01 14.53 -19.93
C LYS C 317 -9.14 14.48 -21.19
N LEU C 318 -8.07 15.27 -21.24
CA LEU C 318 -7.25 15.40 -22.44
C LEU C 318 -6.21 14.29 -22.59
N GLY C 319 -5.94 13.55 -21.52
CA GLY C 319 -4.94 12.50 -21.59
C GLY C 319 -3.53 13.04 -21.60
N LEU C 320 -3.24 13.91 -20.63
CA LEU C 320 -1.92 14.53 -20.54
C LEU C 320 -0.95 13.62 -19.81
N LYS C 321 0.31 13.62 -20.26
CA LYS C 321 1.34 12.93 -19.51
C LYS C 321 1.58 13.62 -18.17
N GLU C 322 2.20 12.88 -17.25
CA GLU C 322 2.31 13.35 -15.88
C GLU C 322 3.08 14.66 -15.78
N GLU C 323 4.12 14.82 -16.61
CA GLU C 323 5.02 15.96 -16.54
C GLU C 323 4.54 17.16 -17.35
N LYS C 324 3.45 17.02 -18.10
CA LYS C 324 3.02 18.09 -19.01
C LYS C 324 2.72 19.38 -18.28
N LEU C 325 2.20 19.29 -17.06
CA LEU C 325 1.96 20.45 -16.22
C LEU C 325 2.79 20.39 -14.94
N LYS C 326 3.95 19.74 -15.01
CA LYS C 326 4.83 19.65 -13.84
C LYS C 326 5.31 21.03 -13.41
N SER C 327 5.75 21.85 -14.37
CA SER C 327 6.14 23.22 -14.04
C SER C 327 4.99 23.95 -13.35
N THR C 328 3.77 23.76 -13.84
CA THR C 328 2.59 24.36 -13.22
C THR C 328 2.46 23.89 -11.77
N ARG C 329 2.56 22.59 -11.55
CA ARG C 329 2.44 22.04 -10.20
C ARG C 329 3.67 22.35 -9.34
N ALA C 330 4.72 22.93 -9.91
CA ALA C 330 5.84 23.41 -9.13
C ALA C 330 5.59 24.82 -8.58
N VAL C 331 5.03 25.71 -9.41
CA VAL C 331 4.76 27.06 -8.95
C VAL C 331 3.60 27.07 -7.97
N LEU C 332 2.59 26.24 -8.21
CA LEU C 332 1.49 26.12 -7.25
C LEU C 332 1.98 25.62 -5.90
N ARG C 333 3.07 24.84 -5.88
CA ARG C 333 3.54 24.22 -4.65
C ARG C 333 4.22 25.22 -3.74
N GLU C 334 5.24 25.93 -4.26
CA GLU C 334 6.05 26.82 -3.46
C GLU C 334 5.57 28.27 -3.47
N TYR C 335 4.57 28.59 -4.27
CA TYR C 335 4.04 29.96 -4.33
C TYR C 335 2.52 30.05 -4.26
N GLY C 336 1.79 28.95 -4.50
CA GLY C 336 0.36 29.03 -4.47
C GLY C 336 -0.19 29.71 -5.72
N ASN C 337 -1.40 30.23 -5.58
CA ASN C 337 -2.06 30.97 -6.65
C ASN C 337 -1.82 32.46 -6.41
N MET C 338 -1.19 33.12 -7.36
CA MET C 338 -0.92 34.55 -7.27
C MET C 338 -1.63 35.32 -8.38
N SER C 339 -2.79 34.81 -8.79
CA SER C 339 -3.71 35.47 -9.72
C SER C 339 -2.99 35.63 -11.07
N SER C 340 -3.02 36.81 -11.68
CA SER C 340 -2.59 36.95 -13.07
C SER C 340 -1.10 36.67 -13.24
N ALA C 341 -0.29 36.93 -12.22
CA ALA C 341 1.15 36.72 -12.36
C ALA C 341 1.52 35.24 -12.40
N CYS C 342 0.57 34.35 -12.10
CA CYS C 342 0.90 32.92 -11.98
C CYS C 342 1.50 32.40 -13.27
N VAL C 343 0.87 32.68 -14.41
CA VAL C 343 1.29 32.07 -15.67
C VAL C 343 2.71 32.51 -16.03
N LEU C 344 3.07 33.76 -15.75
CA LEU C 344 4.44 34.20 -16.02
C LEU C 344 5.42 33.60 -15.02
N PHE C 345 4.99 33.39 -13.77
CA PHE C 345 5.80 32.64 -12.82
C PHE C 345 6.04 31.23 -13.33
N ILE C 346 5.06 30.64 -14.02
CA ILE C 346 5.22 29.30 -14.56
C ILE C 346 6.09 29.33 -15.82
N LEU C 347 5.91 30.36 -16.65
CA LEU C 347 6.73 30.51 -17.84
C LEU C 347 8.21 30.59 -17.47
N ASP C 348 8.52 31.33 -16.41
CA ASP C 348 9.89 31.42 -15.95
C ASP C 348 10.43 30.05 -15.51
N GLU C 349 9.62 29.29 -14.78
CA GLU C 349 10.06 27.98 -14.34
C GLU C 349 10.22 27.03 -15.52
N VAL C 350 9.36 27.15 -16.52
CA VAL C 350 9.50 26.34 -17.74
C VAL C 350 10.86 26.58 -18.38
N ARG C 351 11.32 27.83 -18.36
CA ARG C 351 12.64 28.15 -18.92
C ARG C 351 13.77 27.73 -17.98
N LYS C 352 13.60 27.94 -16.68
CA LYS C 352 14.65 27.59 -15.72
C LYS C 352 14.93 26.09 -15.74
N ARG C 353 13.88 25.27 -15.55
CA ARG C 353 14.09 23.83 -15.53
C ARG C 353 14.47 23.29 -16.91
N SER C 354 14.10 23.95 -18.00
CA SER C 354 14.57 23.54 -19.31
C SER C 354 16.06 23.79 -19.46
N MET C 355 16.56 24.88 -18.88
CA MET C 355 18.00 25.12 -18.85
C MET C 355 18.70 24.21 -17.85
N GLU C 356 17.94 23.64 -16.90
CA GLU C 356 18.55 22.73 -15.93
C GLU C 356 18.68 21.32 -16.49
N GLU C 357 17.68 20.85 -17.23
CA GLU C 357 17.68 19.51 -17.80
C GLU C 357 18.37 19.44 -19.17
N GLY C 358 18.94 20.54 -19.63
CA GLY C 358 19.71 20.52 -20.88
C GLY C 358 18.90 20.24 -22.12
N LYS C 359 17.60 20.57 -22.11
CA LYS C 359 16.75 20.29 -23.26
C LYS C 359 17.12 21.21 -24.42
N THR C 360 16.45 21.01 -25.56
CA THR C 360 16.87 21.67 -26.78
C THR C 360 16.32 23.08 -26.91
N THR C 361 15.20 23.40 -26.25
CA THR C 361 14.57 24.70 -26.36
C THR C 361 14.12 25.19 -24.99
N THR C 362 13.62 26.43 -24.97
CA THR C 362 13.09 27.01 -23.74
C THR C 362 11.79 26.35 -23.30
N GLY C 363 11.07 25.70 -24.21
CA GLY C 363 9.84 25.03 -23.87
C GLY C 363 10.04 23.54 -23.67
N GLU C 364 11.01 23.18 -22.83
CA GLU C 364 11.27 21.80 -22.45
C GLU C 364 11.50 20.89 -23.66
N GLY C 365 12.10 21.43 -24.72
CA GLY C 365 12.39 20.65 -25.91
C GLY C 365 11.27 20.56 -26.91
N PHE C 366 10.34 21.51 -26.89
CA PHE C 366 9.17 21.48 -27.77
C PHE C 366 9.11 22.74 -28.62
N ASP C 367 8.49 22.62 -29.79
CA ASP C 367 8.41 23.72 -30.73
C ASP C 367 7.23 24.66 -30.45
N TRP C 368 6.08 24.12 -30.08
CA TRP C 368 4.88 24.91 -29.84
C TRP C 368 4.43 24.78 -28.40
N GLY C 369 3.83 25.84 -27.86
CA GLY C 369 3.39 25.84 -26.48
C GLY C 369 2.11 26.62 -26.32
N VAL C 370 1.47 26.42 -25.16
CA VAL C 370 0.18 27.03 -24.87
C VAL C 370 0.23 27.71 -23.51
N LEU C 371 -0.52 28.81 -23.39
CA LEU C 371 -0.61 29.56 -22.15
C LEU C 371 -2.09 29.86 -21.89
N PHE C 372 -2.57 29.45 -20.72
CA PHE C 372 -4.00 29.47 -20.41
C PHE C 372 -4.28 30.37 -19.23
N GLY C 373 -5.37 31.14 -19.32
CA GLY C 373 -5.79 32.02 -18.25
C GLY C 373 -7.28 31.94 -18.01
N PHE C 374 -7.66 31.50 -16.82
CA PHE C 374 -9.06 31.23 -16.47
C PHE C 374 -9.52 32.28 -15.46
N GLY C 375 -10.59 33.00 -15.79
CA GLY C 375 -11.10 34.04 -14.94
C GLY C 375 -12.56 34.35 -15.17
N PRO C 376 -13.05 35.41 -14.53
CA PRO C 376 -14.48 35.70 -14.57
C PRO C 376 -15.00 35.86 -15.99
N GLY C 377 -16.24 35.42 -16.20
CA GLY C 377 -16.81 35.44 -17.53
C GLY C 377 -17.89 34.40 -17.78
N PHE C 378 -17.51 33.12 -17.89
CA PHE C 378 -16.15 32.67 -17.65
C PHE C 378 -15.23 32.86 -18.86
N THR C 379 -14.05 33.43 -18.63
CA THR C 379 -13.13 33.80 -19.69
C THR C 379 -11.96 32.82 -19.74
N VAL C 380 -11.67 32.32 -20.93
CA VAL C 380 -10.54 31.43 -21.16
C VAL C 380 -9.64 32.11 -22.18
N GLU C 381 -8.44 32.49 -21.75
CA GLU C 381 -7.46 33.15 -22.59
C GLU C 381 -6.44 32.12 -23.06
N THR C 382 -6.33 31.96 -24.37
CA THR C 382 -5.40 31.01 -24.95
C THR C 382 -4.33 31.77 -25.73
N VAL C 383 -3.08 31.62 -25.31
CA VAL C 383 -1.95 32.31 -25.92
C VAL C 383 -0.97 31.26 -26.44
N VAL C 384 -0.85 31.16 -27.76
CA VAL C 384 0.07 30.21 -28.37
C VAL C 384 1.47 30.81 -28.37
N LEU C 385 2.42 30.07 -27.80
CA LEU C 385 3.81 30.50 -27.77
C LEU C 385 4.66 29.53 -28.58
N HIS C 386 5.82 30.03 -29.02
CA HIS C 386 6.83 29.22 -29.68
C HIS C 386 8.14 29.38 -28.94
N SER C 387 8.77 28.26 -28.61
CA SER C 387 10.03 28.30 -27.87
C SER C 387 11.18 28.69 -28.79
N MET C 388 12.35 28.89 -28.18
CA MET C 388 13.58 29.22 -28.88
C MET C 388 14.65 28.19 -28.56
N PRO C 389 15.42 27.74 -29.56
CA PRO C 389 16.47 26.76 -29.29
C PRO C 389 17.53 27.32 -28.37
N ILE C 390 17.94 26.52 -27.39
CA ILE C 390 18.96 26.94 -26.44
C ILE C 390 20.18 26.04 -26.56
N PRO C 391 21.40 26.60 -26.47
CA PRO C 391 22.66 25.85 -26.45
C PRO C 391 23.21 25.64 -25.05
N ALA D 10 -46.53 -1.79 46.98
CA ALA D 10 -47.36 -2.47 46.00
C ALA D 10 -47.36 -1.73 44.66
N GLN D 11 -48.26 -2.12 43.78
CA GLN D 11 -48.40 -1.59 42.41
C GLN D 11 -47.04 -1.32 41.76
N ARG D 12 -46.26 -2.38 41.65
CA ARG D 12 -44.94 -2.33 41.02
C ARG D 12 -44.71 -3.63 40.25
N ALA D 13 -43.89 -3.55 39.21
CA ALA D 13 -43.50 -4.73 38.46
C ALA D 13 -42.30 -5.40 39.13
N LYS D 14 -42.00 -6.61 38.68
CA LYS D 14 -40.93 -7.40 39.29
C LYS D 14 -39.68 -7.47 38.44
N GLY D 15 -39.83 -7.61 37.11
CA GLY D 15 -38.70 -7.86 36.25
C GLY D 15 -38.31 -6.67 35.40
N PRO D 16 -37.28 -6.82 34.58
CA PRO D 16 -36.86 -5.72 33.72
C PRO D 16 -37.85 -5.48 32.59
N ALA D 17 -37.89 -4.23 32.13
CA ALA D 17 -38.75 -3.89 30.99
C ALA D 17 -38.17 -4.51 29.73
N THR D 18 -38.96 -5.35 29.07
CA THR D 18 -38.55 -6.03 27.86
C THR D 18 -39.38 -5.54 26.68
N VAL D 19 -38.77 -5.50 25.50
CA VAL D 19 -39.50 -5.21 24.27
C VAL D 19 -40.10 -6.52 23.78
N LEU D 20 -41.37 -6.47 23.34
CA LEU D 20 -42.11 -7.66 22.99
C LEU D 20 -42.47 -7.75 21.51
N ALA D 21 -42.41 -6.64 20.78
CA ALA D 21 -42.74 -6.64 19.37
C ALA D 21 -42.19 -5.37 18.76
N ILE D 22 -41.86 -5.44 17.47
CA ILE D 22 -41.36 -4.28 16.73
C ILE D 22 -42.12 -4.20 15.42
N GLY D 23 -42.69 -3.03 15.13
CA GLY D 23 -43.34 -2.77 13.87
C GLY D 23 -42.69 -1.59 13.19
N THR D 24 -42.71 -1.61 11.85
CA THR D 24 -42.11 -0.56 11.06
C THR D 24 -43.08 -0.16 9.95
N ALA D 25 -42.93 1.07 9.47
CA ALA D 25 -43.77 1.55 8.38
C ALA D 25 -43.02 2.64 7.63
N THR D 26 -43.28 2.73 6.33
CA THR D 26 -42.66 3.71 5.47
C THR D 26 -43.69 4.18 4.45
N PRO D 27 -43.45 5.33 3.81
CA PRO D 27 -44.33 5.75 2.71
C PRO D 27 -44.17 4.82 1.51
N ALA D 28 -45.10 4.94 0.58
CA ALA D 28 -45.06 4.16 -0.64
C ALA D 28 -44.13 4.76 -1.69
N ASN D 29 -43.86 6.06 -1.60
CA ASN D 29 -43.02 6.74 -2.58
C ASN D 29 -41.56 6.36 -2.31
N VAL D 30 -41.03 5.46 -3.14
CA VAL D 30 -39.63 5.05 -3.04
C VAL D 30 -38.79 6.00 -3.86
N VAL D 31 -37.64 6.40 -3.32
CA VAL D 31 -36.76 7.37 -3.96
C VAL D 31 -35.35 6.80 -3.91
N TYR D 32 -34.80 6.48 -5.07
CA TYR D 32 -33.46 5.94 -5.15
C TYR D 32 -32.43 7.05 -5.22
N GLN D 33 -31.26 6.80 -4.63
CA GLN D 33 -30.22 7.83 -4.60
C GLN D 33 -29.65 8.08 -5.99
N THR D 34 -29.66 7.07 -6.87
CA THR D 34 -29.14 7.21 -8.24
C THR D 34 -30.01 8.18 -9.04
N ASP D 35 -31.04 8.73 -8.41
CA ASP D 35 -31.98 9.61 -9.07
C ASP D 35 -32.14 10.98 -8.41
N TYR D 36 -31.60 11.19 -7.22
CA TYR D 36 -32.00 12.37 -6.45
C TYR D 36 -31.24 13.66 -6.78
N PRO D 37 -29.91 13.63 -7.01
CA PRO D 37 -29.24 14.86 -7.42
C PRO D 37 -29.88 15.54 -8.63
N ASP D 38 -30.28 14.76 -9.63
CA ASP D 38 -30.98 15.33 -10.78
C ASP D 38 -32.42 15.71 -10.43
N TYR D 39 -33.13 14.82 -9.72
CA TYR D 39 -34.51 15.11 -9.35
C TYR D 39 -34.61 16.40 -8.55
N TYR D 40 -33.75 16.53 -7.53
CA TYR D 40 -33.76 17.72 -6.69
C TYR D 40 -33.52 18.97 -7.51
N PHE D 41 -32.45 18.98 -8.31
CA PHE D 41 -32.07 20.14 -9.08
C PHE D 41 -32.96 20.36 -10.29
N ARG D 42 -33.97 19.52 -10.51
CA ARG D 42 -34.96 19.73 -11.56
C ARG D 42 -36.25 20.35 -11.05
N VAL D 43 -36.76 19.87 -9.92
CA VAL D 43 -37.97 20.48 -9.35
C VAL D 43 -37.66 21.85 -8.75
N THR D 44 -36.52 21.95 -8.06
CA THR D 44 -36.10 23.24 -7.52
C THR D 44 -35.82 24.26 -8.62
N LYS D 45 -35.66 23.81 -9.87
CA LYS D 45 -35.34 24.68 -11.00
C LYS D 45 -34.03 25.42 -10.75
N SER D 46 -33.09 24.72 -10.12
CA SER D 46 -31.77 25.25 -9.79
C SER D 46 -30.68 24.62 -10.65
N GLU D 47 -31.01 24.29 -11.91
CA GLU D 47 -30.06 23.55 -12.74
C GLU D 47 -28.78 24.34 -13.01
N HIS D 48 -28.80 25.65 -12.83
CA HIS D 48 -27.64 26.48 -13.14
C HIS D 48 -26.60 26.51 -12.03
N MET D 49 -26.91 25.97 -10.84
CA MET D 49 -25.94 25.94 -9.74
C MET D 49 -25.11 24.67 -9.87
N THR D 50 -24.19 24.69 -10.84
CA THR D 50 -23.43 23.49 -11.15
C THR D 50 -22.45 23.13 -10.03
N LYS D 51 -21.96 24.12 -9.29
CA LYS D 51 -21.08 23.81 -8.17
C LYS D 51 -21.84 23.11 -7.05
N LEU D 52 -23.01 23.66 -6.69
CA LEU D 52 -23.84 23.01 -5.67
C LEU D 52 -24.25 21.61 -6.11
N LYS D 53 -24.58 21.44 -7.39
CA LYS D 53 -24.96 20.12 -7.89
C LYS D 53 -23.80 19.15 -7.77
N ASN D 54 -22.59 19.61 -8.11
CA ASN D 54 -21.41 18.76 -7.97
C ASN D 54 -21.11 18.45 -6.51
N LYS D 55 -21.41 19.38 -5.61
CA LYS D 55 -21.26 19.09 -4.19
C LYS D 55 -22.34 18.13 -3.71
N PHE D 56 -23.53 18.20 -4.31
CA PHE D 56 -24.61 17.31 -3.90
C PHE D 56 -24.40 15.90 -4.43
N GLN D 57 -23.97 15.77 -5.69
CA GLN D 57 -23.70 14.46 -6.24
C GLN D 57 -22.56 13.78 -5.50
N ARG D 58 -21.51 14.53 -5.15
CA ARG D 58 -20.45 13.97 -4.32
C ARG D 58 -20.95 13.60 -2.93
N MET D 59 -21.91 14.37 -2.39
CA MET D 59 -22.47 14.03 -1.08
C MET D 59 -23.20 12.70 -1.15
N CYS D 60 -24.02 12.49 -2.18
CA CYS D 60 -24.88 11.31 -2.25
C CYS D 60 -24.08 10.08 -2.69
N ASP D 61 -23.12 10.26 -3.60
CA ASP D 61 -22.17 9.19 -3.89
C ASP D 61 -21.46 8.73 -2.64
N ARG D 62 -21.22 9.66 -1.71
CA ARG D 62 -20.56 9.43 -0.44
C ARG D 62 -21.54 9.05 0.67
N SER D 63 -22.83 9.26 0.44
CA SER D 63 -23.82 9.17 1.52
C SER D 63 -24.06 7.74 1.99
N THR D 64 -23.60 6.73 1.24
CA THR D 64 -23.78 5.31 1.56
C THR D 64 -25.21 4.84 1.34
N ILE D 65 -26.16 5.77 1.37
CA ILE D 65 -27.59 5.44 1.23
C ILE D 65 -27.89 5.08 -0.22
N LYS D 66 -28.77 4.08 -0.41
CA LYS D 66 -29.20 3.64 -1.72
C LYS D 66 -30.60 4.14 -2.08
N LYS D 67 -31.56 3.98 -1.17
CA LYS D 67 -32.93 4.41 -1.42
C LYS D 67 -33.50 5.00 -0.13
N ARG D 68 -34.52 5.83 -0.30
CA ARG D 68 -35.21 6.44 0.82
C ARG D 68 -36.71 6.49 0.53
N TYR D 69 -37.49 6.40 1.59
CA TYR D 69 -38.94 6.51 1.52
C TYR D 69 -39.32 7.92 1.98
N MET D 70 -40.04 8.65 1.13
CA MET D 70 -40.29 10.06 1.39
C MET D 70 -41.73 10.43 1.06
N VAL D 71 -42.44 10.98 2.05
CA VAL D 71 -43.85 11.36 1.89
C VAL D 71 -44.00 12.39 0.77
N LEU D 72 -43.13 13.39 0.77
CA LEU D 72 -43.28 14.53 -0.11
C LEU D 72 -43.05 14.12 -1.56
N THR D 73 -44.11 14.12 -2.35
CA THR D 73 -44.06 13.80 -3.77
C THR D 73 -43.90 15.08 -4.59
N GLU D 74 -43.66 14.90 -5.89
CA GLU D 74 -43.66 16.03 -6.80
C GLU D 74 -45.04 16.67 -6.90
N GLU D 75 -46.10 15.89 -6.70
CA GLU D 75 -47.44 16.46 -6.72
C GLU D 75 -47.66 17.39 -5.53
N LEU D 76 -47.00 17.12 -4.41
CA LEU D 76 -47.09 17.99 -3.24
C LEU D 76 -46.25 19.24 -3.38
N LEU D 77 -45.22 19.23 -4.25
CA LEU D 77 -44.43 20.43 -4.50
C LEU D 77 -45.10 21.35 -5.50
N GLU D 78 -45.88 20.79 -6.44
CA GLU D 78 -46.59 21.61 -7.41
C GLU D 78 -47.79 22.31 -6.77
N LYS D 79 -48.37 21.72 -5.73
CA LYS D 79 -49.48 22.31 -5.01
C LYS D 79 -49.04 22.96 -3.70
N ASN D 80 -47.73 23.03 -3.45
CA ASN D 80 -47.12 23.77 -2.34
C ASN D 80 -45.77 24.28 -2.86
N LEU D 81 -45.82 25.38 -3.60
CA LEU D 81 -44.61 25.85 -4.28
C LEU D 81 -43.60 26.47 -3.32
N SER D 82 -44.03 26.96 -2.17
CA SER D 82 -43.09 27.52 -1.21
C SER D 82 -42.12 26.49 -0.65
N LEU D 83 -42.25 25.22 -1.03
CA LEU D 83 -41.30 24.19 -0.64
C LEU D 83 -40.19 24.00 -1.65
N CYS D 84 -40.35 24.56 -2.86
CA CYS D 84 -39.27 24.68 -3.82
C CYS D 84 -38.65 26.08 -3.79
N THR D 85 -38.63 26.68 -2.60
CA THR D 85 -38.12 28.00 -2.34
C THR D 85 -36.98 27.87 -1.34
N TYR D 86 -36.15 28.90 -1.22
CA TYR D 86 -35.20 28.89 -0.10
C TYR D 86 -35.90 29.15 1.22
N MET D 87 -36.08 30.43 1.54
CA MET D 87 -36.56 30.84 2.86
C MET D 87 -37.66 31.89 2.68
N GLU D 88 -38.77 31.48 2.07
CA GLU D 88 -39.98 32.27 2.03
C GLU D 88 -41.03 31.63 2.93
N PRO D 89 -42.04 32.40 3.39
CA PRO D 89 -43.01 31.86 4.34
C PRO D 89 -43.62 30.53 3.89
N SER D 90 -43.33 29.46 4.65
CA SER D 90 -43.72 28.11 4.22
C SER D 90 -44.13 27.20 5.37
N LEU D 91 -44.23 27.71 6.60
CA LEU D 91 -44.49 26.82 7.74
C LEU D 91 -45.89 26.23 7.67
N ASP D 92 -46.87 27.04 7.27
CA ASP D 92 -48.25 26.56 7.25
C ASP D 92 -48.42 25.38 6.31
N ALA D 93 -47.79 25.43 5.13
CA ALA D 93 -47.89 24.31 4.20
C ALA D 93 -47.29 23.06 4.80
N ARG D 94 -46.12 23.18 5.44
CA ARG D 94 -45.47 22.00 6.02
C ARG D 94 -46.28 21.45 7.18
N GLN D 95 -46.85 22.34 8.01
CA GLN D 95 -47.70 21.89 9.10
C GLN D 95 -48.93 21.16 8.58
N ASP D 96 -49.50 21.64 7.48
CA ASP D 96 -50.65 20.99 6.88
C ASP D 96 -50.32 19.60 6.33
N ILE D 97 -49.05 19.30 6.10
CA ILE D 97 -48.63 18.00 5.59
C ILE D 97 -48.19 17.09 6.72
N LEU D 98 -47.54 17.64 7.74
CA LEU D 98 -46.98 16.83 8.80
C LEU D 98 -48.03 16.47 9.85
N VAL D 99 -48.81 17.46 10.30
CA VAL D 99 -49.78 17.21 11.38
C VAL D 99 -50.74 16.09 11.05
N PRO D 100 -51.30 15.98 9.82
CA PRO D 100 -52.14 14.81 9.51
C PRO D 100 -51.37 13.53 9.26
N GLU D 101 -50.23 13.61 8.56
CA GLU D 101 -49.55 12.40 8.08
C GLU D 101 -48.60 11.78 9.08
N VAL D 102 -48.14 12.52 10.08
CA VAL D 102 -47.23 11.98 11.08
C VAL D 102 -47.95 10.94 11.94
N PRO D 103 -49.10 11.22 12.54
CA PRO D 103 -49.79 10.17 13.29
C PRO D 103 -50.31 9.05 12.42
N LYS D 104 -50.57 9.30 11.14
CA LYS D 104 -51.02 8.23 10.26
C LYS D 104 -49.94 7.18 10.09
N LEU D 105 -48.73 7.61 9.72
CA LEU D 105 -47.62 6.68 9.58
C LEU D 105 -47.28 6.01 10.90
N GLY D 106 -47.49 6.71 12.02
CA GLY D 106 -47.25 6.10 13.31
C GLY D 106 -48.28 5.06 13.68
N LYS D 107 -49.51 5.23 13.22
CA LYS D 107 -50.55 4.23 13.51
C LYS D 107 -50.28 2.94 12.75
N GLU D 108 -49.90 3.04 11.48
CA GLU D 108 -49.64 1.84 10.68
C GLU D 108 -48.48 1.04 11.23
N ALA D 109 -47.41 1.71 11.65
CA ALA D 109 -46.33 1.03 12.34
C ALA D 109 -46.80 0.45 13.67
N ALA D 110 -47.71 1.15 14.36
CA ALA D 110 -48.25 0.62 15.61
C ALA D 110 -49.13 -0.60 15.37
N ASP D 111 -49.86 -0.64 14.26
CA ASP D 111 -50.65 -1.83 13.94
C ASP D 111 -49.73 -3.01 13.61
N GLU D 112 -48.60 -2.74 12.95
CA GLU D 112 -47.67 -3.81 12.63
C GLU D 112 -47.09 -4.44 13.89
N ALA D 113 -46.78 -3.61 14.89
CA ALA D 113 -46.19 -4.14 16.12
C ALA D 113 -47.23 -4.87 16.97
N ILE D 114 -48.48 -4.36 16.98
CA ILE D 114 -49.53 -5.03 17.75
C ILE D 114 -49.96 -6.31 17.05
N ALA D 115 -49.92 -6.34 15.71
CA ALA D 115 -50.23 -7.57 14.99
C ALA D 115 -49.25 -8.68 15.35
N GLU D 116 -47.98 -8.35 15.50
CA GLU D 116 -46.98 -9.33 15.93
C GLU D 116 -47.05 -9.58 17.43
N TRP D 117 -47.47 -8.58 18.20
CA TRP D 117 -47.65 -8.78 19.64
C TRP D 117 -48.70 -9.84 19.91
N GLY D 118 -49.77 -9.85 19.12
CA GLY D 118 -50.82 -10.85 19.24
C GLY D 118 -51.84 -10.62 20.33
N ARG D 119 -51.71 -9.56 21.13
CA ARG D 119 -52.61 -9.30 22.24
C ARG D 119 -53.45 -8.04 21.97
N PRO D 120 -54.65 -7.95 22.54
CA PRO D 120 -55.59 -6.89 22.14
C PRO D 120 -55.13 -5.50 22.56
N LYS D 121 -55.44 -4.53 21.70
CA LYS D 121 -55.00 -3.14 21.90
C LYS D 121 -55.54 -2.56 23.19
N SER D 122 -56.68 -3.05 23.69
CA SER D 122 -57.25 -2.53 24.91
C SER D 122 -56.35 -2.76 26.12
N GLU D 123 -55.32 -3.61 25.98
CA GLU D 123 -54.38 -3.87 27.07
C GLU D 123 -53.25 -2.86 27.14
N ILE D 124 -53.10 -2.03 26.11
CA ILE D 124 -52.00 -1.07 26.07
C ILE D 124 -52.27 0.03 27.09
N THR D 125 -51.38 0.14 28.09
CA THR D 125 -51.58 1.04 29.21
C THR D 125 -50.95 2.41 29.00
N HIS D 126 -49.78 2.47 28.38
CA HIS D 126 -49.06 3.71 28.15
C HIS D 126 -48.71 3.84 26.68
N LEU D 127 -48.45 5.07 26.26
CA LEU D 127 -48.03 5.36 24.90
C LEU D 127 -47.06 6.54 24.92
N ILE D 128 -45.95 6.43 24.20
CA ILE D 128 -44.94 7.47 24.14
C ILE D 128 -44.78 7.84 22.66
N PHE D 129 -45.44 8.91 22.24
CA PHE D 129 -45.31 9.37 20.87
C PHE D 129 -44.17 10.36 20.78
N CYS D 130 -43.25 10.11 19.86
CA CYS D 130 -42.05 10.94 19.68
C CYS D 130 -41.96 11.36 18.22
N THR D 131 -41.77 12.65 17.99
CA THR D 131 -41.55 13.14 16.64
C THR D 131 -40.92 14.51 16.68
N THR D 132 -40.06 14.77 15.71
CA THR D 132 -39.44 16.07 15.49
C THR D 132 -40.19 16.92 14.48
N CYS D 133 -41.13 16.33 13.74
CA CYS D 133 -41.82 17.00 12.65
C CYS D 133 -43.22 17.40 13.08
N GLY D 134 -43.54 18.68 12.93
CA GLY D 134 -44.89 19.16 13.14
C GLY D 134 -45.27 19.30 14.59
N VAL D 135 -46.07 20.31 14.91
CA VAL D 135 -46.59 20.53 16.26
C VAL D 135 -48.06 20.88 16.15
N ASP D 136 -48.85 20.45 17.14
CA ASP D 136 -50.26 20.75 17.16
C ASP D 136 -50.81 20.50 18.55
N MET D 137 -52.00 21.04 18.80
CA MET D 137 -52.68 20.85 20.09
C MET D 137 -54.14 20.53 19.81
N PRO D 138 -54.64 19.34 20.18
CA PRO D 138 -53.88 18.26 20.83
C PRO D 138 -52.88 17.60 19.90
N GLY D 139 -51.77 17.11 20.44
CA GLY D 139 -50.67 16.66 19.63
C GLY D 139 -50.97 15.34 18.92
N ALA D 140 -49.93 14.82 18.27
CA ALA D 140 -50.05 13.52 17.63
C ALA D 140 -50.21 12.39 18.63
N ASP D 141 -49.99 12.65 19.92
CA ASP D 141 -50.28 11.65 20.93
C ASP D 141 -51.76 11.29 20.90
N TYR D 142 -52.62 12.30 20.83
CA TYR D 142 -54.06 12.07 20.85
C TYR D 142 -54.58 11.57 19.51
N GLN D 143 -54.03 12.08 18.40
CA GLN D 143 -54.50 11.64 17.08
C GLN D 143 -54.17 10.18 16.82
N LEU D 144 -53.12 9.67 17.44
CA LEU D 144 -52.84 8.23 17.34
C LEU D 144 -53.75 7.43 18.26
N THR D 145 -54.06 7.97 19.44
CA THR D 145 -54.95 7.28 20.37
C THR D 145 -56.35 7.14 19.80
N LYS D 146 -56.80 8.11 19.00
CA LYS D 146 -58.08 8.00 18.32
C LYS D 146 -58.00 7.07 17.11
N LEU D 147 -56.86 7.08 16.40
CA LEU D 147 -56.72 6.27 15.20
C LEU D 147 -56.54 4.79 15.53
N LEU D 148 -55.92 4.48 16.67
CA LEU D 148 -55.73 3.09 17.05
C LEU D 148 -56.95 2.51 17.77
N GLY D 149 -57.83 3.35 18.30
CA GLY D 149 -58.89 2.83 19.14
C GLY D 149 -58.38 2.36 20.48
N LEU D 150 -57.36 3.02 21.01
CA LEU D 150 -56.82 2.61 22.30
C LEU D 150 -57.81 2.95 23.41
N ARG D 151 -57.52 2.41 24.59
CA ARG D 151 -58.21 2.85 25.79
C ARG D 151 -58.16 4.37 25.87
N SER D 152 -59.29 4.98 26.22
CA SER D 152 -59.30 6.42 26.27
C SER D 152 -58.64 6.97 27.54
N SER D 153 -58.51 6.16 28.58
CA SER D 153 -57.74 6.53 29.76
C SER D 153 -56.28 6.13 29.65
N VAL D 154 -55.80 5.83 28.44
CA VAL D 154 -54.39 5.53 28.24
C VAL D 154 -53.56 6.73 28.68
N ARG D 155 -52.41 6.47 29.28
CA ARG D 155 -51.55 7.52 29.79
C ARG D 155 -50.44 7.75 28.79
N ARG D 156 -50.44 8.92 28.17
CA ARG D 156 -49.58 9.22 27.04
C ARG D 156 -48.56 10.30 27.39
N THR D 157 -47.47 10.30 26.62
CA THR D 157 -46.43 11.31 26.75
C THR D 157 -45.96 11.69 25.36
N MET D 158 -46.18 12.95 24.98
CA MET D 158 -45.87 13.46 23.65
C MET D 158 -44.58 14.25 23.71
N LEU D 159 -43.57 13.78 23.01
CA LEU D 159 -42.26 14.42 23.00
C LEU D 159 -42.01 15.04 21.63
N TYR D 160 -42.03 16.37 21.58
CA TYR D 160 -41.92 17.11 20.33
C TYR D 160 -40.53 17.70 20.18
N GLN D 161 -40.01 17.66 18.96
CA GLN D 161 -38.80 18.38 18.59
C GLN D 161 -37.62 17.99 19.47
N GLN D 162 -37.48 16.70 19.75
CA GLN D 162 -36.33 16.22 20.50
C GLN D 162 -35.15 15.89 19.60
N GLY D 163 -35.22 16.16 18.31
CA GLY D 163 -34.13 15.81 17.41
C GLY D 163 -34.03 14.32 17.15
N CYS D 164 -32.80 13.80 17.11
CA CYS D 164 -32.51 12.43 16.70
C CYS D 164 -32.07 11.51 17.83
N PHE D 165 -31.94 12.02 19.05
CA PHE D 165 -31.71 11.17 20.22
C PHE D 165 -33.01 10.72 20.86
N GLY D 166 -34.14 11.03 20.25
CA GLY D 166 -35.42 10.66 20.83
C GLY D 166 -35.65 9.17 20.84
N GLY D 167 -35.05 8.45 19.89
CA GLY D 167 -35.16 7.00 19.87
C GLY D 167 -34.62 6.33 21.10
N GLY D 168 -33.68 6.99 21.80
CA GLY D 168 -33.18 6.47 23.06
C GLY D 168 -33.97 7.07 24.20
N THR D 169 -34.42 8.32 24.02
CA THR D 169 -35.24 8.98 25.03
C THR D 169 -36.49 8.16 25.32
N VAL D 170 -37.09 7.56 24.27
CA VAL D 170 -38.34 6.83 24.46
C VAL D 170 -38.08 5.51 25.20
N LEU D 171 -36.99 4.82 24.89
CA LEU D 171 -36.65 3.61 25.63
C LEU D 171 -36.32 3.90 27.09
N ARG D 172 -35.69 5.04 27.36
CA ARG D 172 -35.38 5.40 28.74
C ARG D 172 -36.64 5.75 29.52
N LEU D 173 -37.62 6.37 28.88
CA LEU D 173 -38.87 6.70 29.56
C LEU D 173 -39.81 5.50 29.63
N ALA D 174 -39.85 4.68 28.59
CA ALA D 174 -40.67 3.48 28.60
C ALA D 174 -40.12 2.42 29.54
N LYS D 175 -38.84 2.50 29.91
CA LYS D 175 -38.30 1.61 30.91
C LYS D 175 -38.96 1.86 32.27
N ASP D 176 -38.90 3.10 32.74
CA ASP D 176 -39.49 3.42 34.03
C ASP D 176 -41.02 3.34 34.03
N LEU D 177 -41.65 3.50 32.86
CA LEU D 177 -43.11 3.42 32.82
C LEU D 177 -43.59 2.00 33.03
N ALA D 178 -43.01 1.04 32.31
CA ALA D 178 -43.44 -0.35 32.41
C ALA D 178 -42.96 -1.02 33.68
N GLU D 179 -41.85 -0.54 34.26
CA GLU D 179 -41.26 -1.18 35.43
C GLU D 179 -41.90 -0.74 36.74
N ASN D 180 -42.49 0.46 36.78
CA ASN D 180 -43.13 0.97 37.99
C ASN D 180 -44.62 0.69 38.05
N ASN D 181 -45.17 0.05 37.03
CA ASN D 181 -46.60 -0.21 36.97
C ASN D 181 -46.81 -1.68 36.60
N ALA D 182 -47.38 -2.45 37.53
CA ALA D 182 -47.58 -3.87 37.30
C ALA D 182 -48.63 -4.08 36.23
N GLY D 183 -48.28 -4.82 35.18
CA GLY D 183 -49.17 -5.04 34.07
C GLY D 183 -49.18 -3.96 33.01
N ALA D 184 -48.33 -2.95 33.14
CA ALA D 184 -48.28 -1.88 32.15
C ALA D 184 -47.67 -2.37 30.86
N ARG D 185 -48.31 -2.05 29.74
CA ARG D 185 -47.78 -2.33 28.41
C ARG D 185 -47.64 -1.01 27.68
N VAL D 186 -46.39 -0.58 27.46
CA VAL D 186 -46.08 0.70 26.86
C VAL D 186 -45.77 0.49 25.38
N LEU D 187 -46.49 1.21 24.52
CA LEU D 187 -46.21 1.22 23.10
C LEU D 187 -45.46 2.50 22.76
N VAL D 188 -44.23 2.35 22.26
CA VAL D 188 -43.40 3.47 21.85
C VAL D 188 -43.59 3.67 20.35
N VAL D 189 -43.80 4.91 19.93
CA VAL D 189 -43.97 5.23 18.51
C VAL D 189 -43.16 6.50 18.22
N CYS D 190 -42.04 6.33 17.52
CA CYS D 190 -41.31 7.43 16.92
C CYS D 190 -41.74 7.49 15.47
N SER D 191 -42.42 8.57 15.08
CA SER D 191 -42.93 8.74 13.72
C SER D 191 -42.35 10.02 13.15
N GLU D 192 -41.36 9.88 12.27
CA GLU D 192 -40.62 11.00 11.72
C GLU D 192 -40.89 11.07 10.22
N ILE D 193 -41.55 12.16 9.80
CA ILE D 193 -41.71 12.49 8.39
C ILE D 193 -40.72 13.63 8.12
N THR D 194 -39.55 13.27 7.60
CA THR D 194 -38.39 14.14 7.70
C THR D 194 -38.51 15.39 6.84
N THR D 195 -39.20 15.31 5.71
CA THR D 195 -39.24 16.43 4.76
C THR D 195 -39.79 17.72 5.36
N ALA D 196 -39.49 17.96 6.64
CA ALA D 196 -39.53 19.31 7.19
C ALA D 196 -38.22 20.04 6.92
N VAL D 197 -37.17 19.33 6.55
CA VAL D 197 -35.89 19.91 6.19
C VAL D 197 -35.75 20.02 4.67
N ASN D 198 -36.86 20.03 3.95
CA ASN D 198 -36.86 20.00 2.49
C ASN D 198 -37.27 21.36 1.95
N PHE D 199 -36.33 22.08 1.35
CA PHE D 199 -36.65 23.21 0.49
C PHE D 199 -35.66 23.24 -0.66
N ARG D 200 -35.76 24.29 -1.48
CA ARG D 200 -34.97 24.43 -2.70
C ARG D 200 -33.48 24.31 -2.40
N GLY D 201 -32.63 24.25 -3.43
CA GLY D 201 -31.19 24.21 -3.22
C GLY D 201 -30.55 25.51 -3.62
N PRO D 202 -30.98 26.61 -3.01
CA PRO D 202 -30.90 27.91 -3.67
C PRO D 202 -29.82 28.81 -3.11
N SER D 203 -29.18 28.37 -2.04
CA SER D 203 -28.31 29.21 -1.25
C SER D 203 -26.89 28.66 -1.33
N ASP D 204 -25.99 29.48 -1.87
CA ASP D 204 -24.59 29.32 -1.53
C ASP D 204 -24.37 29.57 -0.05
N THR D 205 -25.34 30.20 0.61
CA THR D 205 -25.53 30.11 2.05
C THR D 205 -25.95 28.70 2.43
N HIS D 206 -25.73 28.34 3.69
CA HIS D 206 -26.35 27.15 4.28
C HIS D 206 -26.15 25.90 3.40
N LEU D 207 -24.94 25.35 3.46
CA LEU D 207 -24.60 24.16 2.70
C LEU D 207 -24.79 22.87 3.47
N ASP D 208 -24.90 22.94 4.80
CA ASP D 208 -25.30 21.76 5.55
C ASP D 208 -26.71 21.33 5.20
N LEU D 209 -27.52 22.24 4.67
CA LEU D 209 -28.85 21.88 4.19
C LEU D 209 -28.77 20.74 3.18
N LEU D 210 -27.87 20.86 2.20
CA LEU D 210 -27.70 19.79 1.23
C LEU D 210 -27.46 18.45 1.92
N VAL D 211 -26.72 18.47 3.03
CA VAL D 211 -26.50 17.23 3.76
C VAL D 211 -27.84 16.66 4.26
N GLY D 212 -28.77 17.55 4.62
CA GLY D 212 -30.09 17.09 5.00
C GLY D 212 -30.84 16.44 3.86
N LEU D 213 -30.86 17.09 2.69
CA LEU D 213 -31.48 16.48 1.52
C LEU D 213 -30.85 15.15 1.17
N ALA D 214 -29.59 14.95 1.52
CA ALA D 214 -28.87 13.77 1.02
C ALA D 214 -29.07 12.55 1.91
N LEU D 215 -29.22 12.76 3.22
CA LEU D 215 -29.19 11.69 4.20
C LEU D 215 -30.55 11.39 4.82
N PHE D 216 -31.44 12.36 4.88
CA PHE D 216 -32.60 12.32 5.77
C PHE D 216 -33.83 11.80 5.03
N GLY D 217 -34.49 10.79 5.60
CA GLY D 217 -35.66 10.17 5.02
C GLY D 217 -36.76 9.96 6.03
N ASP D 218 -37.90 9.46 5.55
CA ASP D 218 -39.10 9.33 6.35
C ASP D 218 -39.35 7.88 6.76
N GLY D 219 -39.95 7.72 7.94
CA GLY D 219 -40.28 6.40 8.47
C GLY D 219 -40.81 6.44 9.89
N ALA D 220 -41.61 5.45 10.25
CA ALA D 220 -42.16 5.35 11.60
C ALA D 220 -41.88 3.95 12.15
N ALA D 221 -41.72 3.87 13.46
CA ALA D 221 -41.43 2.60 14.11
C ALA D 221 -42.14 2.55 15.45
N ALA D 222 -42.52 1.34 15.85
CA ALA D 222 -43.22 1.14 17.09
C ALA D 222 -42.67 -0.09 17.80
N VAL D 223 -42.67 -0.05 19.13
CA VAL D 223 -42.25 -1.18 19.93
C VAL D 223 -43.16 -1.29 21.14
N ILE D 224 -43.48 -2.51 21.52
CA ILE D 224 -44.24 -2.81 22.73
C ILE D 224 -43.24 -3.10 23.85
N VAL D 225 -43.39 -2.43 24.98
CA VAL D 225 -42.49 -2.56 26.12
C VAL D 225 -43.32 -2.93 27.33
N GLY D 226 -42.88 -3.97 28.05
CA GLY D 226 -43.61 -4.42 29.22
C GLY D 226 -42.83 -5.29 30.18
N ALA D 227 -43.04 -5.08 31.46
CA ALA D 227 -42.42 -5.88 32.51
C ALA D 227 -43.38 -6.96 32.98
N ASP D 228 -42.81 -8.00 33.62
CA ASP D 228 -43.53 -9.22 33.97
C ASP D 228 -44.22 -9.82 32.75
N PRO D 229 -43.48 -10.23 31.72
CA PRO D 229 -44.13 -10.83 30.55
C PRO D 229 -44.75 -12.18 30.90
N ASP D 230 -45.99 -12.39 30.43
CA ASP D 230 -46.62 -13.70 30.50
C ASP D 230 -46.04 -14.55 29.38
N PRO D 231 -45.23 -15.57 29.70
CA PRO D 231 -44.52 -16.30 28.65
C PRO D 231 -45.36 -17.39 27.97
N THR D 232 -46.66 -17.19 27.87
CA THR D 232 -47.50 -17.98 26.96
C THR D 232 -48.12 -17.15 25.85
N LEU D 233 -48.44 -15.89 26.12
CA LEU D 233 -48.98 -14.96 25.12
C LEU D 233 -47.93 -14.06 24.51
N GLU D 234 -46.84 -13.79 25.23
CA GLU D 234 -45.80 -12.87 24.79
C GLU D 234 -44.51 -13.63 24.49
N ARG D 235 -43.64 -12.98 23.72
CA ARG D 235 -42.34 -13.54 23.35
C ARG D 235 -41.30 -12.41 23.43
N PRO D 236 -40.52 -12.34 24.51
CA PRO D 236 -39.54 -11.26 24.64
C PRO D 236 -38.50 -11.28 23.53
N LEU D 237 -37.93 -10.11 23.26
CA LEU D 237 -36.90 -9.97 22.23
C LEU D 237 -35.64 -9.34 22.81
N PHE D 238 -35.80 -8.22 23.51
CA PHE D 238 -34.70 -7.53 24.18
C PHE D 238 -35.19 -6.99 25.51
N GLN D 239 -34.25 -6.67 26.38
CA GLN D 239 -34.54 -6.11 27.70
C GLN D 239 -33.85 -4.77 27.84
N ILE D 240 -34.61 -3.76 28.26
CA ILE D 240 -34.07 -2.42 28.48
C ILE D 240 -33.40 -2.42 29.85
N VAL D 241 -32.08 -2.59 29.86
CA VAL D 241 -31.36 -2.74 31.12
C VAL D 241 -31.15 -1.38 31.79
N SER D 242 -30.86 -0.35 31.03
CA SER D 242 -30.59 0.95 31.62
C SER D 242 -30.57 2.01 30.52
N GLY D 243 -30.91 3.22 30.90
CA GLY D 243 -30.85 4.36 29.99
C GLY D 243 -30.12 5.50 30.62
N ALA D 244 -29.28 6.16 29.84
CA ALA D 244 -28.50 7.29 30.31
C ALA D 244 -28.50 8.37 29.25
N GLN D 245 -28.44 9.62 29.71
CA GLN D 245 -28.38 10.78 28.83
C GLN D 245 -27.30 11.72 29.35
N THR D 246 -26.56 12.34 28.44
CA THR D 246 -25.51 13.26 28.84
C THR D 246 -25.26 14.28 27.74
N ILE D 247 -24.76 15.44 28.15
CA ILE D 247 -24.38 16.50 27.22
C ILE D 247 -22.88 16.41 26.98
N LEU D 248 -22.49 16.36 25.71
CA LEU D 248 -21.07 16.27 25.39
C LEU D 248 -20.36 17.58 25.74
N PRO D 249 -19.18 17.51 26.35
CA PRO D 249 -18.50 18.74 26.77
C PRO D 249 -17.99 19.55 25.58
N ASP D 250 -17.98 20.86 25.75
CA ASP D 250 -17.49 21.79 24.73
C ASP D 250 -18.20 21.57 23.40
N SER D 251 -19.53 21.49 23.45
CA SER D 251 -20.31 21.21 22.25
C SER D 251 -21.46 22.18 22.06
N GLU D 252 -21.52 23.26 22.83
CA GLU D 252 -22.64 24.19 22.71
C GLU D 252 -22.69 24.79 21.31
N GLY D 253 -23.85 24.66 20.67
CA GLY D 253 -24.07 25.12 19.31
C GLY D 253 -23.87 24.06 18.24
N ALA D 254 -23.64 22.81 18.63
CA ALA D 254 -23.26 21.80 17.66
C ALA D 254 -24.33 21.63 16.58
N ILE D 255 -25.58 21.47 16.99
CA ILE D 255 -26.72 21.46 16.08
C ILE D 255 -27.78 22.38 16.68
N ASN D 256 -28.02 23.52 16.03
CA ASN D 256 -29.01 24.49 16.47
C ASN D 256 -30.13 24.55 15.44
N GLY D 257 -31.35 24.21 15.85
CA GLY D 257 -32.48 24.25 14.96
C GLY D 257 -33.58 25.17 15.44
N HIS D 258 -33.76 26.30 14.76
CA HIS D 258 -34.75 27.30 15.13
C HIS D 258 -35.92 27.26 14.17
N LEU D 259 -37.13 27.12 14.71
CA LEU D 259 -38.34 27.06 13.90
C LEU D 259 -38.85 28.46 13.63
N ARG D 260 -38.95 28.82 12.36
CA ARG D 260 -39.41 30.13 11.95
C ARG D 260 -40.57 29.96 10.96
N GLU D 261 -41.08 31.09 10.48
CA GLU D 261 -42.05 31.06 9.38
C GLU D 261 -41.49 30.35 8.16
N VAL D 262 -40.17 30.27 8.04
CA VAL D 262 -39.54 29.56 6.94
C VAL D 262 -39.64 28.05 7.13
N GLY D 263 -39.70 27.58 8.37
CA GLY D 263 -39.66 26.17 8.69
C GLY D 263 -38.57 25.91 9.69
N LEU D 264 -38.19 24.64 9.84
CA LEU D 264 -37.12 24.28 10.75
C LEU D 264 -35.79 24.57 10.06
N THR D 265 -35.06 25.56 10.56
CA THR D 265 -33.75 25.93 10.03
C THR D 265 -32.67 25.36 10.95
N ILE D 266 -31.78 24.55 10.39
CA ILE D 266 -30.77 23.83 11.16
C ILE D 266 -29.39 24.26 10.67
N ARG D 267 -28.48 24.51 11.62
CA ARG D 267 -27.11 24.87 11.29
C ARG D 267 -26.15 24.17 12.24
N LEU D 268 -25.00 23.75 11.70
CA LEU D 268 -24.00 23.01 12.45
C LEU D 268 -22.80 23.91 12.73
N LEU D 269 -22.40 23.98 14.00
CA LEU D 269 -21.21 24.71 14.41
C LEU D 269 -20.03 23.79 14.69
N LYS D 270 -20.27 22.64 15.29
CA LYS D 270 -19.20 21.73 15.67
C LYS D 270 -19.12 20.54 14.73
N ASP D 271 -17.92 19.96 14.62
CA ASP D 271 -17.72 18.75 13.86
C ASP D 271 -18.26 17.57 14.66
N VAL D 272 -19.42 17.07 14.26
CA VAL D 272 -20.16 16.07 15.03
C VAL D 272 -19.42 14.74 15.09
N PRO D 273 -18.89 14.20 13.97
CA PRO D 273 -18.16 12.92 14.09
C PRO D 273 -16.98 12.98 15.04
N GLY D 274 -16.27 14.11 15.10
CA GLY D 274 -15.17 14.24 16.04
C GLY D 274 -15.67 14.31 17.47
N LEU D 275 -16.82 14.94 17.68
CA LEU D 275 -17.38 15.04 19.03
C LEU D 275 -17.75 13.67 19.58
N VAL D 276 -18.45 12.86 18.79
CA VAL D 276 -18.88 11.56 19.26
C VAL D 276 -17.69 10.62 19.42
N SER D 277 -16.82 10.55 18.41
CA SER D 277 -15.63 9.71 18.50
C SER D 277 -14.84 9.99 19.78
N MET D 278 -14.65 11.27 20.11
CA MET D 278 -13.87 11.61 21.30
C MET D 278 -14.62 11.25 22.58
N ASN D 279 -15.95 11.26 22.54
CA ASN D 279 -16.76 11.09 23.74
C ASN D 279 -17.51 9.76 23.75
N ILE D 280 -17.22 8.87 22.81
CA ILE D 280 -17.96 7.61 22.76
C ILE D 280 -17.43 6.61 23.78
N GLU D 281 -16.13 6.65 24.07
CA GLU D 281 -15.56 5.70 25.02
C GLU D 281 -16.05 5.98 26.44
N LYS D 282 -16.18 7.26 26.80
CA LYS D 282 -16.66 7.60 28.14
C LYS D 282 -18.08 7.08 28.36
N CYS D 283 -18.93 7.20 27.33
CA CYS D 283 -20.31 6.78 27.46
C CYS D 283 -20.43 5.27 27.56
N LEU D 284 -19.58 4.54 26.83
CA LEU D 284 -19.59 3.08 26.93
C LEU D 284 -19.09 2.61 28.29
N MET D 285 -18.04 3.24 28.81
CA MET D 285 -17.49 2.83 30.09
C MET D 285 -18.45 3.11 31.23
N GLU D 286 -19.01 4.32 31.28
CA GLU D 286 -19.93 4.63 32.37
C GLU D 286 -21.24 3.87 32.25
N ALA D 287 -21.50 3.25 31.10
CA ALA D 287 -22.70 2.44 30.93
C ALA D 287 -22.46 0.95 31.17
N PHE D 288 -21.21 0.50 31.02
CA PHE D 288 -20.88 -0.92 31.16
C PHE D 288 -19.95 -1.20 32.34
N ALA D 289 -19.64 -0.19 33.15
CA ALA D 289 -18.87 -0.45 34.37
C ALA D 289 -19.60 -1.35 35.36
N PRO D 290 -20.92 -1.23 35.59
CA PRO D 290 -21.59 -2.18 36.50
C PRO D 290 -21.45 -3.63 36.08
N MET D 291 -21.19 -3.93 34.81
CA MET D 291 -20.89 -5.28 34.40
C MET D 291 -19.40 -5.55 34.34
N GLY D 292 -18.56 -4.53 34.51
CA GLY D 292 -17.13 -4.72 34.44
C GLY D 292 -16.65 -5.21 33.09
N ILE D 293 -17.32 -4.82 32.01
CA ILE D 293 -16.94 -5.21 30.67
C ILE D 293 -16.36 -3.99 29.96
N HIS D 294 -15.17 -4.16 29.37
CA HIS D 294 -14.51 -3.10 28.62
C HIS D 294 -14.21 -3.45 27.18
N ASP D 295 -14.44 -4.70 26.76
CA ASP D 295 -14.22 -5.11 25.38
C ASP D 295 -15.42 -4.71 24.54
N TRP D 296 -15.26 -3.67 23.72
CA TRP D 296 -16.36 -3.18 22.89
C TRP D 296 -16.63 -4.04 21.67
N ASN D 297 -15.97 -5.19 21.54
CA ASN D 297 -16.21 -6.09 20.43
C ASN D 297 -17.08 -7.28 20.78
N SER D 298 -17.24 -7.59 22.08
CA SER D 298 -18.23 -8.57 22.53
C SER D 298 -19.53 -7.92 22.96
N ILE D 299 -19.94 -6.87 22.24
CA ILE D 299 -21.18 -6.13 22.47
C ILE D 299 -21.84 -5.96 21.12
N PHE D 300 -23.14 -6.18 21.04
CA PHE D 300 -23.84 -5.88 19.79
C PHE D 300 -24.27 -4.43 19.80
N TRP D 301 -24.22 -3.81 18.62
CA TRP D 301 -24.24 -2.36 18.49
C TRP D 301 -25.45 -1.90 17.71
N ILE D 302 -26.16 -0.90 18.24
CA ILE D 302 -27.21 -0.19 17.52
C ILE D 302 -26.88 1.29 17.65
N ALA D 303 -26.08 1.81 16.73
CA ALA D 303 -25.67 3.20 16.76
C ALA D 303 -26.56 4.00 15.82
N HIS D 304 -27.06 5.14 16.30
CA HIS D 304 -27.90 5.99 15.49
C HIS D 304 -27.17 6.35 14.20
N PRO D 305 -27.69 5.99 13.03
CA PRO D 305 -27.01 6.31 11.76
C PRO D 305 -27.26 7.73 11.28
N GLY D 306 -26.60 8.69 11.95
CA GLY D 306 -26.72 10.07 11.51
C GLY D 306 -26.07 10.34 10.16
N GLY D 307 -25.17 9.46 9.74
CA GLY D 307 -24.48 9.57 8.48
C GLY D 307 -23.28 8.64 8.46
N PRO D 308 -22.80 8.28 7.27
CA PRO D 308 -21.57 7.46 7.21
C PRO D 308 -20.41 8.13 7.92
N THR D 309 -20.39 9.47 7.91
CA THR D 309 -19.46 10.25 8.71
C THR D 309 -19.33 9.69 10.13
N ILE D 310 -20.43 9.70 10.88
CA ILE D 310 -20.40 9.29 12.27
C ILE D 310 -19.94 7.83 12.41
N LEU D 311 -20.56 6.94 11.65
CA LEU D 311 -20.32 5.51 11.85
C LEU D 311 -18.88 5.12 11.55
N ASP D 312 -18.27 5.76 10.56
CA ASP D 312 -16.90 5.44 10.19
C ASP D 312 -15.89 6.01 11.18
N GLN D 313 -16.17 7.20 11.73
CA GLN D 313 -15.23 7.82 12.66
C GLN D 313 -15.30 7.15 14.02
N VAL D 314 -16.48 6.73 14.44
CA VAL D 314 -16.62 6.02 15.72
C VAL D 314 -15.95 4.65 15.64
N GLU D 315 -16.18 3.93 14.54
CA GLU D 315 -15.56 2.62 14.36
C GLU D 315 -14.05 2.72 14.39
N ALA D 316 -13.49 3.79 13.82
CA ALA D 316 -12.05 3.97 13.80
C ALA D 316 -11.51 4.36 15.17
N LYS D 317 -12.25 5.19 15.90
CA LYS D 317 -11.80 5.61 17.23
C LYS D 317 -11.77 4.43 18.19
N LEU D 318 -12.75 3.53 18.10
CA LEU D 318 -12.84 2.39 19.00
C LEU D 318 -12.26 1.10 18.41
N GLY D 319 -11.86 1.11 17.15
CA GLY D 319 -11.29 -0.08 16.54
C GLY D 319 -12.25 -1.26 16.53
N LEU D 320 -13.46 -1.03 16.04
CA LEU D 320 -14.46 -2.09 15.97
C LEU D 320 -14.30 -2.90 14.69
N LYS D 321 -14.64 -4.18 14.78
CA LYS D 321 -14.68 -5.01 13.58
C LYS D 321 -15.78 -4.51 12.65
N GLU D 322 -15.62 -4.83 11.36
CA GLU D 322 -16.55 -4.32 10.36
C GLU D 322 -17.96 -4.84 10.55
N GLU D 323 -18.13 -5.95 11.25
CA GLU D 323 -19.45 -6.53 11.47
C GLU D 323 -20.16 -5.97 12.70
N LYS D 324 -19.48 -5.13 13.49
CA LYS D 324 -20.11 -4.60 14.70
C LYS D 324 -21.24 -3.63 14.36
N LEU D 325 -21.13 -2.92 13.23
CA LEU D 325 -22.14 -1.98 12.78
C LEU D 325 -22.80 -2.44 11.48
N LYS D 326 -22.85 -3.76 11.27
CA LYS D 326 -23.43 -4.29 10.04
C LYS D 326 -24.93 -3.98 9.97
N SER D 327 -25.63 -4.16 11.08
CA SER D 327 -27.05 -3.83 11.10
C SER D 327 -27.28 -2.34 10.91
N THR D 328 -26.49 -1.50 11.60
CA THR D 328 -26.64 -0.06 11.45
C THR D 328 -26.45 0.36 9.99
N ARG D 329 -25.33 -0.03 9.39
CA ARG D 329 -25.07 0.31 8.00
C ARG D 329 -26.10 -0.28 7.04
N ALA D 330 -26.91 -1.24 7.49
CA ALA D 330 -27.92 -1.82 6.61
C ALA D 330 -29.20 -0.97 6.58
N VAL D 331 -29.62 -0.44 7.73
CA VAL D 331 -30.82 0.40 7.73
C VAL D 331 -30.54 1.72 7.03
N LEU D 332 -29.36 2.30 7.23
CA LEU D 332 -28.99 3.52 6.50
C LEU D 332 -28.91 3.25 5.01
N ARG D 333 -28.43 2.07 4.63
CA ARG D 333 -28.31 1.72 3.21
C ARG D 333 -29.68 1.72 2.54
N GLU D 334 -30.71 1.21 3.21
CA GLU D 334 -32.01 1.01 2.60
C GLU D 334 -33.06 2.04 3.01
N TYR D 335 -32.79 2.85 4.04
CA TYR D 335 -33.78 3.80 4.53
C TYR D 335 -33.26 5.23 4.66
N GLY D 336 -31.97 5.45 4.85
CA GLY D 336 -31.51 6.78 5.16
C GLY D 336 -31.70 7.05 6.64
N ASN D 337 -31.44 8.30 7.03
CA ASN D 337 -31.62 8.72 8.41
C ASN D 337 -33.05 9.22 8.58
N MET D 338 -33.79 8.60 9.50
CA MET D 338 -35.18 8.94 9.76
C MET D 338 -35.37 9.44 11.18
N SER D 339 -34.37 10.13 11.72
CA SER D 339 -34.43 10.78 13.02
C SER D 339 -34.60 9.71 14.10
N SER D 340 -35.52 9.88 15.06
CA SER D 340 -35.56 9.00 16.22
C SER D 340 -36.02 7.59 15.85
N ALA D 341 -36.75 7.46 14.74
CA ALA D 341 -37.25 6.14 14.36
C ALA D 341 -36.14 5.21 13.90
N CYS D 342 -34.96 5.75 13.56
CA CYS D 342 -33.91 4.94 12.96
C CYS D 342 -33.42 3.84 13.89
N VAL D 343 -33.20 4.17 15.17
CA VAL D 343 -32.65 3.18 16.09
C VAL D 343 -33.64 2.05 16.33
N LEU D 344 -34.94 2.32 16.22
CA LEU D 344 -35.92 1.24 16.35
C LEU D 344 -35.93 0.36 15.13
N PHE D 345 -35.75 0.96 13.94
CA PHE D 345 -35.63 0.18 12.71
C PHE D 345 -34.44 -0.77 12.78
N ILE D 346 -33.35 -0.33 13.39
CA ILE D 346 -32.15 -1.18 13.45
C ILE D 346 -32.39 -2.36 14.38
N LEU D 347 -33.10 -2.13 15.50
CA LEU D 347 -33.47 -3.24 16.36
C LEU D 347 -34.26 -4.29 15.61
N ASP D 348 -35.20 -3.85 14.76
CA ASP D 348 -35.97 -4.78 13.94
C ASP D 348 -35.08 -5.53 12.96
N GLU D 349 -33.90 -4.98 12.64
CA GLU D 349 -32.94 -5.68 11.79
C GLU D 349 -32.02 -6.60 12.58
N VAL D 350 -31.68 -6.24 13.82
CA VAL D 350 -30.85 -7.12 14.65
C VAL D 350 -31.63 -8.36 15.05
N ARG D 351 -32.90 -8.21 15.40
CA ARG D 351 -33.72 -9.37 15.77
C ARG D 351 -34.00 -10.26 14.55
N LYS D 352 -34.10 -9.67 13.36
CA LYS D 352 -34.44 -10.45 12.18
C LYS D 352 -33.24 -11.23 11.67
N ARG D 353 -32.12 -10.53 11.43
CA ARG D 353 -30.95 -11.18 10.86
C ARG D 353 -30.44 -12.31 11.74
N SER D 354 -30.47 -12.11 13.05
CA SER D 354 -30.00 -13.17 13.97
C SER D 354 -30.77 -14.46 13.72
N MET D 355 -32.10 -14.40 13.76
CA MET D 355 -32.89 -15.60 13.52
C MET D 355 -32.72 -16.12 12.10
N GLU D 356 -32.55 -15.23 11.13
CA GLU D 356 -32.33 -15.66 9.74
C GLU D 356 -30.92 -16.21 9.53
N GLU D 357 -30.00 -15.98 10.47
CA GLU D 357 -28.66 -16.55 10.39
C GLU D 357 -28.48 -17.70 11.37
N GLY D 358 -29.55 -18.17 11.99
CA GLY D 358 -29.46 -19.27 12.92
C GLY D 358 -28.69 -18.95 14.19
N LYS D 359 -28.75 -17.69 14.62
CA LYS D 359 -27.95 -17.24 15.76
C LYS D 359 -28.56 -17.69 17.07
N THR D 360 -27.70 -17.83 18.08
CA THR D 360 -28.10 -18.28 19.41
C THR D 360 -29.02 -17.29 20.11
N THR D 361 -29.18 -16.08 19.57
CA THR D 361 -29.53 -14.96 20.42
C THR D 361 -30.07 -13.82 19.57
N THR D 362 -31.01 -13.05 20.13
CA THR D 362 -31.55 -11.90 19.42
C THR D 362 -30.55 -10.77 19.22
N GLY D 363 -29.41 -10.80 19.92
CA GLY D 363 -28.38 -9.80 19.75
C GLY D 363 -27.17 -10.31 18.99
N GLU D 364 -27.41 -11.13 17.97
CA GLU D 364 -26.37 -11.63 17.07
C GLU D 364 -25.32 -12.45 17.83
N GLY D 365 -25.77 -13.25 18.79
CA GLY D 365 -24.89 -14.12 19.53
C GLY D 365 -24.25 -13.52 20.75
N PHE D 366 -24.52 -12.23 21.05
CA PHE D 366 -23.96 -11.55 22.20
C PHE D 366 -24.99 -11.46 23.32
N ASP D 367 -24.50 -11.18 24.52
CA ASP D 367 -25.39 -11.07 25.66
C ASP D 367 -25.82 -9.63 25.92
N TRP D 368 -24.85 -8.71 25.98
CA TRP D 368 -25.13 -7.30 26.22
C TRP D 368 -24.93 -6.51 24.94
N GLY D 369 -25.71 -5.44 24.80
CA GLY D 369 -25.67 -4.63 23.60
C GLY D 369 -25.99 -3.19 23.93
N VAL D 370 -25.50 -2.29 23.09
CA VAL D 370 -25.60 -0.85 23.31
C VAL D 370 -26.44 -0.24 22.21
N LEU D 371 -27.26 0.75 22.59
CA LEU D 371 -28.02 1.54 21.65
C LEU D 371 -27.68 3.00 21.89
N PHE D 372 -27.32 3.70 20.82
CA PHE D 372 -26.88 5.09 20.90
C PHE D 372 -27.85 5.98 20.15
N GLY D 373 -28.12 7.15 20.72
CA GLY D 373 -28.89 8.16 20.06
C GLY D 373 -28.22 9.51 20.21
N PHE D 374 -27.73 10.06 19.10
CA PHE D 374 -27.10 11.36 19.08
C PHE D 374 -28.10 12.43 18.64
N GLY D 375 -27.83 13.67 19.03
CA GLY D 375 -28.71 14.77 18.69
C GLY D 375 -28.21 16.12 19.15
N PRO D 376 -29.02 17.15 18.93
CA PRO D 376 -28.63 18.50 19.33
C PRO D 376 -28.42 18.61 20.84
N GLY D 377 -27.41 19.39 21.22
CA GLY D 377 -27.01 19.47 22.61
C GLY D 377 -25.60 19.97 22.84
N PHE D 378 -24.58 19.19 22.46
CA PHE D 378 -24.75 17.91 21.78
C PHE D 378 -25.10 16.80 22.75
N THR D 379 -26.21 16.12 22.49
CA THR D 379 -26.78 15.15 23.42
C THR D 379 -26.50 13.73 22.96
N VAL D 380 -26.20 12.86 23.91
CA VAL D 380 -25.98 11.44 23.65
C VAL D 380 -26.83 10.64 24.61
N GLU D 381 -27.63 9.72 24.08
CA GLU D 381 -28.43 8.79 24.87
C GLU D 381 -27.82 7.40 24.72
N THR D 382 -27.44 6.80 25.84
CA THR D 382 -26.81 5.48 25.85
C THR D 382 -27.77 4.50 26.50
N VAL D 383 -28.27 3.57 25.70
CA VAL D 383 -29.24 2.57 26.14
C VAL D 383 -28.51 1.24 26.26
N VAL D 384 -28.52 0.66 27.45
CA VAL D 384 -27.94 -0.66 27.67
C VAL D 384 -29.07 -1.68 27.54
N LEU D 385 -28.86 -2.65 26.64
CA LEU D 385 -29.83 -3.71 26.40
C LEU D 385 -29.19 -5.07 26.60
N HIS D 386 -30.00 -6.04 27.03
CA HIS D 386 -29.61 -7.44 27.07
C HIS D 386 -30.45 -8.23 26.08
N SER D 387 -29.84 -9.24 25.49
CA SER D 387 -30.48 -10.00 24.45
C SER D 387 -31.41 -11.06 25.05
N MET D 388 -32.06 -11.82 24.17
CA MET D 388 -32.88 -12.95 24.57
C MET D 388 -32.47 -14.16 23.75
N PRO D 389 -32.25 -15.32 24.38
CA PRO D 389 -31.81 -16.50 23.62
C PRO D 389 -32.92 -17.03 22.74
N ILE D 390 -32.50 -17.59 21.59
CA ILE D 390 -33.42 -18.04 20.55
C ILE D 390 -33.13 -19.51 20.28
N PRO D 391 -34.13 -20.41 20.41
CA PRO D 391 -34.00 -21.82 20.02
C PRO D 391 -34.12 -22.02 18.53
N ALA E 10 41.00 -59.81 -23.10
CA ALA E 10 41.91 -58.72 -22.75
C ALA E 10 41.41 -57.40 -23.34
N GLN E 11 42.23 -56.36 -23.23
CA GLN E 11 41.99 -55.05 -23.85
C GLN E 11 40.86 -54.27 -23.18
N ARG E 12 39.83 -54.97 -22.71
CA ARG E 12 38.62 -54.32 -22.24
C ARG E 12 38.58 -54.27 -20.71
N ALA E 13 37.61 -53.50 -20.21
CA ALA E 13 37.47 -53.29 -18.77
C ALA E 13 36.64 -54.42 -18.14
N LYS E 14 36.69 -54.48 -16.82
CA LYS E 14 36.00 -55.51 -16.04
C LYS E 14 34.64 -55.04 -15.56
N GLY E 15 34.59 -53.93 -14.82
CA GLY E 15 33.36 -53.46 -14.22
C GLY E 15 32.60 -52.52 -15.12
N PRO E 16 31.52 -51.95 -14.60
CA PRO E 16 30.72 -51.00 -15.39
C PRO E 16 31.23 -49.57 -15.28
N ALA E 17 30.90 -48.79 -16.31
CA ALA E 17 31.37 -47.41 -16.37
C ALA E 17 30.64 -46.56 -15.36
N THR E 18 31.40 -45.85 -14.53
CA THR E 18 30.86 -45.00 -13.49
C THR E 18 31.25 -43.54 -13.73
N VAL E 19 30.47 -42.64 -13.15
CA VAL E 19 30.78 -41.21 -13.17
C VAL E 19 31.63 -40.90 -11.95
N LEU E 20 32.82 -40.31 -12.18
CA LEU E 20 33.78 -40.04 -11.12
C LEU E 20 33.88 -38.56 -10.76
N ALA E 21 33.29 -37.67 -11.56
CA ALA E 21 33.32 -36.24 -11.30
C ALA E 21 32.29 -35.57 -12.21
N ILE E 22 31.73 -34.48 -11.74
CA ILE E 22 30.80 -33.67 -12.52
C ILE E 22 31.17 -32.22 -12.35
N GLY E 23 31.29 -31.51 -13.48
CA GLY E 23 31.56 -30.08 -13.47
C GLY E 23 30.51 -29.34 -14.26
N THR E 24 30.21 -28.12 -13.81
CA THR E 24 29.20 -27.30 -14.45
C THR E 24 29.69 -25.86 -14.54
N ALA E 25 29.11 -25.11 -15.47
CA ALA E 25 29.44 -23.71 -15.66
C ALA E 25 28.27 -23.01 -16.31
N THR E 26 28.18 -21.71 -16.07
CA THR E 26 27.13 -20.87 -16.64
C THR E 26 27.72 -19.54 -17.05
N PRO E 27 27.06 -18.80 -17.94
CA PRO E 27 27.52 -17.46 -18.30
C PRO E 27 27.42 -16.52 -17.10
N ALA E 28 28.00 -15.33 -17.29
CA ALA E 28 28.05 -14.34 -16.21
C ALA E 28 26.84 -13.42 -16.19
N ASN E 29 26.06 -13.36 -17.27
CA ASN E 29 24.88 -12.50 -17.32
C ASN E 29 23.71 -13.25 -16.71
N VAL E 30 23.22 -12.77 -15.58
CA VAL E 30 22.06 -13.36 -14.91
C VAL E 30 20.82 -12.59 -15.32
N VAL E 31 19.79 -13.32 -15.74
CA VAL E 31 18.52 -12.74 -16.19
C VAL E 31 17.40 -13.34 -15.35
N TYR E 32 16.75 -12.51 -14.55
CA TYR E 32 15.66 -12.97 -13.69
C TYR E 32 14.33 -12.87 -14.42
N GLN E 33 13.52 -13.92 -14.29
CA GLN E 33 12.31 -14.03 -15.10
C GLN E 33 11.25 -13.01 -14.74
N THR E 34 11.31 -12.42 -13.56
CA THR E 34 10.35 -11.37 -13.26
C THR E 34 10.72 -10.05 -13.98
N ASP E 35 11.70 -10.11 -14.88
CA ASP E 35 12.16 -8.95 -15.63
C ASP E 35 12.26 -9.19 -17.13
N TYR E 36 12.12 -10.43 -17.59
CA TYR E 36 12.39 -10.76 -18.98
C TYR E 36 11.29 -10.39 -19.97
N PRO E 37 9.99 -10.52 -19.64
CA PRO E 37 8.97 -10.14 -20.62
C PRO E 37 9.02 -8.68 -21.04
N ASP E 38 9.24 -7.75 -20.11
CA ASP E 38 9.37 -6.35 -20.48
C ASP E 38 10.70 -6.07 -21.16
N TYR E 39 11.73 -6.86 -20.84
CA TYR E 39 13.04 -6.66 -21.46
C TYR E 39 13.04 -7.18 -22.90
N TYR E 40 12.46 -8.36 -23.11
CA TYR E 40 12.40 -8.94 -24.45
C TYR E 40 11.64 -8.05 -25.42
N PHE E 41 10.46 -7.57 -25.00
CA PHE E 41 9.69 -6.66 -25.84
C PHE E 41 10.30 -5.27 -25.93
N ARG E 42 11.25 -4.94 -25.06
CA ARG E 42 11.96 -3.66 -25.19
C ARG E 42 13.10 -3.76 -26.22
N VAL E 43 13.93 -4.80 -26.09
CA VAL E 43 15.06 -4.96 -27.01
C VAL E 43 14.56 -5.31 -28.39
N THR E 44 13.41 -5.97 -28.49
CA THR E 44 12.77 -6.19 -29.77
C THR E 44 11.82 -5.08 -30.17
N LYS E 45 11.59 -4.07 -29.32
CA LYS E 45 10.78 -2.91 -29.72
C LYS E 45 9.40 -3.34 -30.23
N SER E 46 8.76 -4.26 -29.51
CA SER E 46 7.46 -4.79 -29.90
C SER E 46 6.43 -4.60 -28.80
N GLU E 47 6.56 -3.51 -28.05
CA GLU E 47 5.68 -3.22 -26.92
C GLU E 47 4.27 -2.87 -27.41
N HIS E 48 4.08 -2.83 -28.73
CA HIS E 48 2.75 -2.62 -29.29
C HIS E 48 1.98 -3.93 -29.45
N MET E 49 2.65 -5.06 -29.37
CA MET E 49 2.00 -6.37 -29.41
C MET E 49 1.51 -6.71 -28.01
N THR E 50 0.50 -5.98 -27.58
CA THR E 50 0.03 -6.15 -26.22
C THR E 50 -0.52 -7.55 -25.94
N LYS E 51 -1.07 -8.22 -26.97
CA LYS E 51 -1.63 -9.55 -26.76
C LYS E 51 -0.53 -10.60 -26.63
N LEU E 52 0.50 -10.53 -27.49
CA LEU E 52 1.66 -11.41 -27.35
C LEU E 52 2.48 -11.07 -26.11
N LYS E 53 2.42 -9.81 -25.66
CA LYS E 53 3.10 -9.45 -24.42
C LYS E 53 2.42 -10.06 -23.21
N ASN E 54 1.09 -10.13 -23.24
CA ASN E 54 0.38 -10.77 -22.13
C ASN E 54 0.52 -12.28 -22.19
N LYS E 55 0.51 -12.85 -23.40
CA LYS E 55 0.67 -14.30 -23.52
C LYS E 55 2.08 -14.73 -23.12
N PHE E 56 3.08 -13.91 -23.45
CA PHE E 56 4.44 -14.19 -23.00
C PHE E 56 4.55 -13.97 -21.49
N GLN E 57 3.86 -12.96 -20.97
CA GLN E 57 3.90 -12.68 -19.54
C GLN E 57 3.31 -13.82 -18.73
N ARG E 58 2.08 -14.24 -19.08
CA ARG E 58 1.47 -15.39 -18.43
C ARG E 58 2.27 -16.66 -18.68
N MET E 59 3.10 -16.69 -19.72
CA MET E 59 3.94 -17.85 -19.99
C MET E 59 5.09 -17.94 -19.00
N CYS E 60 5.82 -16.84 -18.84
CA CYS E 60 6.97 -16.82 -17.92
C CYS E 60 6.55 -17.09 -16.48
N ASP E 61 5.31 -16.73 -16.12
CA ASP E 61 4.86 -16.93 -14.74
C ASP E 61 4.60 -18.40 -14.42
N ARG E 62 4.12 -19.16 -15.40
CA ARG E 62 3.87 -20.58 -15.20
C ARG E 62 5.06 -21.44 -15.57
N SER E 63 6.20 -20.82 -15.88
CA SER E 63 7.40 -21.56 -16.23
C SER E 63 8.05 -22.23 -15.04
N THR E 64 7.79 -21.73 -13.83
CA THR E 64 8.49 -22.11 -12.60
C THR E 64 9.98 -21.84 -12.69
N ILE E 65 10.39 -20.88 -13.53
CA ILE E 65 11.77 -20.44 -13.62
C ILE E 65 11.91 -19.13 -12.87
N LYS E 66 13.00 -18.98 -12.13
CA LYS E 66 13.29 -17.76 -11.38
C LYS E 66 14.42 -16.95 -11.99
N LYS E 67 15.55 -17.58 -12.31
CA LYS E 67 16.68 -16.89 -12.92
C LYS E 67 17.24 -17.74 -14.05
N ARG E 68 17.94 -17.08 -14.96
CA ARG E 68 18.53 -17.76 -16.11
C ARG E 68 19.84 -17.07 -16.48
N TYR E 69 20.81 -17.88 -16.87
CA TYR E 69 22.10 -17.40 -17.34
C TYR E 69 22.15 -17.48 -18.85
N MET E 70 22.43 -16.35 -19.49
CA MET E 70 22.42 -16.26 -20.95
C MET E 70 23.69 -15.60 -21.45
N VAL E 71 24.25 -16.16 -22.52
CA VAL E 71 25.39 -15.54 -23.19
C VAL E 71 24.95 -14.27 -23.91
N LEU E 72 23.77 -14.31 -24.54
CA LEU E 72 23.31 -13.19 -25.36
C LEU E 72 23.00 -11.99 -24.49
N THR E 73 23.81 -10.94 -24.61
CA THR E 73 23.56 -9.70 -23.92
C THR E 73 22.80 -8.73 -24.82
N GLU E 74 22.24 -7.70 -24.20
CA GLU E 74 21.70 -6.59 -25.00
C GLU E 74 22.80 -5.89 -25.76
N GLU E 75 24.02 -5.83 -25.18
CA GLU E 75 25.16 -5.27 -25.90
C GLU E 75 25.51 -6.10 -27.14
N LEU E 76 25.16 -7.38 -27.16
CA LEU E 76 25.31 -8.18 -28.38
C LEU E 76 24.17 -7.94 -29.36
N LEU E 77 22.96 -7.71 -28.85
CA LEU E 77 21.84 -7.42 -29.73
C LEU E 77 22.01 -6.09 -30.45
N GLU E 78 22.66 -5.12 -29.82
CA GLU E 78 22.93 -3.85 -30.48
C GLU E 78 23.94 -4.02 -31.61
N LYS E 79 24.83 -5.01 -31.50
CA LYS E 79 25.84 -5.28 -32.51
C LYS E 79 25.37 -6.24 -33.59
N ASN E 80 24.44 -7.13 -33.25
CA ASN E 80 23.84 -8.06 -34.20
C ASN E 80 22.36 -7.70 -34.33
N LEU E 81 22.07 -6.78 -35.26
CA LEU E 81 20.71 -6.28 -35.42
C LEU E 81 19.78 -7.28 -36.07
N SER E 82 20.32 -8.31 -36.73
CA SER E 82 19.47 -9.36 -37.28
C SER E 82 18.92 -10.28 -36.21
N LEU E 83 19.47 -10.25 -34.99
CA LEU E 83 18.98 -11.09 -33.90
C LEU E 83 17.72 -10.52 -33.27
N CYS E 84 17.55 -9.20 -33.33
CA CYS E 84 16.30 -8.56 -32.96
C CYS E 84 15.40 -8.35 -34.17
N THR E 85 15.37 -9.33 -35.07
CA THR E 85 14.42 -9.38 -36.17
C THR E 85 13.82 -10.77 -36.19
N TYR E 86 12.67 -10.90 -36.85
CA TYR E 86 12.00 -12.20 -36.87
C TYR E 86 12.73 -13.14 -37.81
N MET E 87 12.46 -13.01 -39.12
CA MET E 87 13.06 -13.87 -40.13
C MET E 87 13.84 -13.00 -41.12
N GLU E 88 14.98 -12.51 -40.67
CA GLU E 88 15.96 -11.84 -41.53
C GLU E 88 17.25 -12.65 -41.51
N PRO E 89 18.07 -12.55 -42.58
CA PRO E 89 19.31 -13.36 -42.63
C PRO E 89 20.16 -13.19 -41.38
N SER E 90 20.18 -14.23 -40.52
CA SER E 90 20.74 -14.13 -39.18
C SER E 90 21.79 -15.20 -38.84
N LEU E 91 22.03 -16.17 -39.72
CA LEU E 91 22.87 -17.30 -39.33
C LEU E 91 24.30 -16.86 -39.04
N ASP E 92 24.85 -15.95 -39.86
CA ASP E 92 26.23 -15.52 -39.64
C ASP E 92 26.40 -14.84 -38.29
N ALA E 93 25.37 -14.13 -37.81
CA ALA E 93 25.47 -13.46 -36.52
C ALA E 93 25.38 -14.45 -35.36
N ARG E 94 24.58 -15.51 -35.54
CA ARG E 94 24.52 -16.54 -34.51
C ARG E 94 25.72 -17.46 -34.56
N GLN E 95 26.27 -17.68 -35.75
CA GLN E 95 27.41 -18.58 -35.88
C GLN E 95 28.71 -17.92 -35.45
N ASP E 96 28.80 -16.60 -35.55
CA ASP E 96 29.97 -15.89 -35.02
C ASP E 96 29.94 -15.81 -33.51
N ILE E 97 28.80 -16.08 -32.89
CA ILE E 97 28.68 -16.14 -31.43
C ILE E 97 28.93 -17.54 -30.92
N LEU E 98 28.27 -18.53 -31.51
CA LEU E 98 28.28 -19.88 -30.96
C LEU E 98 29.63 -20.56 -31.14
N VAL E 99 30.25 -20.38 -32.31
CA VAL E 99 31.49 -21.11 -32.60
C VAL E 99 32.59 -20.83 -31.58
N PRO E 100 32.88 -19.57 -31.20
CA PRO E 100 33.94 -19.34 -30.20
C PRO E 100 33.49 -19.51 -28.75
N GLU E 101 32.26 -19.11 -28.44
CA GLU E 101 31.83 -19.07 -27.05
C GLU E 101 31.39 -20.43 -26.51
N VAL E 102 31.00 -21.37 -27.37
CA VAL E 102 30.52 -22.67 -26.91
C VAL E 102 31.65 -23.52 -26.32
N PRO E 103 32.79 -23.69 -26.99
CA PRO E 103 33.87 -24.53 -26.41
C PRO E 103 34.50 -23.94 -25.17
N LYS E 104 34.47 -22.61 -25.00
CA LYS E 104 35.08 -21.98 -23.82
C LYS E 104 34.22 -22.16 -22.57
N LEU E 105 32.89 -22.17 -22.72
CA LEU E 105 32.05 -22.48 -21.57
C LEU E 105 32.14 -23.96 -21.22
N GLY E 106 32.34 -24.83 -22.21
CA GLY E 106 32.57 -26.23 -21.92
C GLY E 106 33.92 -26.49 -21.29
N LYS E 107 34.94 -25.71 -21.69
CA LYS E 107 36.24 -25.86 -21.06
C LYS E 107 36.16 -25.51 -19.58
N GLU E 108 35.37 -24.49 -19.23
CA GLU E 108 35.19 -24.14 -17.83
C GLU E 108 34.45 -25.23 -17.08
N ALA E 109 33.46 -25.87 -17.74
CA ALA E 109 32.80 -27.01 -17.12
C ALA E 109 33.78 -28.16 -16.92
N ALA E 110 34.59 -28.45 -17.93
CA ALA E 110 35.58 -29.52 -17.80
C ALA E 110 36.63 -29.18 -16.75
N ASP E 111 36.99 -27.90 -16.63
CA ASP E 111 37.91 -27.48 -15.57
C ASP E 111 37.38 -27.89 -14.20
N GLU E 112 36.07 -27.74 -13.98
CA GLU E 112 35.48 -28.11 -12.70
C GLU E 112 35.48 -29.62 -12.52
N ALA E 113 35.28 -30.36 -13.60
CA ALA E 113 35.18 -31.80 -13.51
C ALA E 113 36.54 -32.45 -13.27
N ILE E 114 37.58 -31.97 -13.95
CA ILE E 114 38.90 -32.54 -13.76
C ILE E 114 39.47 -32.11 -12.40
N ALA E 115 39.15 -30.90 -11.94
CA ALA E 115 39.61 -30.48 -10.62
C ALA E 115 39.01 -31.33 -9.51
N GLU E 116 37.77 -31.80 -9.69
CA GLU E 116 37.17 -32.74 -8.77
C GLU E 116 37.62 -34.18 -9.07
N TRP E 117 37.99 -34.45 -10.31
CA TRP E 117 38.42 -35.78 -10.69
C TRP E 117 39.70 -36.18 -9.95
N GLY E 118 40.74 -35.37 -10.05
CA GLY E 118 41.95 -35.58 -9.29
C GLY E 118 43.08 -36.26 -10.02
N ARG E 119 42.94 -36.51 -11.31
CA ARG E 119 43.96 -37.14 -12.14
C ARG E 119 44.38 -36.18 -13.24
N PRO E 120 45.60 -36.34 -13.78
CA PRO E 120 46.10 -35.38 -14.77
C PRO E 120 45.25 -35.36 -16.04
N LYS E 121 45.29 -34.23 -16.74
CA LYS E 121 44.60 -34.13 -18.02
C LYS E 121 45.14 -35.12 -19.04
N SER E 122 46.38 -35.59 -18.87
CA SER E 122 46.96 -36.59 -19.77
C SER E 122 46.19 -37.89 -19.70
N GLU E 123 45.68 -38.23 -18.51
CA GLU E 123 45.01 -39.50 -18.32
C GLU E 123 43.70 -39.58 -19.08
N ILE E 124 43.14 -38.44 -19.47
CA ILE E 124 41.88 -38.43 -20.19
C ILE E 124 42.09 -39.10 -21.54
N THR E 125 41.37 -40.20 -21.75
CA THR E 125 41.56 -41.00 -22.95
C THR E 125 40.69 -40.53 -24.11
N HIS E 126 39.39 -40.41 -23.87
CA HIS E 126 38.43 -40.05 -24.91
C HIS E 126 37.70 -38.77 -24.53
N LEU E 127 37.01 -38.21 -25.52
CA LEU E 127 36.24 -36.99 -25.34
C LEU E 127 34.93 -37.10 -26.12
N ILE E 128 33.85 -36.61 -25.52
CA ILE E 128 32.56 -36.50 -26.19
C ILE E 128 32.05 -35.08 -25.95
N PHE E 129 32.04 -34.27 -27.00
CA PHE E 129 31.45 -32.94 -26.96
C PHE E 129 30.13 -32.98 -27.72
N CYS E 130 29.04 -32.69 -27.03
CA CYS E 130 27.71 -32.68 -27.62
C CYS E 130 27.12 -31.30 -27.50
N THR E 131 26.75 -30.70 -28.63
CA THR E 131 26.17 -29.37 -28.64
C THR E 131 25.23 -29.26 -29.83
N THR E 132 24.16 -28.49 -29.63
CA THR E 132 23.25 -28.11 -30.70
C THR E 132 23.57 -26.75 -31.27
N CYS E 133 24.31 -25.94 -30.53
CA CYS E 133 24.59 -24.55 -30.91
C CYS E 133 25.85 -24.48 -31.77
N GLY E 134 25.69 -24.04 -33.01
CA GLY E 134 26.84 -23.77 -33.87
C GLY E 134 27.53 -25.01 -34.37
N VAL E 135 27.96 -24.98 -35.64
CA VAL E 135 28.58 -26.11 -36.29
C VAL E 135 29.75 -25.60 -37.11
N ASP E 136 30.92 -26.24 -36.98
CA ASP E 136 32.12 -25.76 -37.66
C ASP E 136 33.09 -26.91 -37.85
N MET E 137 34.01 -26.73 -38.79
CA MET E 137 35.06 -27.71 -39.06
C MET E 137 36.42 -27.09 -38.85
N PRO E 138 37.28 -27.69 -38.01
CA PRO E 138 36.94 -28.83 -37.16
C PRO E 138 35.96 -28.45 -36.03
N GLY E 139 35.39 -29.45 -35.36
CA GLY E 139 34.31 -29.22 -34.43
C GLY E 139 34.76 -28.66 -33.10
N ALA E 140 33.79 -28.44 -32.22
CA ALA E 140 34.07 -27.92 -30.90
C ALA E 140 34.82 -28.91 -30.03
N ASP E 141 34.98 -30.16 -30.48
CA ASP E 141 35.85 -31.10 -29.78
C ASP E 141 37.31 -30.84 -30.10
N TYR E 142 37.58 -30.38 -31.32
CA TYR E 142 38.92 -29.91 -31.63
C TYR E 142 39.27 -28.67 -30.82
N GLN E 143 38.33 -27.73 -30.71
CA GLN E 143 38.58 -26.51 -29.96
C GLN E 143 38.75 -26.77 -28.47
N LEU E 144 38.11 -27.82 -27.94
CA LEU E 144 38.23 -28.08 -26.51
C LEU E 144 39.57 -28.73 -26.17
N THR E 145 39.97 -29.74 -26.95
CA THR E 145 41.29 -30.34 -26.74
C THR E 145 42.41 -29.35 -26.99
N LYS E 146 42.12 -28.23 -27.66
CA LYS E 146 43.08 -27.15 -27.82
C LYS E 146 43.02 -26.18 -26.65
N LEU E 147 41.82 -25.86 -26.18
CA LEU E 147 41.69 -24.86 -25.12
C LEU E 147 42.05 -25.40 -23.75
N LEU E 148 41.79 -26.68 -23.50
CA LEU E 148 41.98 -27.25 -22.18
C LEU E 148 43.35 -27.90 -22.00
N GLY E 149 43.98 -28.31 -23.11
CA GLY E 149 45.29 -28.90 -23.04
C GLY E 149 45.25 -30.40 -22.93
N LEU E 150 44.43 -31.06 -23.75
CA LEU E 150 44.33 -32.51 -23.72
C LEU E 150 45.32 -33.14 -24.68
N ARG E 151 45.39 -34.48 -24.65
CA ARG E 151 46.29 -35.21 -25.51
C ARG E 151 46.03 -34.89 -26.98
N SER E 152 47.10 -35.00 -27.78
CA SER E 152 46.93 -34.89 -29.23
C SER E 152 46.29 -36.15 -29.81
N SER E 153 46.57 -37.31 -29.20
CA SER E 153 46.00 -38.60 -29.62
C SER E 153 44.65 -38.88 -28.95
N VAL E 154 43.91 -37.84 -28.58
CA VAL E 154 42.60 -38.02 -27.95
C VAL E 154 41.62 -38.56 -28.97
N ARG E 155 40.70 -39.41 -28.51
CA ARG E 155 39.64 -39.96 -29.35
C ARG E 155 38.34 -39.21 -29.04
N ARG E 156 37.86 -38.44 -30.02
CA ARG E 156 36.77 -37.51 -29.79
C ARG E 156 35.54 -37.88 -30.63
N THR E 157 34.37 -37.63 -30.05
CA THR E 157 33.09 -37.69 -30.74
C THR E 157 32.45 -36.32 -30.66
N MET E 158 32.08 -35.77 -31.82
CA MET E 158 31.36 -34.51 -31.90
C MET E 158 29.94 -34.83 -32.34
N LEU E 159 28.99 -34.62 -31.44
CA LEU E 159 27.57 -34.92 -31.66
C LEU E 159 26.85 -33.59 -31.83
N TYR E 160 26.71 -33.17 -33.08
CA TYR E 160 26.13 -31.87 -33.39
C TYR E 160 24.62 -31.98 -33.51
N GLN E 161 23.92 -30.98 -32.96
CA GLN E 161 22.50 -30.79 -33.17
C GLN E 161 21.71 -32.09 -32.93
N GLN E 162 22.07 -32.81 -31.88
CA GLN E 162 21.29 -33.99 -31.53
C GLN E 162 20.01 -33.63 -30.79
N GLY E 163 19.75 -32.35 -30.53
CA GLY E 163 18.57 -31.96 -29.78
C GLY E 163 18.79 -31.99 -28.28
N CYS E 164 17.67 -31.89 -27.55
CA CYS E 164 17.67 -31.88 -26.09
C CYS E 164 17.84 -33.25 -25.47
N PHE E 165 17.98 -34.32 -26.25
CA PHE E 165 18.14 -35.65 -25.68
C PHE E 165 19.59 -36.10 -25.63
N GLY E 166 20.53 -35.21 -25.93
CA GLY E 166 21.93 -35.59 -25.97
C GLY E 166 22.52 -35.95 -24.62
N GLY E 167 21.87 -35.55 -23.53
CA GLY E 167 22.43 -35.83 -22.21
C GLY E 167 22.42 -37.30 -21.86
N GLY E 168 21.35 -38.01 -22.22
CA GLY E 168 21.35 -39.45 -22.10
C GLY E 168 22.11 -40.14 -23.21
N THR E 169 22.25 -39.47 -24.36
CA THR E 169 23.04 -40.03 -25.46
C THR E 169 24.50 -40.15 -25.06
N VAL E 170 25.06 -39.10 -24.44
CA VAL E 170 26.49 -39.06 -24.18
C VAL E 170 26.88 -40.06 -23.10
N LEU E 171 26.02 -40.27 -22.09
CA LEU E 171 26.30 -41.31 -21.11
C LEU E 171 26.16 -42.69 -21.72
N ARG E 172 25.32 -42.83 -22.74
CA ARG E 172 25.17 -44.12 -23.41
C ARG E 172 26.42 -44.45 -24.23
N LEU E 173 26.98 -43.46 -24.92
CA LEU E 173 28.20 -43.67 -25.69
C LEU E 173 29.40 -43.81 -24.76
N ALA E 174 29.43 -43.03 -23.68
CA ALA E 174 30.52 -43.13 -22.72
C ALA E 174 30.50 -44.46 -21.99
N LYS E 175 29.32 -45.06 -21.84
CA LYS E 175 29.23 -46.38 -21.21
C LYS E 175 30.06 -47.41 -21.95
N ASP E 176 29.85 -47.51 -23.26
CA ASP E 176 30.61 -48.50 -24.05
C ASP E 176 32.06 -48.07 -24.24
N LEU E 177 32.32 -46.76 -24.34
CA LEU E 177 33.68 -46.30 -24.59
C LEU E 177 34.61 -46.65 -23.44
N ALA E 178 34.17 -46.44 -22.20
CA ALA E 178 35.00 -46.75 -21.04
C ALA E 178 35.14 -48.24 -20.80
N GLU E 179 34.03 -48.99 -20.93
CA GLU E 179 34.07 -50.42 -20.62
C GLU E 179 34.78 -51.24 -21.69
N ASN E 180 34.97 -50.68 -22.89
CA ASN E 180 35.59 -51.41 -23.99
C ASN E 180 37.10 -51.22 -24.06
N ASN E 181 37.65 -50.21 -23.37
CA ASN E 181 39.09 -50.00 -23.32
C ASN E 181 39.52 -49.95 -21.86
N ALA E 182 40.50 -50.78 -21.49
CA ALA E 182 40.91 -50.91 -20.11
C ALA E 182 41.82 -49.77 -19.69
N GLY E 183 41.44 -49.07 -18.62
CA GLY E 183 42.15 -47.89 -18.17
C GLY E 183 41.70 -46.60 -18.83
N ALA E 184 40.57 -46.60 -19.53
CA ALA E 184 40.13 -45.44 -20.28
C ALA E 184 39.36 -44.48 -19.39
N ARG E 185 39.59 -43.18 -19.61
CA ARG E 185 38.90 -42.12 -18.89
C ARG E 185 38.38 -41.12 -19.90
N VAL E 186 37.06 -40.95 -19.95
CA VAL E 186 36.41 -40.15 -20.98
C VAL E 186 35.93 -38.85 -20.36
N LEU E 187 36.07 -37.76 -21.11
CA LEU E 187 35.51 -36.46 -20.76
C LEU E 187 34.31 -36.19 -21.65
N VAL E 188 33.18 -35.84 -21.05
CA VAL E 188 31.94 -35.66 -21.76
C VAL E 188 31.42 -34.25 -21.49
N VAL E 189 31.35 -33.43 -22.52
CA VAL E 189 30.99 -32.03 -22.39
C VAL E 189 29.73 -31.76 -23.20
N CYS E 190 28.74 -31.15 -22.55
CA CYS E 190 27.49 -30.75 -23.19
C CYS E 190 27.31 -29.25 -22.94
N SER E 191 27.44 -28.45 -24.00
CA SER E 191 27.46 -27.00 -23.87
C SER E 191 26.47 -26.40 -24.85
N GLU E 192 25.50 -25.64 -24.33
CA GLU E 192 24.44 -25.09 -25.16
C GLU E 192 24.21 -23.63 -24.82
N ILE E 193 23.75 -22.87 -25.83
CA ILE E 193 23.57 -21.44 -25.74
C ILE E 193 22.21 -21.07 -26.31
N THR E 194 21.69 -19.92 -25.86
CA THR E 194 20.34 -19.48 -26.23
C THR E 194 20.21 -19.27 -27.73
N THR E 195 21.08 -18.44 -28.32
CA THR E 195 20.80 -17.81 -29.60
C THR E 195 20.67 -18.77 -30.78
N ALA E 196 20.14 -19.97 -30.53
CA ALA E 196 19.58 -20.78 -31.60
C ALA E 196 18.08 -20.62 -31.73
N VAL E 197 17.42 -20.01 -30.75
CA VAL E 197 15.98 -19.91 -30.69
C VAL E 197 15.58 -18.46 -30.41
N ASN E 198 16.54 -17.55 -30.48
CA ASN E 198 16.31 -16.16 -30.13
C ASN E 198 16.00 -15.35 -31.38
N PHE E 199 14.82 -14.74 -31.42
CA PHE E 199 14.49 -13.80 -32.48
C PHE E 199 13.40 -12.84 -31.99
N ARG E 200 13.05 -11.88 -32.84
CA ARG E 200 12.10 -10.82 -32.50
C ARG E 200 10.69 -11.38 -32.38
N GLY E 201 9.94 -10.80 -31.46
CA GLY E 201 8.53 -11.13 -31.25
C GLY E 201 7.66 -11.09 -32.49
N PRO E 202 7.77 -9.99 -33.25
CA PRO E 202 6.86 -9.74 -34.40
C PRO E 202 6.54 -10.93 -35.28
N SER E 203 5.67 -11.80 -34.77
CA SER E 203 5.00 -12.79 -35.63
C SER E 203 3.86 -13.43 -34.88
N ASP E 204 2.64 -13.21 -35.37
CA ASP E 204 1.54 -14.10 -35.02
C ASP E 204 1.81 -15.52 -35.49
N THR E 205 2.70 -15.68 -36.48
CA THR E 205 3.32 -16.97 -36.76
C THR E 205 4.31 -17.31 -35.65
N HIS E 206 4.71 -18.58 -35.57
CA HIS E 206 5.82 -19.00 -34.72
C HIS E 206 5.60 -18.59 -33.28
N LEU E 207 4.44 -18.94 -32.75
CA LEU E 207 4.19 -18.71 -31.33
C LEU E 207 4.61 -19.89 -30.46
N ASP E 208 5.00 -21.00 -31.07
CA ASP E 208 5.59 -22.05 -30.25
C ASP E 208 6.98 -21.68 -29.76
N LEU E 209 7.76 -20.95 -30.54
CA LEU E 209 9.08 -20.58 -30.04
C LEU E 209 9.03 -19.41 -29.09
N LEU E 210 7.84 -18.88 -28.79
CA LEU E 210 7.70 -18.04 -27.60
C LEU E 210 7.93 -18.84 -26.32
N VAL E 211 7.62 -20.14 -26.36
CA VAL E 211 7.93 -21.01 -25.21
C VAL E 211 9.43 -21.20 -25.12
N GLY E 212 10.12 -21.14 -26.27
CA GLY E 212 11.55 -21.34 -26.29
C GLY E 212 12.33 -20.17 -25.75
N LEU E 213 11.81 -18.95 -25.95
CA LEU E 213 12.37 -17.76 -25.34
C LEU E 213 12.01 -17.63 -23.86
N ALA E 214 11.08 -18.44 -23.37
CA ALA E 214 10.68 -18.40 -21.97
C ALA E 214 11.31 -19.49 -21.12
N LEU E 215 11.92 -20.51 -21.73
CA LEU E 215 12.46 -21.64 -20.99
C LEU E 215 13.94 -21.90 -21.23
N PHE E 216 14.48 -21.56 -22.39
CA PHE E 216 15.84 -21.96 -22.75
C PHE E 216 16.86 -21.09 -22.04
N GLY E 217 17.94 -21.72 -21.55
CA GLY E 217 19.04 -21.02 -20.93
C GLY E 217 20.37 -21.50 -21.48
N ASP E 218 21.44 -20.91 -20.93
CA ASP E 218 22.80 -21.23 -21.36
C ASP E 218 23.58 -21.90 -20.23
N GLY E 219 24.33 -22.93 -20.58
CA GLY E 219 25.13 -23.63 -19.59
C GLY E 219 25.86 -24.77 -20.23
N ALA E 220 26.97 -25.15 -19.61
CA ALA E 220 27.81 -26.26 -20.04
C ALA E 220 28.06 -27.18 -18.85
N ALA E 221 27.98 -28.48 -19.10
CA ALA E 221 28.21 -29.48 -18.09
C ALA E 221 29.25 -30.47 -18.59
N ALA E 222 29.96 -31.09 -17.65
CA ALA E 222 31.01 -32.04 -17.97
C ALA E 222 31.05 -33.13 -16.91
N VAL E 223 31.36 -34.35 -17.35
CA VAL E 223 31.50 -35.50 -16.47
C VAL E 223 32.74 -36.27 -16.88
N ILE E 224 33.48 -36.76 -15.89
CA ILE E 224 34.60 -37.67 -16.11
C ILE E 224 34.07 -39.07 -15.81
N VAL E 225 33.92 -39.88 -16.85
CA VAL E 225 33.37 -41.22 -16.70
C VAL E 225 34.45 -42.21 -17.10
N GLY E 226 34.44 -43.35 -16.42
CA GLY E 226 35.42 -44.39 -16.68
C GLY E 226 35.09 -45.62 -15.87
N ALA E 227 35.57 -46.76 -16.37
CA ALA E 227 35.38 -48.05 -15.73
C ALA E 227 36.62 -48.43 -14.93
N ASP E 228 36.44 -49.41 -14.04
CA ASP E 228 37.46 -49.88 -13.09
C ASP E 228 37.99 -48.72 -12.27
N PRO E 229 37.14 -48.01 -11.52
CA PRO E 229 37.62 -46.84 -10.79
C PRO E 229 38.73 -47.20 -9.81
N ASP E 230 39.76 -46.34 -9.77
CA ASP E 230 40.85 -46.47 -8.82
C ASP E 230 40.38 -45.96 -7.46
N PRO E 231 40.11 -46.84 -6.49
CA PRO E 231 39.60 -46.37 -5.19
C PRO E 231 40.63 -45.61 -4.39
N THR E 232 41.80 -45.35 -4.98
CA THR E 232 42.88 -44.59 -4.38
C THR E 232 42.86 -43.13 -4.80
N LEU E 233 42.73 -42.87 -6.10
CA LEU E 233 42.73 -41.52 -6.63
C LEU E 233 41.36 -41.03 -7.09
N GLU E 234 40.42 -41.94 -7.31
CA GLU E 234 39.11 -41.61 -7.85
C GLU E 234 38.00 -42.07 -6.92
N ARG E 235 36.92 -41.29 -6.87
CA ARG E 235 35.72 -41.66 -6.14
C ARG E 235 34.56 -41.77 -7.12
N PRO E 236 33.89 -42.91 -7.22
CA PRO E 236 32.75 -43.03 -8.14
C PRO E 236 31.51 -42.36 -7.56
N LEU E 237 30.54 -42.10 -8.45
CA LEU E 237 29.31 -41.43 -8.05
C LEU E 237 28.08 -42.19 -8.52
N PHE E 238 27.99 -42.47 -9.82
CA PHE E 238 26.84 -43.16 -10.40
C PHE E 238 27.31 -44.17 -11.42
N GLN E 239 26.80 -45.40 -11.33
CA GLN E 239 27.15 -46.46 -12.26
C GLN E 239 26.17 -46.45 -13.43
N ILE E 240 26.69 -46.33 -14.65
CA ILE E 240 25.85 -46.37 -15.84
C ILE E 240 25.45 -47.81 -16.12
N VAL E 241 24.30 -48.22 -15.59
CA VAL E 241 23.87 -49.61 -15.73
C VAL E 241 23.35 -49.89 -17.13
N SER E 242 22.65 -48.94 -17.74
CA SER E 242 21.96 -49.21 -18.98
C SER E 242 21.67 -47.90 -19.70
N GLY E 243 21.76 -47.92 -21.02
CA GLY E 243 21.38 -46.79 -21.83
C GLY E 243 20.58 -47.26 -23.03
N ALA E 244 19.37 -46.73 -23.19
CA ALA E 244 18.49 -47.15 -24.26
C ALA E 244 17.88 -45.94 -24.94
N GLN E 245 17.52 -46.11 -26.21
CA GLN E 245 16.93 -45.05 -27.00
C GLN E 245 15.82 -45.62 -27.87
N THR E 246 14.76 -44.84 -28.05
CA THR E 246 13.65 -45.25 -28.88
C THR E 246 12.99 -44.03 -29.51
N ILE E 247 12.17 -44.29 -30.52
CA ILE E 247 11.33 -43.27 -31.15
C ILE E 247 9.89 -43.53 -30.72
N LEU E 248 9.23 -42.48 -30.22
CA LEU E 248 7.89 -42.64 -29.68
C LEU E 248 6.87 -42.86 -30.80
N PRO E 249 5.89 -43.72 -30.60
CA PRO E 249 4.91 -43.98 -31.67
C PRO E 249 4.02 -42.77 -31.93
N ASP E 250 3.63 -42.62 -33.20
CA ASP E 250 2.80 -41.52 -33.65
C ASP E 250 3.37 -40.18 -33.20
N SER E 251 4.61 -39.92 -33.63
CA SER E 251 5.28 -38.68 -33.26
C SER E 251 5.99 -38.04 -34.43
N GLU E 252 5.62 -38.40 -35.66
CA GLU E 252 6.29 -37.87 -36.84
C GLU E 252 5.97 -36.39 -37.01
N GLY E 253 7.00 -35.56 -36.93
CA GLY E 253 6.83 -34.13 -36.98
C GLY E 253 6.52 -33.49 -35.64
N ALA E 254 6.64 -34.25 -34.55
CA ALA E 254 6.31 -33.70 -33.24
C ALA E 254 7.14 -32.46 -32.91
N ILE E 255 8.39 -32.43 -33.37
CA ILE E 255 9.26 -31.27 -33.22
C ILE E 255 10.34 -31.33 -34.29
N ASN E 256 10.30 -30.37 -35.22
CA ASN E 256 11.22 -30.32 -36.35
C ASN E 256 12.03 -29.04 -36.31
N GLY E 257 13.36 -29.18 -36.38
CA GLY E 257 14.25 -28.03 -36.37
C GLY E 257 15.07 -27.93 -37.64
N HIS E 258 14.73 -26.97 -38.50
CA HIS E 258 15.37 -26.82 -39.79
C HIS E 258 16.41 -25.70 -39.72
N LEU E 259 17.63 -26.00 -40.17
CA LEU E 259 18.72 -25.03 -40.19
C LEU E 259 18.75 -24.35 -41.56
N ARG E 260 18.40 -23.07 -41.60
CA ARG E 260 18.30 -22.31 -42.84
C ARG E 260 19.19 -21.08 -42.74
N GLU E 261 19.09 -20.20 -43.74
CA GLU E 261 19.81 -18.93 -43.71
C GLU E 261 19.32 -18.04 -42.57
N VAL E 262 18.16 -18.35 -41.97
CA VAL E 262 17.67 -17.59 -40.83
C VAL E 262 18.14 -18.16 -39.50
N GLY E 263 18.90 -19.25 -39.52
CA GLY E 263 19.23 -19.97 -38.32
C GLY E 263 18.34 -21.17 -38.12
N LEU E 264 18.24 -21.60 -36.87
CA LEU E 264 17.46 -22.78 -36.51
C LEU E 264 16.02 -22.35 -36.24
N THR E 265 15.09 -22.83 -37.09
CA THR E 265 13.67 -22.60 -36.90
C THR E 265 13.03 -23.90 -36.43
N ILE E 266 12.36 -23.85 -35.29
CA ILE E 266 11.70 -25.00 -34.69
C ILE E 266 10.19 -24.76 -34.73
N ARG E 267 9.44 -25.81 -35.07
CA ARG E 267 7.99 -25.70 -35.17
C ARG E 267 7.27 -26.40 -34.04
N LEU E 268 7.50 -27.70 -33.85
CA LEU E 268 6.84 -28.51 -32.83
C LEU E 268 5.35 -28.62 -33.10
N LEU E 269 4.90 -29.82 -33.50
CA LEU E 269 3.53 -30.04 -33.90
C LEU E 269 2.69 -30.79 -32.87
N LYS E 270 3.31 -31.56 -31.98
CA LYS E 270 2.58 -32.53 -31.17
C LYS E 270 2.67 -32.34 -29.66
N ASP E 271 3.35 -31.29 -29.18
CA ASP E 271 3.47 -30.98 -27.76
C ASP E 271 4.13 -32.10 -26.97
N VAL E 272 5.30 -31.83 -26.42
CA VAL E 272 6.05 -32.90 -25.76
C VAL E 272 5.35 -33.47 -24.53
N PRO E 273 4.57 -32.69 -23.70
CA PRO E 273 4.09 -33.29 -22.44
C PRO E 273 3.08 -34.41 -22.63
N GLY E 274 2.00 -34.14 -23.37
CA GLY E 274 1.03 -35.17 -23.63
C GLY E 274 1.61 -36.37 -24.34
N LEU E 275 2.65 -36.15 -25.15
CA LEU E 275 3.23 -37.24 -25.92
C LEU E 275 4.09 -38.14 -25.05
N VAL E 276 4.81 -37.55 -24.09
CA VAL E 276 5.78 -38.32 -23.32
C VAL E 276 5.13 -39.03 -22.15
N SER E 277 4.00 -38.55 -21.65
CA SER E 277 3.39 -39.19 -20.49
C SER E 277 2.74 -40.52 -20.85
N MET E 278 2.31 -40.70 -22.10
CA MET E 278 1.74 -41.98 -22.50
C MET E 278 2.80 -43.07 -22.56
N ASN E 279 4.03 -42.70 -22.92
CA ASN E 279 5.10 -43.66 -23.16
C ASN E 279 6.17 -43.66 -22.07
N ILE E 280 6.02 -42.84 -21.04
CA ILE E 280 6.97 -42.91 -19.92
C ILE E 280 6.84 -44.24 -19.20
N GLU E 281 5.64 -44.84 -19.20
CA GLU E 281 5.45 -46.10 -18.50
C GLU E 281 6.14 -47.25 -19.22
N LYS E 282 6.08 -47.26 -20.55
CA LYS E 282 6.65 -48.37 -21.31
C LYS E 282 8.16 -48.30 -21.37
N CYS E 283 8.74 -47.10 -21.23
CA CYS E 283 10.20 -46.98 -21.17
C CYS E 283 10.73 -47.48 -19.84
N LEU E 284 10.11 -47.07 -18.74
CA LEU E 284 10.50 -47.57 -17.43
C LEU E 284 10.26 -49.06 -17.31
N MET E 285 9.17 -49.55 -17.90
CA MET E 285 8.86 -50.98 -17.86
C MET E 285 9.95 -51.79 -18.53
N GLU E 286 10.40 -51.34 -19.71
CA GLU E 286 11.39 -52.12 -20.46
C GLU E 286 12.79 -51.99 -19.89
N ALA E 287 13.14 -50.83 -19.34
CA ALA E 287 14.48 -50.67 -18.76
C ALA E 287 14.63 -51.46 -17.46
N PHE E 288 13.57 -51.55 -16.66
CA PHE E 288 13.65 -52.18 -15.35
C PHE E 288 13.02 -53.57 -15.33
N ALA E 289 12.66 -54.13 -16.48
CA ALA E 289 12.32 -55.55 -16.51
C ALA E 289 13.45 -56.44 -16.03
N PRO E 290 14.72 -56.27 -16.46
CA PRO E 290 15.77 -57.18 -15.99
C PRO E 290 16.09 -57.07 -14.51
N MET E 291 15.63 -56.02 -13.81
CA MET E 291 15.87 -55.90 -12.38
C MET E 291 14.63 -56.19 -11.54
N GLY E 292 13.46 -56.33 -12.15
CA GLY E 292 12.26 -56.59 -11.38
C GLY E 292 11.76 -55.41 -10.58
N ILE E 293 12.09 -54.19 -10.98
CA ILE E 293 11.60 -52.98 -10.31
C ILE E 293 10.41 -52.44 -11.09
N HIS E 294 9.28 -52.28 -10.40
CA HIS E 294 8.04 -51.85 -11.01
C HIS E 294 7.43 -50.61 -10.36
N ASP E 295 7.88 -50.21 -9.18
CA ASP E 295 7.42 -48.99 -8.53
C ASP E 295 8.42 -47.89 -8.85
N TRP E 296 7.95 -46.83 -9.52
CA TRP E 296 8.81 -45.72 -9.92
C TRP E 296 8.92 -44.65 -8.83
N ASN E 297 8.50 -44.96 -7.60
CA ASN E 297 8.79 -44.14 -6.44
C ASN E 297 9.85 -44.74 -5.53
N SER E 298 10.18 -46.02 -5.72
CA SER E 298 11.32 -46.65 -5.06
C SER E 298 12.56 -46.54 -5.92
N ILE E 299 12.93 -45.32 -6.29
CA ILE E 299 13.94 -45.08 -7.31
C ILE E 299 14.22 -43.58 -7.38
N PHE E 300 15.46 -43.19 -7.68
CA PHE E 300 15.77 -41.78 -7.81
C PHE E 300 15.65 -41.36 -9.28
N TRP E 301 15.22 -40.11 -9.48
CA TRP E 301 14.79 -39.63 -10.79
C TRP E 301 15.67 -38.48 -11.28
N ILE E 302 15.98 -38.51 -12.57
CA ILE E 302 16.64 -37.42 -13.27
C ILE E 302 15.91 -37.28 -14.60
N ALA E 303 14.99 -36.33 -14.68
CA ALA E 303 14.17 -36.12 -15.87
C ALA E 303 14.59 -34.80 -16.51
N HIS E 304 14.78 -34.82 -17.81
CA HIS E 304 15.12 -33.59 -18.52
C HIS E 304 13.96 -32.62 -18.44
N PRO E 305 14.10 -31.47 -17.77
CA PRO E 305 12.96 -30.54 -17.64
C PRO E 305 12.74 -29.70 -18.89
N GLY E 306 12.18 -30.35 -19.92
CA GLY E 306 11.83 -29.64 -21.14
C GLY E 306 10.81 -28.53 -20.92
N GLY E 307 10.10 -28.58 -19.80
CA GLY E 307 9.10 -27.59 -19.47
C GLY E 307 8.28 -28.07 -18.29
N PRO E 308 7.86 -27.14 -17.42
CA PRO E 308 7.18 -27.57 -16.19
C PRO E 308 5.95 -28.41 -16.45
N THR E 309 5.30 -28.20 -17.60
CA THR E 309 4.09 -28.94 -17.92
C THR E 309 4.37 -30.42 -18.07
N ILE E 310 5.51 -30.76 -18.67
CA ILE E 310 5.82 -32.17 -18.93
C ILE E 310 6.22 -32.87 -17.64
N LEU E 311 6.75 -32.14 -16.66
CA LEU E 311 7.06 -32.75 -15.37
C LEU E 311 5.79 -32.95 -14.55
N ASP E 312 4.88 -31.97 -14.60
CA ASP E 312 3.63 -32.08 -13.86
C ASP E 312 2.76 -33.22 -14.37
N GLN E 313 2.81 -33.51 -15.67
CA GLN E 313 1.95 -34.55 -16.24
C GLN E 313 2.58 -35.94 -16.16
N VAL E 314 3.90 -36.04 -16.11
CA VAL E 314 4.52 -37.32 -15.78
C VAL E 314 4.40 -37.59 -14.28
N GLU E 315 4.34 -36.53 -13.47
CA GLU E 315 4.13 -36.71 -12.04
C GLU E 315 2.72 -37.20 -11.73
N ALA E 316 1.77 -36.91 -12.61
CA ALA E 316 0.39 -37.34 -12.43
C ALA E 316 0.13 -38.72 -13.03
N LYS E 317 0.55 -38.93 -14.28
CA LYS E 317 0.29 -40.19 -14.95
C LYS E 317 0.86 -41.37 -14.17
N LEU E 318 2.06 -41.19 -13.60
CA LEU E 318 2.70 -42.23 -12.81
C LEU E 318 2.35 -42.16 -11.33
N GLY E 319 1.71 -41.08 -10.88
CA GLY E 319 1.38 -40.94 -9.48
C GLY E 319 2.58 -40.77 -8.58
N LEU E 320 3.59 -40.03 -9.03
CA LEU E 320 4.82 -39.86 -8.25
C LEU E 320 4.62 -38.84 -7.13
N LYS E 321 5.43 -38.97 -6.09
CA LYS E 321 5.44 -38.01 -5.00
C LYS E 321 6.24 -36.78 -5.41
N GLU E 322 5.89 -35.64 -4.79
CA GLU E 322 6.41 -34.35 -5.24
C GLU E 322 7.93 -34.27 -5.13
N GLU E 323 8.54 -35.02 -4.22
CA GLU E 323 9.96 -34.91 -3.98
C GLU E 323 10.80 -35.54 -5.08
N LYS E 324 10.22 -36.42 -5.90
CA LYS E 324 11.00 -37.12 -6.91
C LYS E 324 11.65 -36.16 -7.90
N LEU E 325 10.92 -35.12 -8.29
CA LEU E 325 11.40 -34.15 -9.25
C LEU E 325 11.97 -32.89 -8.58
N LYS E 326 12.13 -32.93 -7.25
CA LYS E 326 12.60 -31.76 -6.51
C LYS E 326 13.93 -31.26 -7.06
N SER E 327 14.96 -32.11 -7.04
CA SER E 327 16.22 -31.73 -7.64
C SER E 327 16.10 -31.53 -9.14
N THR E 328 15.15 -32.22 -9.78
CA THR E 328 14.93 -32.04 -11.22
C THR E 328 14.33 -30.68 -11.51
N ARG E 329 13.29 -30.30 -10.77
CA ARG E 329 12.74 -28.95 -10.90
C ARG E 329 13.67 -27.88 -10.34
N ALA E 330 14.60 -28.25 -9.46
CA ALA E 330 15.48 -27.25 -8.86
C ALA E 330 16.46 -26.70 -9.88
N VAL E 331 17.03 -27.55 -10.72
CA VAL E 331 17.90 -27.07 -11.79
C VAL E 331 17.10 -26.24 -12.78
N LEU E 332 15.85 -26.66 -13.05
CA LEU E 332 15.00 -25.89 -13.94
C LEU E 332 14.66 -24.54 -13.34
N ARG E 333 14.52 -24.49 -12.01
CA ARG E 333 14.13 -23.25 -11.35
C ARG E 333 15.23 -22.20 -11.41
N GLU E 334 16.49 -22.60 -11.21
CA GLU E 334 17.60 -21.67 -11.10
C GLU E 334 18.46 -21.60 -12.36
N TYR E 335 18.09 -22.33 -13.41
CA TYR E 335 18.87 -22.32 -14.65
C TYR E 335 18.04 -22.36 -15.91
N GLY E 336 16.80 -22.82 -15.88
CA GLY E 336 16.04 -22.96 -17.10
C GLY E 336 16.41 -24.26 -17.79
N ASN E 337 15.92 -24.41 -19.02
CA ASN E 337 16.25 -25.56 -19.86
C ASN E 337 17.51 -25.23 -20.66
N MET E 338 18.57 -25.99 -20.41
CA MET E 338 19.84 -25.82 -21.09
C MET E 338 20.15 -27.00 -22.00
N SER E 339 19.10 -27.66 -22.50
CA SER E 339 19.20 -28.77 -23.45
C SER E 339 19.87 -29.97 -22.80
N SER E 340 20.81 -30.59 -23.51
CA SER E 340 21.40 -31.83 -23.01
C SER E 340 22.25 -31.62 -21.76
N ALA E 341 22.51 -30.38 -21.36
CA ALA E 341 23.24 -30.10 -20.15
C ALA E 341 22.37 -30.22 -18.91
N CYS E 342 21.06 -30.12 -19.06
CA CYS E 342 20.15 -30.11 -17.90
C CYS E 342 20.34 -31.37 -17.05
N VAL E 343 20.36 -32.55 -17.68
CA VAL E 343 20.47 -33.79 -16.92
C VAL E 343 21.78 -33.84 -16.15
N LEU E 344 22.87 -33.38 -16.76
CA LEU E 344 24.14 -33.37 -16.07
C LEU E 344 24.17 -32.29 -14.98
N PHE E 345 23.51 -31.15 -15.24
CA PHE E 345 23.31 -30.18 -14.16
C PHE E 345 22.42 -30.77 -13.06
N ILE E 346 21.51 -31.66 -13.43
CA ILE E 346 20.67 -32.33 -12.44
C ILE E 346 21.44 -33.42 -11.73
N LEU E 347 22.19 -34.22 -12.49
CA LEU E 347 23.02 -35.27 -11.89
C LEU E 347 23.87 -34.72 -10.77
N ASP E 348 24.51 -33.56 -11.01
CA ASP E 348 25.32 -32.92 -9.99
C ASP E 348 24.49 -32.60 -8.75
N GLU E 349 23.30 -32.03 -8.94
CA GLU E 349 22.47 -31.64 -7.81
C GLU E 349 21.93 -32.86 -7.07
N VAL E 350 21.74 -33.98 -7.76
CA VAL E 350 21.31 -35.20 -7.09
C VAL E 350 22.35 -35.62 -6.06
N ARG E 351 23.62 -35.44 -6.38
CA ARG E 351 24.67 -35.81 -5.44
C ARG E 351 24.98 -34.69 -4.45
N LYS E 352 24.83 -33.43 -4.87
CA LYS E 352 25.12 -32.32 -3.95
C LYS E 352 24.08 -32.23 -2.85
N ARG E 353 22.81 -32.37 -3.20
CA ARG E 353 21.77 -32.38 -2.16
C ARG E 353 21.92 -33.61 -1.27
N SER E 354 22.23 -34.77 -1.86
CA SER E 354 22.41 -35.98 -1.08
C SER E 354 23.62 -35.88 -0.15
N MET E 355 24.56 -34.98 -0.43
CA MET E 355 25.66 -34.76 0.51
C MET E 355 25.23 -33.87 1.67
N GLU E 356 24.43 -32.83 1.38
CA GLU E 356 23.99 -31.92 2.42
C GLU E 356 22.91 -32.54 3.31
N GLU E 357 22.05 -33.38 2.76
CA GLU E 357 21.02 -34.06 3.51
C GLU E 357 21.50 -35.38 4.12
N GLY E 358 22.74 -35.79 3.83
CA GLY E 358 23.28 -37.03 4.35
C GLY E 358 22.44 -38.24 4.00
N LYS E 359 22.36 -38.57 2.71
CA LYS E 359 21.61 -39.75 2.30
C LYS E 359 22.51 -40.97 2.27
N THR E 360 21.89 -42.14 2.10
CA THR E 360 22.64 -43.40 2.10
C THR E 360 23.60 -43.48 0.92
N THR E 361 23.14 -43.09 -0.27
CA THR E 361 23.92 -43.22 -1.51
C THR E 361 23.93 -41.89 -2.24
N THR E 362 24.59 -41.87 -3.41
CA THR E 362 24.61 -40.67 -4.25
C THR E 362 23.27 -40.40 -4.92
N GLY E 363 22.42 -41.41 -5.03
CA GLY E 363 21.10 -41.23 -5.61
C GLY E 363 20.05 -40.98 -4.56
N GLU E 364 20.17 -39.84 -3.86
CA GLU E 364 19.28 -39.43 -2.77
C GLU E 364 18.84 -40.63 -1.93
N GLY E 365 19.81 -41.45 -1.56
CA GLY E 365 19.57 -42.59 -0.69
C GLY E 365 19.06 -43.83 -1.38
N PHE E 366 18.82 -43.79 -2.68
CA PHE E 366 18.27 -44.93 -3.41
C PHE E 366 19.37 -45.61 -4.23
N ASP E 367 19.12 -46.89 -4.55
CA ASP E 367 20.09 -47.73 -5.25
C ASP E 367 20.03 -47.58 -6.77
N TRP E 368 18.84 -47.68 -7.36
CA TRP E 368 18.67 -47.58 -8.81
C TRP E 368 18.06 -46.23 -9.18
N GLY E 369 18.31 -45.82 -10.42
CA GLY E 369 17.89 -44.49 -10.82
C GLY E 369 17.65 -44.40 -12.32
N VAL E 370 17.17 -43.23 -12.74
CA VAL E 370 16.73 -43.02 -14.12
C VAL E 370 17.20 -41.66 -14.59
N LEU E 371 17.82 -41.62 -15.77
CA LEU E 371 18.18 -40.38 -16.45
C LEU E 371 17.46 -40.36 -17.79
N PHE E 372 16.71 -39.30 -18.06
CA PHE E 372 15.82 -39.22 -19.20
C PHE E 372 16.22 -38.05 -20.09
N GLY E 373 16.30 -38.29 -21.39
CA GLY E 373 16.53 -37.24 -22.35
C GLY E 373 15.46 -37.19 -23.41
N PHE E 374 14.73 -36.07 -23.47
CA PHE E 374 13.64 -35.88 -24.42
C PHE E 374 14.13 -35.05 -25.61
N GLY E 375 13.79 -35.48 -26.81
CA GLY E 375 14.24 -34.80 -27.99
C GLY E 375 13.43 -35.07 -29.24
N PRO E 376 13.85 -34.47 -30.35
CA PRO E 376 13.14 -34.65 -31.62
C PRO E 376 13.11 -36.11 -32.06
N GLY E 377 12.01 -36.50 -32.68
CA GLY E 377 11.83 -37.89 -33.08
C GLY E 377 10.38 -38.32 -33.20
N PHE E 378 9.64 -38.38 -32.09
CA PHE E 378 10.13 -38.02 -30.76
C PHE E 378 11.01 -39.09 -30.13
N THR E 379 12.22 -38.70 -29.73
CA THR E 379 13.22 -39.62 -29.20
C THR E 379 13.27 -39.49 -27.68
N VAL E 380 13.26 -40.62 -26.99
CA VAL E 380 13.46 -40.64 -25.53
C VAL E 380 14.64 -41.54 -25.21
N GLU E 381 15.59 -41.00 -24.46
CA GLU E 381 16.73 -41.75 -23.95
C GLU E 381 16.46 -42.07 -22.49
N THR E 382 16.50 -43.36 -22.15
CA THR E 382 16.37 -43.81 -20.77
C THR E 382 17.70 -44.44 -20.36
N VAL E 383 18.30 -43.90 -19.31
CA VAL E 383 19.59 -44.36 -18.80
C VAL E 383 19.40 -44.77 -17.35
N VAL E 384 19.47 -46.07 -17.10
CA VAL E 384 19.40 -46.59 -15.73
C VAL E 384 20.77 -46.43 -15.07
N LEU E 385 20.80 -45.81 -13.90
CA LEU E 385 22.02 -45.64 -13.13
C LEU E 385 21.91 -46.40 -11.82
N HIS E 386 23.07 -46.73 -11.24
CA HIS E 386 23.15 -47.28 -9.90
C HIS E 386 24.01 -46.36 -9.05
N SER E 387 23.45 -45.86 -7.96
CA SER E 387 24.15 -44.93 -7.09
C SER E 387 25.36 -45.60 -6.45
N MET E 388 26.15 -44.84 -5.69
CA MET E 388 27.31 -45.38 -5.00
C MET E 388 27.27 -45.06 -3.52
N PRO E 389 27.70 -45.99 -2.66
CA PRO E 389 27.61 -45.76 -1.21
C PRO E 389 28.65 -44.77 -0.72
N ILE E 390 28.32 -44.11 0.39
CA ILE E 390 29.21 -43.15 1.02
C ILE E 390 29.24 -43.42 2.52
N PRO E 391 30.42 -43.66 3.13
CA PRO E 391 30.58 -43.80 4.58
C PRO E 391 30.75 -42.46 5.28
N ALA F 10 -45.38 19.96 -37.26
CA ALA F 10 -45.64 18.59 -37.70
C ALA F 10 -44.36 17.91 -38.17
N GLN F 11 -44.51 16.71 -38.74
CA GLN F 11 -43.39 15.97 -39.33
C GLN F 11 -42.32 15.64 -38.30
N ARG F 12 -42.75 15.35 -37.07
CA ARG F 12 -41.80 15.12 -35.99
C ARG F 12 -42.42 14.20 -34.96
N ALA F 13 -41.55 13.50 -34.24
CA ALA F 13 -41.92 12.74 -33.05
C ALA F 13 -41.31 13.41 -31.83
N LYS F 14 -42.03 13.35 -30.71
CA LYS F 14 -41.59 14.01 -29.50
C LYS F 14 -40.85 13.08 -28.54
N GLY F 15 -41.34 11.86 -28.32
CA GLY F 15 -40.80 11.01 -27.29
C GLY F 15 -39.56 10.27 -27.73
N PRO F 16 -38.89 9.65 -26.76
CA PRO F 16 -37.67 8.90 -27.08
C PRO F 16 -37.99 7.65 -27.89
N ALA F 17 -36.95 7.13 -28.56
CA ALA F 17 -37.11 5.92 -29.34
C ALA F 17 -37.23 4.72 -28.41
N THR F 18 -38.23 3.88 -28.64
CA THR F 18 -38.58 2.81 -27.72
C THR F 18 -38.62 1.49 -28.47
N VAL F 19 -37.83 0.52 -27.99
CA VAL F 19 -37.97 -0.85 -28.48
C VAL F 19 -39.29 -1.41 -27.96
N LEU F 20 -40.14 -1.88 -28.88
CA LEU F 20 -41.46 -2.38 -28.53
C LEU F 20 -41.64 -3.86 -28.82
N ALA F 21 -40.64 -4.51 -29.41
CA ALA F 21 -40.72 -5.93 -29.72
C ALA F 21 -39.32 -6.46 -30.01
N ILE F 22 -39.05 -7.68 -29.56
CA ILE F 22 -37.75 -8.32 -29.74
C ILE F 22 -37.99 -9.78 -30.06
N GLY F 23 -37.34 -10.27 -31.11
CA GLY F 23 -37.46 -11.66 -31.50
C GLY F 23 -36.12 -12.18 -31.97
N THR F 24 -35.91 -13.48 -31.74
CA THR F 24 -34.64 -14.12 -32.03
C THR F 24 -34.88 -15.41 -32.79
N ALA F 25 -33.93 -15.73 -33.67
CA ALA F 25 -33.98 -16.96 -34.46
C ALA F 25 -32.58 -17.56 -34.53
N THR F 26 -32.51 -18.89 -34.54
CA THR F 26 -31.28 -19.64 -34.56
C THR F 26 -31.45 -20.84 -35.48
N PRO F 27 -30.36 -21.33 -36.07
CA PRO F 27 -30.48 -22.48 -36.98
C PRO F 27 -30.86 -23.74 -36.23
N ALA F 28 -31.16 -24.79 -37.00
CA ALA F 28 -31.59 -26.05 -36.41
C ALA F 28 -30.42 -26.86 -35.85
N ASN F 29 -29.21 -26.65 -36.33
CA ASN F 29 -28.07 -27.45 -35.92
C ASN F 29 -27.59 -27.00 -34.54
N VAL F 30 -27.64 -27.89 -33.57
CA VAL F 30 -27.09 -27.66 -32.23
C VAL F 30 -25.76 -28.41 -32.13
N VAL F 31 -24.70 -27.71 -31.75
CA VAL F 31 -23.39 -28.30 -31.51
C VAL F 31 -23.00 -28.04 -30.07
N TYR F 32 -22.63 -29.09 -29.35
CA TYR F 32 -22.27 -29.00 -27.94
C TYR F 32 -20.76 -28.90 -27.82
N GLN F 33 -20.30 -27.95 -27.00
CA GLN F 33 -18.88 -27.60 -26.97
C GLN F 33 -18.03 -28.74 -26.44
N THR F 34 -18.55 -29.54 -25.51
CA THR F 34 -17.77 -30.61 -24.92
C THR F 34 -17.49 -31.74 -25.90
N ASP F 35 -17.92 -31.63 -27.15
CA ASP F 35 -17.61 -32.60 -28.18
C ASP F 35 -17.03 -31.98 -29.44
N TYR F 36 -16.87 -30.66 -29.47
CA TYR F 36 -16.47 -29.95 -30.69
C TYR F 36 -14.99 -30.13 -31.04
N PRO F 37 -14.06 -30.19 -30.07
CA PRO F 37 -12.66 -30.45 -30.45
C PRO F 37 -12.47 -31.72 -31.28
N ASP F 38 -13.17 -32.81 -30.92
CA ASP F 38 -13.03 -34.03 -31.69
C ASP F 38 -13.68 -33.89 -33.07
N TYR F 39 -14.86 -33.27 -33.12
CA TYR F 39 -15.55 -33.10 -34.39
C TYR F 39 -14.78 -32.20 -35.32
N TYR F 40 -14.29 -31.06 -34.81
CA TYR F 40 -13.59 -30.10 -35.65
C TYR F 40 -12.35 -30.71 -36.26
N PHE F 41 -11.51 -31.35 -35.44
CA PHE F 41 -10.31 -31.99 -35.95
C PHE F 41 -10.60 -33.25 -36.75
N ARG F 42 -11.84 -33.75 -36.72
CA ARG F 42 -12.21 -34.97 -37.46
C ARG F 42 -12.57 -34.65 -38.90
N VAL F 43 -13.68 -33.91 -39.09
CA VAL F 43 -14.11 -33.53 -40.44
C VAL F 43 -13.01 -32.79 -41.16
N THR F 44 -12.20 -32.03 -40.42
CA THR F 44 -11.08 -31.30 -40.99
C THR F 44 -9.87 -32.20 -41.25
N LYS F 45 -9.79 -33.34 -40.56
CA LYS F 45 -8.73 -34.34 -40.72
C LYS F 45 -7.39 -33.85 -40.19
N SER F 46 -7.30 -33.61 -38.89
CA SER F 46 -6.04 -33.17 -38.29
C SER F 46 -5.85 -33.82 -36.93
N GLU F 47 -6.16 -35.11 -36.82
CA GLU F 47 -5.89 -35.83 -35.58
C GLU F 47 -4.41 -36.01 -35.32
N HIS F 48 -3.54 -35.52 -36.21
CA HIS F 48 -2.10 -35.58 -36.02
C HIS F 48 -1.53 -34.31 -35.41
N MET F 49 -2.33 -33.24 -35.33
CA MET F 49 -1.89 -31.97 -34.77
C MET F 49 -2.21 -31.98 -33.27
N THR F 50 -1.34 -32.66 -32.52
CA THR F 50 -1.59 -32.88 -31.09
C THR F 50 -1.64 -31.58 -30.31
N LYS F 51 -0.70 -30.67 -30.57
CA LYS F 51 -0.60 -29.46 -29.77
C LYS F 51 -1.76 -28.51 -30.04
N LEU F 52 -2.21 -28.44 -31.30
CA LEU F 52 -3.36 -27.59 -31.63
C LEU F 52 -4.67 -28.20 -31.15
N LYS F 53 -4.74 -29.53 -31.07
CA LYS F 53 -5.93 -30.16 -30.51
C LYS F 53 -6.01 -29.93 -29.01
N ASN F 54 -4.87 -29.95 -28.33
CA ASN F 54 -4.85 -29.68 -26.90
C ASN F 54 -5.06 -28.21 -26.61
N LYS F 55 -4.54 -27.33 -27.48
CA LYS F 55 -4.77 -25.91 -27.31
C LYS F 55 -6.22 -25.53 -27.54
N PHE F 56 -6.85 -26.11 -28.58
CA PHE F 56 -8.25 -25.85 -28.85
C PHE F 56 -9.16 -26.58 -27.87
N GLN F 57 -8.70 -27.67 -27.26
CA GLN F 57 -9.50 -28.36 -26.27
C GLN F 57 -9.55 -27.59 -24.96
N ARG F 58 -8.39 -27.15 -24.48
CA ARG F 58 -8.34 -26.36 -23.25
C ARG F 58 -8.93 -24.97 -23.43
N MET F 59 -9.07 -24.50 -24.66
CA MET F 59 -9.65 -23.17 -24.88
C MET F 59 -11.18 -23.19 -24.85
N CYS F 60 -11.79 -24.26 -25.38
CA CYS F 60 -13.24 -24.49 -25.30
C CYS F 60 -13.69 -24.83 -23.89
N ASP F 61 -12.81 -25.51 -23.14
CA ASP F 61 -13.10 -25.80 -21.74
C ASP F 61 -13.19 -24.53 -20.91
N ARG F 62 -12.43 -23.50 -21.27
CA ARG F 62 -12.45 -22.23 -20.56
C ARG F 62 -13.37 -21.21 -21.20
N SER F 63 -14.20 -21.61 -22.16
CA SER F 63 -15.04 -20.66 -22.88
C SER F 63 -16.40 -20.45 -22.23
N THR F 64 -16.70 -21.19 -21.16
CA THR F 64 -17.98 -21.11 -20.47
C THR F 64 -19.18 -21.36 -21.39
N ILE F 65 -18.94 -21.78 -22.62
CA ILE F 65 -19.99 -22.00 -23.60
C ILE F 65 -20.47 -23.44 -23.51
N LYS F 66 -21.79 -23.63 -23.45
CA LYS F 66 -22.36 -24.97 -23.35
C LYS F 66 -22.77 -25.52 -24.70
N LYS F 67 -23.42 -24.70 -25.53
CA LYS F 67 -23.89 -25.16 -26.83
C LYS F 67 -23.91 -23.97 -27.79
N ARG F 68 -23.81 -24.29 -29.09
CA ARG F 68 -23.89 -23.30 -30.15
C ARG F 68 -24.81 -23.79 -31.26
N TYR F 69 -25.29 -22.85 -32.05
CA TYR F 69 -26.08 -23.12 -33.24
C TYR F 69 -25.28 -22.68 -34.47
N MET F 70 -25.29 -23.50 -35.52
CA MET F 70 -24.42 -23.25 -36.66
C MET F 70 -25.11 -23.64 -37.96
N VAL F 71 -25.20 -22.68 -38.89
CA VAL F 71 -25.73 -22.98 -40.22
C VAL F 71 -24.84 -23.98 -40.94
N LEU F 72 -23.52 -23.81 -40.83
CA LEU F 72 -22.59 -24.72 -41.49
C LEU F 72 -22.65 -26.09 -40.82
N THR F 73 -23.06 -27.09 -41.59
CA THR F 73 -23.17 -28.45 -41.11
C THR F 73 -22.01 -29.29 -41.62
N GLU F 74 -21.84 -30.47 -41.02
CA GLU F 74 -20.89 -31.42 -41.58
C GLU F 74 -21.25 -31.77 -43.02
N GLU F 75 -22.55 -31.83 -43.33
CA GLU F 75 -22.97 -32.06 -44.70
C GLU F 75 -22.59 -30.89 -45.60
N LEU F 76 -22.60 -29.67 -45.06
CA LEU F 76 -22.19 -28.50 -45.81
C LEU F 76 -20.69 -28.46 -46.03
N LEU F 77 -19.92 -29.14 -45.17
CA LEU F 77 -18.47 -29.23 -45.38
C LEU F 77 -18.10 -30.28 -46.42
N GLU F 78 -18.85 -31.39 -46.48
CA GLU F 78 -18.59 -32.39 -47.52
C GLU F 78 -18.79 -31.83 -48.91
N LYS F 79 -19.75 -30.92 -49.08
CA LYS F 79 -20.09 -30.36 -50.37
C LYS F 79 -19.31 -29.09 -50.70
N ASN F 80 -18.43 -28.63 -49.79
CA ASN F 80 -17.53 -27.50 -50.03
C ASN F 80 -16.20 -27.83 -49.34
N LEU F 81 -15.41 -28.69 -49.97
CA LEU F 81 -14.12 -29.07 -49.40
C LEU F 81 -13.16 -27.90 -49.27
N SER F 82 -13.44 -26.79 -49.97
CA SER F 82 -12.56 -25.63 -49.89
C SER F 82 -12.54 -25.06 -48.48
N LEU F 83 -13.61 -25.24 -47.71
CA LEU F 83 -13.68 -24.71 -46.36
C LEU F 83 -12.88 -25.53 -45.35
N CYS F 84 -12.43 -26.72 -45.75
CA CYS F 84 -11.56 -27.56 -44.93
C CYS F 84 -10.13 -27.52 -45.45
N THR F 85 -9.64 -26.31 -45.68
CA THR F 85 -8.26 -26.07 -46.08
C THR F 85 -7.76 -24.89 -45.27
N TYR F 86 -6.43 -24.78 -45.11
CA TYR F 86 -5.94 -23.49 -44.64
C TYR F 86 -6.12 -22.52 -45.80
N MET F 87 -7.38 -22.23 -46.09
CA MET F 87 -7.81 -21.36 -47.17
C MET F 87 -6.98 -21.41 -48.44
N GLU F 88 -7.43 -22.23 -49.39
CA GLU F 88 -7.34 -22.24 -50.83
C GLU F 88 -8.68 -21.75 -51.38
N PRO F 89 -8.66 -20.86 -52.41
CA PRO F 89 -9.84 -20.06 -52.77
C PRO F 89 -11.20 -20.59 -52.34
N SER F 90 -11.85 -19.92 -51.39
CA SER F 90 -13.14 -20.38 -50.90
C SER F 90 -14.22 -19.29 -50.80
N LEU F 91 -13.89 -18.02 -51.03
CA LEU F 91 -14.87 -16.97 -50.75
C LEU F 91 -16.13 -17.14 -51.58
N ASP F 92 -16.04 -17.74 -52.77
CA ASP F 92 -17.24 -18.03 -53.55
C ASP F 92 -18.15 -18.99 -52.79
N ALA F 93 -17.57 -20.01 -52.14
CA ALA F 93 -18.38 -20.96 -51.39
C ALA F 93 -18.96 -20.31 -50.13
N ARG F 94 -18.21 -19.41 -49.49
CA ARG F 94 -18.75 -18.70 -48.34
C ARG F 94 -19.87 -17.76 -48.77
N GLN F 95 -19.69 -17.07 -49.90
CA GLN F 95 -20.74 -16.18 -50.38
C GLN F 95 -21.99 -16.94 -50.82
N ASP F 96 -21.82 -18.14 -51.39
CA ASP F 96 -22.99 -18.93 -51.77
C ASP F 96 -23.76 -19.45 -50.57
N ILE F 97 -23.12 -19.56 -49.41
CA ILE F 97 -23.82 -19.94 -48.20
C ILE F 97 -24.35 -18.71 -47.45
N LEU F 98 -23.67 -17.58 -47.57
CA LEU F 98 -24.00 -16.40 -46.79
C LEU F 98 -25.05 -15.52 -47.47
N VAL F 99 -24.90 -15.23 -48.77
CA VAL F 99 -25.86 -14.38 -49.45
C VAL F 99 -27.28 -14.87 -49.29
N PRO F 100 -27.59 -16.17 -49.45
CA PRO F 100 -28.99 -16.59 -49.20
C PRO F 100 -29.38 -16.74 -47.73
N GLU F 101 -28.51 -17.27 -46.87
CA GLU F 101 -28.95 -17.67 -45.54
C GLU F 101 -29.10 -16.49 -44.58
N VAL F 102 -28.37 -15.40 -44.78
CA VAL F 102 -28.40 -14.29 -43.83
C VAL F 102 -29.76 -13.58 -43.89
N PRO F 103 -30.32 -13.28 -45.07
CA PRO F 103 -31.69 -12.76 -45.09
C PRO F 103 -32.73 -13.73 -44.54
N LYS F 104 -32.53 -15.04 -44.73
CA LYS F 104 -33.47 -16.02 -44.21
C LYS F 104 -33.58 -15.92 -42.69
N LEU F 105 -32.45 -16.11 -41.99
CA LEU F 105 -32.46 -16.04 -40.53
C LEU F 105 -32.98 -14.69 -40.04
N GLY F 106 -32.75 -13.62 -40.80
CA GLY F 106 -33.22 -12.31 -40.37
C GLY F 106 -34.72 -12.21 -40.35
N LYS F 107 -35.39 -12.79 -41.36
CA LYS F 107 -36.84 -12.71 -41.40
C LYS F 107 -37.48 -13.65 -40.39
N GLU F 108 -36.87 -14.80 -40.11
CA GLU F 108 -37.37 -15.64 -39.04
C GLU F 108 -37.17 -15.00 -37.67
N ALA F 109 -36.27 -14.03 -37.55
CA ALA F 109 -36.19 -13.19 -36.36
C ALA F 109 -37.13 -12.00 -36.44
N ALA F 110 -37.35 -11.45 -37.64
CA ALA F 110 -38.29 -10.36 -37.82
C ALA F 110 -39.74 -10.82 -37.74
N ASP F 111 -40.01 -12.09 -38.06
CA ASP F 111 -41.38 -12.60 -37.94
C ASP F 111 -41.82 -12.67 -36.48
N GLU F 112 -40.91 -13.05 -35.58
CA GLU F 112 -41.26 -13.16 -34.17
C GLU F 112 -41.32 -11.79 -33.51
N ALA F 113 -40.53 -10.83 -33.99
CA ALA F 113 -40.63 -9.46 -33.48
C ALA F 113 -41.96 -8.84 -33.84
N ILE F 114 -42.36 -8.96 -35.11
CA ILE F 114 -43.64 -8.41 -35.55
C ILE F 114 -44.80 -9.21 -34.95
N ALA F 115 -44.59 -10.51 -34.71
CA ALA F 115 -45.62 -11.30 -34.05
C ALA F 115 -45.96 -10.72 -32.68
N GLU F 116 -44.95 -10.56 -31.82
CA GLU F 116 -45.19 -9.94 -30.52
C GLU F 116 -45.57 -8.48 -30.66
N TRP F 117 -45.16 -7.83 -31.75
CA TRP F 117 -45.49 -6.43 -31.96
C TRP F 117 -47.00 -6.24 -32.08
N GLY F 118 -47.69 -7.19 -32.71
CA GLY F 118 -49.12 -7.11 -32.87
C GLY F 118 -49.61 -6.15 -33.93
N ARG F 119 -48.72 -5.43 -34.59
CA ARG F 119 -49.08 -4.48 -35.62
C ARG F 119 -48.76 -5.04 -37.00
N PRO F 120 -49.45 -4.58 -38.04
CA PRO F 120 -49.17 -5.08 -39.38
C PRO F 120 -47.77 -4.70 -39.84
N LYS F 121 -47.25 -5.49 -40.77
CA LYS F 121 -45.93 -5.21 -41.33
C LYS F 121 -45.92 -3.94 -42.17
N SER F 122 -47.09 -3.50 -42.65
CA SER F 122 -47.17 -2.29 -43.47
C SER F 122 -46.93 -1.03 -42.67
N GLU F 123 -46.88 -1.13 -41.34
CA GLU F 123 -46.63 0.02 -40.48
C GLU F 123 -45.14 0.32 -40.33
N ILE F 124 -44.27 -0.63 -40.68
CA ILE F 124 -42.84 -0.43 -40.58
C ILE F 124 -42.40 0.47 -41.73
N THR F 125 -41.81 1.62 -41.38
CA THR F 125 -41.38 2.63 -42.35
C THR F 125 -39.90 2.56 -42.65
N HIS F 126 -39.07 2.21 -41.67
CA HIS F 126 -37.62 2.14 -41.84
C HIS F 126 -37.15 0.71 -41.64
N LEU F 127 -36.01 0.38 -42.25
CA LEU F 127 -35.39 -0.92 -42.08
C LEU F 127 -33.91 -0.73 -41.81
N ILE F 128 -33.37 -1.49 -40.86
CA ILE F 128 -31.96 -1.49 -40.52
C ILE F 128 -31.51 -2.94 -40.52
N PHE F 129 -30.63 -3.30 -41.44
CA PHE F 129 -30.07 -4.65 -41.54
C PHE F 129 -28.57 -4.54 -41.31
N CYS F 130 -28.08 -5.21 -40.27
CA CYS F 130 -26.67 -5.23 -39.95
C CYS F 130 -26.14 -6.65 -40.04
N THR F 131 -25.02 -6.83 -40.71
CA THR F 131 -24.40 -8.13 -40.85
C THR F 131 -22.92 -7.95 -41.19
N THR F 132 -22.11 -8.87 -40.67
CA THR F 132 -20.70 -8.98 -41.03
C THR F 132 -20.45 -10.14 -41.97
N CYS F 133 -21.49 -10.91 -42.28
CA CYS F 133 -21.40 -12.12 -43.10
C CYS F 133 -21.73 -11.79 -44.56
N GLY F 134 -20.72 -11.57 -45.38
CA GLY F 134 -20.89 -11.53 -46.81
C GLY F 134 -21.37 -10.18 -47.33
N VAL F 135 -21.35 -10.05 -48.65
CA VAL F 135 -21.63 -8.79 -49.33
C VAL F 135 -22.18 -9.11 -50.72
N ASP F 136 -23.20 -8.35 -51.14
CA ASP F 136 -23.78 -8.45 -52.47
C ASP F 136 -24.70 -7.27 -52.68
N MET F 137 -24.81 -6.86 -53.94
CA MET F 137 -25.73 -5.79 -54.31
C MET F 137 -26.85 -6.36 -55.17
N PRO F 138 -28.12 -6.07 -54.87
CA PRO F 138 -28.59 -5.31 -53.71
C PRO F 138 -28.32 -6.02 -52.39
N GLY F 139 -28.31 -5.26 -51.29
CA GLY F 139 -27.90 -5.82 -50.02
C GLY F 139 -28.95 -6.72 -49.41
N ALA F 140 -28.61 -7.25 -48.23
CA ALA F 140 -29.55 -8.09 -47.50
C ALA F 140 -30.72 -7.30 -46.94
N ASP F 141 -30.70 -5.96 -47.06
CA ASP F 141 -31.88 -5.18 -46.72
C ASP F 141 -32.96 -5.37 -47.77
N TYR F 142 -32.59 -5.26 -49.05
CA TYR F 142 -33.54 -5.49 -50.12
C TYR F 142 -34.06 -6.93 -50.08
N GLN F 143 -33.18 -7.90 -49.82
CA GLN F 143 -33.61 -9.30 -49.78
C GLN F 143 -34.56 -9.56 -48.62
N LEU F 144 -34.43 -8.81 -47.52
CA LEU F 144 -35.35 -9.00 -46.41
C LEU F 144 -36.71 -8.38 -46.71
N THR F 145 -36.72 -7.18 -47.29
CA THR F 145 -38.00 -6.56 -47.63
C THR F 145 -38.76 -7.38 -48.67
N LYS F 146 -38.03 -8.09 -49.53
CA LYS F 146 -38.68 -8.99 -50.48
C LYS F 146 -39.17 -10.27 -49.80
N LEU F 147 -38.37 -10.82 -48.88
CA LEU F 147 -38.78 -12.03 -48.17
C LEU F 147 -39.96 -11.76 -47.24
N LEU F 148 -39.93 -10.62 -46.53
CA LEU F 148 -40.96 -10.34 -45.53
C LEU F 148 -42.19 -9.69 -46.15
N GLY F 149 -42.00 -8.87 -47.17
CA GLY F 149 -43.11 -8.24 -47.86
C GLY F 149 -43.50 -6.89 -47.29
N LEU F 150 -42.50 -6.06 -46.96
CA LEU F 150 -42.78 -4.71 -46.53
C LEU F 150 -43.04 -3.80 -47.74
N ARG F 151 -43.61 -2.63 -47.47
CA ARG F 151 -43.91 -1.70 -48.54
C ARG F 151 -42.63 -1.31 -49.27
N SER F 152 -42.76 -1.13 -50.59
CA SER F 152 -41.60 -0.81 -51.43
C SER F 152 -41.00 0.55 -51.08
N SER F 153 -41.72 1.40 -50.35
CA SER F 153 -41.21 2.72 -49.96
C SER F 153 -40.53 2.72 -48.60
N VAL F 154 -39.94 1.60 -48.20
CA VAL F 154 -39.25 1.53 -46.91
C VAL F 154 -37.86 2.14 -47.08
N ARG F 155 -37.49 2.99 -46.13
CA ARG F 155 -36.14 3.54 -46.09
C ARG F 155 -35.23 2.55 -45.38
N ARG F 156 -34.16 2.15 -46.05
CA ARG F 156 -33.30 1.08 -45.55
C ARG F 156 -31.90 1.60 -45.22
N THR F 157 -31.22 0.90 -44.32
CA THR F 157 -29.85 1.21 -43.96
C THR F 157 -29.09 -0.10 -43.81
N MET F 158 -28.14 -0.35 -44.72
CA MET F 158 -27.37 -1.60 -44.74
C MET F 158 -25.97 -1.35 -44.21
N LEU F 159 -25.61 -2.06 -43.14
CA LEU F 159 -24.31 -1.91 -42.48
C LEU F 159 -23.53 -3.21 -42.64
N TYR F 160 -22.73 -3.29 -43.70
CA TYR F 160 -21.95 -4.48 -44.00
C TYR F 160 -20.64 -4.49 -43.20
N GLN F 161 -20.33 -5.64 -42.62
CA GLN F 161 -19.06 -5.91 -41.96
C GLN F 161 -18.72 -4.84 -40.92
N GLN F 162 -19.68 -4.59 -40.03
CA GLN F 162 -19.48 -3.67 -38.92
C GLN F 162 -18.98 -4.36 -37.66
N GLY F 163 -18.70 -5.65 -37.72
CA GLY F 163 -18.12 -6.34 -36.58
C GLY F 163 -19.08 -6.46 -35.41
N CYS F 164 -18.51 -6.85 -34.28
CA CYS F 164 -19.29 -7.16 -33.08
C CYS F 164 -19.87 -5.93 -32.41
N PHE F 165 -19.55 -4.72 -32.85
CA PHE F 165 -20.11 -3.51 -32.27
C PHE F 165 -21.32 -2.99 -33.04
N GLY F 166 -21.73 -3.69 -34.10
CA GLY F 166 -22.92 -3.28 -34.82
C GLY F 166 -24.18 -3.37 -34.01
N GLY F 167 -24.24 -4.30 -33.05
CA GLY F 167 -25.37 -4.41 -32.14
C GLY F 167 -25.65 -3.16 -31.34
N GLY F 168 -24.64 -2.34 -31.06
CA GLY F 168 -24.85 -1.05 -30.43
C GLY F 168 -24.97 0.06 -31.46
N THR F 169 -24.52 -0.23 -32.68
CA THR F 169 -24.63 0.76 -33.75
C THR F 169 -26.06 0.87 -34.24
N VAL F 170 -26.77 -0.26 -34.38
CA VAL F 170 -28.08 -0.25 -35.00
C VAL F 170 -29.11 0.40 -34.08
N LEU F 171 -29.05 0.13 -32.77
CA LEU F 171 -29.96 0.78 -31.84
C LEU F 171 -29.63 2.26 -31.66
N ARG F 172 -28.42 2.68 -32.01
CA ARG F 172 -28.14 4.11 -32.04
C ARG F 172 -28.67 4.74 -33.31
N LEU F 173 -28.57 4.04 -34.44
CA LEU F 173 -29.12 4.57 -35.69
C LEU F 173 -30.65 4.59 -35.64
N ALA F 174 -31.27 3.52 -35.14
CA ALA F 174 -32.73 3.50 -35.04
C ALA F 174 -33.24 4.54 -34.06
N LYS F 175 -32.41 4.95 -33.10
CA LYS F 175 -32.80 6.00 -32.16
C LYS F 175 -33.07 7.31 -32.89
N ASP F 176 -32.28 7.61 -33.92
CA ASP F 176 -32.45 8.86 -34.68
C ASP F 176 -33.50 8.75 -35.78
N LEU F 177 -33.80 7.55 -36.25
CA LEU F 177 -34.78 7.39 -37.33
C LEU F 177 -36.20 7.55 -36.82
N ALA F 178 -36.50 7.00 -35.65
CA ALA F 178 -37.85 7.04 -35.11
C ALA F 178 -38.23 8.43 -34.60
N GLU F 179 -37.30 9.09 -33.91
CA GLU F 179 -37.62 10.38 -33.29
C GLU F 179 -37.72 11.50 -34.32
N ASN F 180 -36.99 11.41 -35.42
CA ASN F 180 -36.99 12.44 -36.45
C ASN F 180 -38.03 12.23 -37.54
N ASN F 181 -38.90 11.21 -37.40
CA ASN F 181 -39.94 10.94 -38.38
C ASN F 181 -41.22 10.56 -37.64
N ALA F 182 -42.28 11.33 -37.84
CA ALA F 182 -43.52 11.10 -37.10
C ALA F 182 -44.21 9.83 -37.58
N GLY F 183 -44.51 8.94 -36.64
CA GLY F 183 -45.17 7.70 -36.97
C GLY F 183 -44.25 6.60 -37.45
N ALA F 184 -42.95 6.78 -37.34
CA ALA F 184 -41.99 5.83 -37.90
C ALA F 184 -41.79 4.64 -36.96
N ARG F 185 -41.69 3.45 -37.56
CA ARG F 185 -41.34 2.23 -36.83
C ARG F 185 -40.21 1.55 -37.59
N VAL F 186 -39.09 1.35 -36.91
CA VAL F 186 -37.88 0.79 -37.51
C VAL F 186 -37.81 -0.69 -37.19
N LEU F 187 -37.65 -1.53 -38.22
CA LEU F 187 -37.33 -2.93 -38.05
C LEU F 187 -35.82 -3.10 -38.16
N VAL F 188 -35.19 -3.50 -37.05
CA VAL F 188 -33.75 -3.66 -36.97
C VAL F 188 -33.43 -5.14 -36.91
N VAL F 189 -32.49 -5.60 -37.75
CA VAL F 189 -32.14 -7.01 -37.82
C VAL F 189 -30.62 -7.17 -37.77
N CYS F 190 -30.15 -7.99 -36.83
CA CYS F 190 -28.74 -8.37 -36.71
C CYS F 190 -28.62 -9.86 -37.02
N SER F 191 -28.02 -10.20 -38.15
CA SER F 191 -27.99 -11.57 -38.66
C SER F 191 -26.55 -12.00 -38.91
N GLU F 192 -26.07 -12.94 -38.08
CA GLU F 192 -24.66 -13.33 -38.09
C GLU F 192 -24.53 -14.84 -38.23
N ILE F 193 -23.53 -15.28 -39.01
CA ILE F 193 -23.32 -16.68 -39.35
C ILE F 193 -21.83 -17.02 -39.18
N THR F 194 -21.57 -18.30 -38.89
CA THR F 194 -20.21 -18.78 -38.62
C THR F 194 -19.35 -18.86 -39.87
N THR F 195 -19.96 -19.07 -41.03
CA THR F 195 -19.23 -19.47 -42.24
C THR F 195 -18.22 -18.42 -42.71
N ALA F 196 -18.10 -17.31 -41.96
CA ALA F 196 -17.10 -16.29 -42.26
C ALA F 196 -15.82 -16.48 -41.47
N VAL F 197 -15.88 -17.17 -40.32
CA VAL F 197 -14.73 -17.40 -39.46
C VAL F 197 -14.44 -18.90 -39.32
N ASN F 198 -14.94 -19.73 -40.22
CA ASN F 198 -14.65 -21.15 -40.19
C ASN F 198 -13.42 -21.47 -41.03
N PHE F 199 -12.67 -22.48 -40.62
CA PHE F 199 -11.31 -22.61 -41.10
C PHE F 199 -10.71 -23.96 -40.71
N ARG F 200 -9.97 -24.56 -41.64
CA ARG F 200 -9.14 -25.71 -41.31
C ARG F 200 -8.04 -25.30 -40.33
N GLY F 201 -7.78 -26.18 -39.36
CA GLY F 201 -6.81 -25.92 -38.32
C GLY F 201 -5.34 -25.74 -38.71
N PRO F 202 -4.85 -26.44 -39.79
CA PRO F 202 -3.42 -26.38 -40.11
C PRO F 202 -2.77 -25.02 -40.16
N SER F 203 -2.66 -24.41 -38.99
CA SER F 203 -1.91 -23.17 -38.88
C SER F 203 -1.32 -23.09 -37.48
N ASP F 204 -0.07 -23.52 -37.36
CA ASP F 204 0.78 -23.04 -36.28
C ASP F 204 0.93 -21.53 -36.37
N THR F 205 0.77 -20.97 -37.59
CA THR F 205 0.57 -19.54 -37.80
C THR F 205 -0.84 -19.22 -37.31
N HIS F 206 -1.28 -17.99 -37.47
CA HIS F 206 -2.69 -17.63 -37.35
C HIS F 206 -3.50 -18.45 -36.35
N LEU F 207 -2.97 -18.63 -35.13
CA LEU F 207 -3.66 -19.41 -34.11
C LEU F 207 -4.78 -18.65 -33.42
N ASP F 208 -4.97 -17.37 -33.76
CA ASP F 208 -6.03 -16.58 -33.17
C ASP F 208 -7.41 -16.94 -33.70
N LEU F 209 -7.49 -17.86 -34.67
CA LEU F 209 -8.78 -18.34 -35.15
C LEU F 209 -9.21 -19.64 -34.47
N LEU F 210 -8.26 -20.41 -33.94
CA LEU F 210 -8.63 -21.45 -32.97
C LEU F 210 -9.46 -20.86 -31.86
N VAL F 211 -9.18 -19.61 -31.48
CA VAL F 211 -10.02 -18.91 -30.51
C VAL F 211 -11.37 -18.57 -31.13
N GLY F 212 -11.42 -18.36 -32.45
CA GLY F 212 -12.65 -17.94 -33.09
C GLY F 212 -13.66 -19.05 -33.30
N LEU F 213 -13.19 -20.28 -33.56
CA LEU F 213 -14.07 -21.42 -33.77
C LEU F 213 -14.50 -22.06 -32.46
N ALA F 214 -14.20 -21.41 -31.33
CA ALA F 214 -14.59 -21.87 -30.01
C ALA F 214 -15.55 -20.91 -29.33
N LEU F 215 -15.86 -19.77 -29.96
CA LEU F 215 -16.63 -18.74 -29.30
C LEU F 215 -17.77 -18.26 -30.19
N PHE F 216 -17.57 -18.31 -31.50
CA PHE F 216 -18.54 -17.74 -32.44
C PHE F 216 -19.67 -18.72 -32.73
N GLY F 217 -20.87 -18.19 -32.91
CA GLY F 217 -22.06 -18.97 -33.19
C GLY F 217 -22.98 -18.22 -34.15
N ASP F 218 -24.08 -18.87 -34.49
CA ASP F 218 -25.03 -18.34 -35.46
C ASP F 218 -26.33 -17.92 -34.79
N GLY F 219 -26.89 -16.82 -35.27
CA GLY F 219 -28.15 -16.33 -34.72
C GLY F 219 -28.54 -15.00 -35.31
N ALA F 220 -29.85 -14.78 -35.44
CA ALA F 220 -30.39 -13.52 -35.92
C ALA F 220 -31.39 -13.00 -34.90
N ALA F 221 -31.31 -11.71 -34.63
CA ALA F 221 -32.21 -11.06 -33.68
C ALA F 221 -32.79 -9.83 -34.35
N ALA F 222 -34.08 -9.61 -34.12
CA ALA F 222 -34.78 -8.48 -34.70
C ALA F 222 -35.50 -7.72 -33.61
N VAL F 223 -35.69 -6.43 -33.85
CA VAL F 223 -36.28 -5.53 -32.87
C VAL F 223 -37.03 -4.44 -33.62
N ILE F 224 -38.18 -4.04 -33.06
CA ILE F 224 -38.95 -2.91 -33.57
C ILE F 224 -38.70 -1.73 -32.64
N VAL F 225 -38.38 -0.57 -33.24
CA VAL F 225 -38.11 0.65 -32.50
C VAL F 225 -39.10 1.72 -32.94
N GLY F 226 -39.79 2.33 -31.98
CA GLY F 226 -40.73 3.37 -32.31
C GLY F 226 -40.90 4.37 -31.18
N ALA F 227 -41.00 5.66 -31.53
CA ALA F 227 -41.26 6.71 -30.57
C ALA F 227 -42.74 7.01 -30.50
N ASP F 228 -43.17 7.55 -29.36
CA ASP F 228 -44.57 7.84 -29.09
C ASP F 228 -45.48 6.64 -29.41
N PRO F 229 -45.29 5.51 -28.71
CA PRO F 229 -46.11 4.34 -29.00
C PRO F 229 -47.55 4.53 -28.54
N ASP F 230 -48.46 3.94 -29.31
CA ASP F 230 -49.87 3.95 -28.92
C ASP F 230 -50.06 3.07 -27.70
N PRO F 231 -50.49 3.63 -26.55
CA PRO F 231 -50.56 2.81 -25.32
C PRO F 231 -51.72 1.82 -25.32
N THR F 232 -52.30 1.57 -26.49
CA THR F 232 -53.32 0.54 -26.66
C THR F 232 -52.81 -0.66 -27.45
N LEU F 233 -52.07 -0.42 -28.53
CA LEU F 233 -51.58 -1.49 -29.39
C LEU F 233 -50.12 -1.86 -29.15
N GLU F 234 -49.36 -1.04 -28.42
CA GLU F 234 -47.93 -1.26 -28.28
C GLU F 234 -47.50 -1.19 -26.82
N ARG F 235 -46.60 -2.10 -26.44
CA ARG F 235 -46.12 -2.21 -25.06
C ARG F 235 -44.63 -1.87 -25.01
N PRO F 236 -44.25 -0.71 -24.47
CA PRO F 236 -42.83 -0.35 -24.41
C PRO F 236 -42.03 -1.33 -23.56
N LEU F 237 -40.72 -1.33 -23.78
CA LEU F 237 -39.81 -2.18 -23.01
C LEU F 237 -38.62 -1.39 -22.49
N PHE F 238 -37.95 -0.68 -23.38
CA PHE F 238 -36.82 0.17 -23.01
C PHE F 238 -36.79 1.39 -23.92
N GLN F 239 -36.35 2.51 -23.37
CA GLN F 239 -36.15 3.74 -24.14
C GLN F 239 -34.66 3.90 -24.41
N ILE F 240 -34.31 4.17 -25.68
CA ILE F 240 -32.91 4.34 -26.06
C ILE F 240 -32.54 5.79 -25.73
N VAL F 241 -31.94 6.00 -24.56
CA VAL F 241 -31.71 7.36 -24.09
C VAL F 241 -30.62 8.04 -24.90
N SER F 242 -29.55 7.31 -25.23
CA SER F 242 -28.44 7.92 -25.95
C SER F 242 -27.60 6.83 -26.58
N GLY F 243 -26.82 7.23 -27.57
CA GLY F 243 -25.86 6.33 -28.19
C GLY F 243 -24.53 7.01 -28.35
N ALA F 244 -23.46 6.24 -28.19
CA ALA F 244 -22.11 6.79 -28.27
C ALA F 244 -21.19 5.77 -28.91
N GLN F 245 -20.11 6.28 -29.51
CA GLN F 245 -19.10 5.46 -30.15
C GLN F 245 -17.78 6.21 -30.07
N THR F 246 -16.74 5.53 -29.59
CA THR F 246 -15.43 6.12 -29.46
C THR F 246 -14.38 5.11 -29.88
N ILE F 247 -13.22 5.63 -30.27
CA ILE F 247 -12.03 4.80 -30.52
C ILE F 247 -11.16 4.85 -29.29
N LEU F 248 -10.69 3.70 -28.83
CA LEU F 248 -9.86 3.65 -27.64
C LEU F 248 -8.50 4.31 -27.92
N PRO F 249 -7.87 4.91 -26.88
CA PRO F 249 -6.70 5.78 -27.11
C PRO F 249 -5.63 5.19 -28.01
N ASP F 250 -5.09 4.02 -27.64
CA ASP F 250 -4.02 3.37 -28.40
C ASP F 250 -4.43 1.93 -28.68
N SER F 251 -5.14 1.73 -29.79
CA SER F 251 -5.63 0.40 -30.16
C SER F 251 -5.49 0.12 -31.65
N GLU F 252 -4.55 0.78 -32.33
CA GLU F 252 -4.43 0.66 -33.76
C GLU F 252 -3.90 -0.73 -34.13
N GLY F 253 -4.74 -1.51 -34.82
CA GLY F 253 -4.42 -2.87 -35.17
C GLY F 253 -4.91 -3.90 -34.17
N ALA F 254 -5.61 -3.46 -33.12
CA ALA F 254 -5.99 -4.35 -32.03
C ALA F 254 -6.77 -5.56 -32.56
N ILE F 255 -7.59 -5.34 -33.58
CA ILE F 255 -8.31 -6.41 -34.25
C ILE F 255 -8.60 -5.99 -35.68
N ASN F 256 -7.92 -6.62 -36.63
CA ASN F 256 -8.03 -6.27 -38.05
C ASN F 256 -8.74 -7.39 -38.80
N GLY F 257 -9.65 -6.99 -39.69
CA GLY F 257 -10.38 -7.95 -40.49
C GLY F 257 -10.32 -7.64 -41.97
N HIS F 258 -9.57 -8.43 -42.71
CA HIS F 258 -9.32 -8.20 -44.13
C HIS F 258 -10.09 -9.21 -44.98
N LEU F 259 -10.86 -8.72 -45.94
CA LEU F 259 -11.63 -9.56 -46.84
C LEU F 259 -10.80 -9.83 -48.09
N ARG F 260 -10.39 -11.08 -48.28
CA ARG F 260 -9.51 -11.43 -49.39
C ARG F 260 -10.09 -12.55 -50.25
N GLU F 261 -9.32 -13.01 -51.24
CA GLU F 261 -9.72 -14.19 -52.00
C GLU F 261 -9.84 -15.41 -51.12
N VAL F 262 -9.18 -15.41 -49.97
CA VAL F 262 -9.31 -16.47 -49.00
C VAL F 262 -10.36 -16.15 -47.94
N GLY F 263 -11.20 -15.16 -48.18
CA GLY F 263 -12.28 -14.87 -47.27
C GLY F 263 -11.96 -13.88 -46.18
N LEU F 264 -12.69 -13.94 -45.06
CA LEU F 264 -12.48 -13.06 -43.93
C LEU F 264 -11.29 -13.56 -43.11
N THR F 265 -10.18 -12.83 -43.16
CA THR F 265 -9.00 -13.16 -42.39
C THR F 265 -8.88 -12.22 -41.20
N ILE F 266 -8.52 -12.77 -40.05
CA ILE F 266 -8.55 -12.08 -38.76
C ILE F 266 -7.23 -12.34 -38.04
N ARG F 267 -6.67 -11.31 -37.41
CA ARG F 267 -5.32 -11.46 -36.86
C ARG F 267 -5.21 -11.03 -35.40
N LEU F 268 -5.72 -9.85 -35.07
CA LEU F 268 -5.54 -9.23 -33.75
C LEU F 268 -4.07 -8.90 -33.49
N LEU F 269 -3.81 -7.66 -33.08
CA LEU F 269 -2.49 -7.26 -32.60
C LEU F 269 -2.47 -6.96 -31.11
N LYS F 270 -3.56 -6.49 -30.52
CA LYS F 270 -3.53 -5.98 -29.16
C LYS F 270 -4.38 -6.83 -28.23
N ASP F 271 -4.20 -6.58 -26.94
CA ASP F 271 -4.87 -7.33 -25.88
C ASP F 271 -6.25 -6.75 -25.68
N VAL F 272 -7.23 -7.34 -26.36
CA VAL F 272 -8.58 -6.80 -26.32
C VAL F 272 -9.16 -6.81 -24.91
N PRO F 273 -9.05 -7.87 -24.10
CA PRO F 273 -9.69 -7.84 -22.77
C PRO F 273 -9.08 -6.81 -21.83
N GLY F 274 -7.78 -6.55 -21.92
CA GLY F 274 -7.21 -5.48 -21.12
C GLY F 274 -7.63 -4.11 -21.61
N LEU F 275 -7.84 -3.98 -22.93
CA LEU F 275 -8.21 -2.70 -23.51
C LEU F 275 -9.59 -2.26 -23.03
N VAL F 276 -10.57 -3.17 -23.08
CA VAL F 276 -11.92 -2.80 -22.66
C VAL F 276 -11.94 -2.48 -21.16
N SER F 277 -11.37 -3.36 -20.33
CA SER F 277 -11.48 -3.22 -18.89
C SER F 277 -10.90 -1.89 -18.41
N MET F 278 -9.75 -1.49 -18.93
CA MET F 278 -9.09 -0.25 -18.53
C MET F 278 -9.62 0.99 -19.24
N ASN F 279 -10.55 0.84 -20.19
CA ASN F 279 -11.13 1.98 -20.90
C ASN F 279 -12.65 2.04 -20.81
N ILE F 280 -13.29 1.09 -20.11
CA ILE F 280 -14.75 1.10 -20.06
C ILE F 280 -15.29 2.13 -19.07
N GLU F 281 -14.54 2.43 -18.01
CA GLU F 281 -15.04 3.35 -16.99
C GLU F 281 -15.22 4.76 -17.57
N LYS F 282 -14.29 5.19 -18.41
CA LYS F 282 -14.41 6.51 -19.01
C LYS F 282 -15.61 6.59 -19.95
N CYS F 283 -15.93 5.48 -20.63
CA CYS F 283 -17.13 5.48 -21.46
C CYS F 283 -18.40 5.57 -20.62
N LEU F 284 -18.43 4.86 -19.48
CA LEU F 284 -19.61 4.89 -18.62
C LEU F 284 -19.78 6.28 -18.00
N MET F 285 -18.67 6.95 -17.70
CA MET F 285 -18.76 8.27 -17.10
C MET F 285 -19.17 9.31 -18.13
N GLU F 286 -18.66 9.19 -19.36
CA GLU F 286 -19.05 10.13 -20.42
C GLU F 286 -20.51 9.94 -20.82
N ALA F 287 -21.00 8.69 -20.79
CA ALA F 287 -22.39 8.46 -21.17
C ALA F 287 -23.35 8.95 -20.10
N PHE F 288 -23.05 8.67 -18.83
CA PHE F 288 -23.93 8.98 -17.72
C PHE F 288 -23.65 10.34 -17.08
N ALA F 289 -22.91 11.21 -17.77
CA ALA F 289 -22.65 12.53 -17.21
C ALA F 289 -23.93 13.37 -17.11
N PRO F 290 -24.77 13.48 -18.15
CA PRO F 290 -25.98 14.30 -18.01
C PRO F 290 -26.92 13.83 -16.92
N MET F 291 -26.74 12.64 -16.35
CA MET F 291 -27.51 12.19 -15.21
C MET F 291 -26.67 12.05 -13.95
N GLY F 292 -25.35 12.20 -14.02
CA GLY F 292 -24.52 12.13 -12.85
C GLY F 292 -24.51 10.77 -12.16
N ILE F 293 -24.49 9.70 -12.93
CA ILE F 293 -24.51 8.33 -12.39
C ILE F 293 -23.08 7.80 -12.38
N HIS F 294 -22.68 7.21 -11.26
CA HIS F 294 -21.35 6.64 -11.09
C HIS F 294 -21.35 5.22 -10.55
N ASP F 295 -22.45 4.72 -9.99
CA ASP F 295 -22.50 3.37 -9.44
C ASP F 295 -22.91 2.40 -10.55
N TRP F 296 -21.97 1.56 -10.98
CA TRP F 296 -22.24 0.58 -12.02
C TRP F 296 -22.90 -0.69 -11.47
N ASN F 297 -23.30 -0.67 -10.21
CA ASN F 297 -24.18 -1.70 -9.65
C ASN F 297 -25.61 -1.20 -9.47
N SER F 298 -25.85 0.10 -9.62
CA SER F 298 -27.20 0.69 -9.61
C SER F 298 -27.79 0.75 -11.01
N ILE F 299 -27.62 -0.30 -11.81
CA ILE F 299 -27.85 -0.22 -13.25
C ILE F 299 -27.89 -1.65 -13.78
N PHE F 300 -28.71 -1.88 -14.80
CA PHE F 300 -28.76 -3.19 -15.42
C PHE F 300 -27.83 -3.24 -16.62
N TRP F 301 -27.21 -4.38 -16.84
CA TRP F 301 -26.07 -4.51 -17.74
C TRP F 301 -26.40 -5.47 -18.88
N ILE F 302 -26.09 -5.04 -20.10
CA ILE F 302 -26.14 -5.89 -21.28
C ILE F 302 -24.87 -5.62 -22.09
N ALA F 303 -23.83 -6.41 -21.86
CA ALA F 303 -22.55 -6.24 -22.53
C ALA F 303 -22.34 -7.37 -23.53
N HIS F 304 -21.90 -7.01 -24.72
CA HIS F 304 -21.58 -7.99 -25.75
C HIS F 304 -20.52 -8.94 -25.21
N PRO F 305 -20.78 -10.25 -25.14
CA PRO F 305 -19.81 -11.21 -24.58
C PRO F 305 -18.77 -11.65 -25.61
N GLY F 306 -17.81 -10.76 -25.87
CA GLY F 306 -16.75 -11.10 -26.81
C GLY F 306 -15.96 -12.32 -26.40
N GLY F 307 -15.85 -12.56 -25.10
CA GLY F 307 -15.19 -13.73 -24.56
C GLY F 307 -15.49 -13.88 -23.09
N PRO F 308 -15.10 -15.00 -22.48
CA PRO F 308 -15.22 -15.09 -21.03
C PRO F 308 -14.22 -14.21 -20.32
N THR F 309 -13.00 -14.14 -20.84
CA THR F 309 -11.97 -13.29 -20.25
C THR F 309 -12.34 -11.82 -20.31
N ILE F 310 -13.17 -11.43 -21.29
CA ILE F 310 -13.54 -10.02 -21.41
C ILE F 310 -14.51 -9.64 -20.28
N LEU F 311 -15.53 -10.45 -20.05
CA LEU F 311 -16.53 -10.14 -19.03
C LEU F 311 -15.95 -10.26 -17.63
N ASP F 312 -15.05 -11.21 -17.41
CA ASP F 312 -14.46 -11.37 -16.09
C ASP F 312 -13.65 -10.15 -15.69
N GLN F 313 -12.90 -9.58 -16.64
CA GLN F 313 -12.05 -8.44 -16.34
C GLN F 313 -12.84 -7.13 -16.28
N VAL F 314 -14.00 -7.05 -16.95
CA VAL F 314 -14.87 -5.90 -16.73
C VAL F 314 -15.50 -5.98 -15.36
N GLU F 315 -15.83 -7.20 -14.92
CA GLU F 315 -16.44 -7.40 -13.60
C GLU F 315 -15.45 -7.12 -12.48
N ALA F 316 -14.16 -7.30 -12.73
CA ALA F 316 -13.13 -7.05 -11.72
C ALA F 316 -12.68 -5.60 -11.68
N LYS F 317 -12.48 -4.98 -12.85
CA LYS F 317 -12.03 -3.58 -12.88
C LYS F 317 -13.09 -2.65 -12.32
N LEU F 318 -14.37 -2.93 -12.58
CA LEU F 318 -15.45 -2.06 -12.16
C LEU F 318 -16.05 -2.41 -10.80
N GLY F 319 -15.58 -3.49 -10.17
CA GLY F 319 -16.14 -3.89 -8.90
C GLY F 319 -17.59 -4.32 -8.98
N LEU F 320 -18.02 -4.85 -10.12
CA LEU F 320 -19.40 -5.28 -10.28
C LEU F 320 -19.70 -6.51 -9.42
N LYS F 321 -20.99 -6.72 -9.17
CA LYS F 321 -21.43 -7.98 -8.61
C LYS F 321 -21.49 -9.04 -9.70
N GLU F 322 -21.56 -10.31 -9.29
CA GLU F 322 -21.65 -11.38 -10.28
C GLU F 322 -22.98 -11.37 -11.01
N GLU F 323 -24.00 -10.68 -10.46
CA GLU F 323 -25.34 -10.70 -11.03
C GLU F 323 -25.53 -9.68 -12.14
N LYS F 324 -24.68 -8.65 -12.21
CA LYS F 324 -24.88 -7.61 -13.21
C LYS F 324 -24.69 -8.15 -14.63
N LEU F 325 -23.72 -9.05 -14.82
CA LEU F 325 -23.43 -9.63 -16.11
C LEU F 325 -24.09 -11.00 -16.28
N LYS F 326 -25.13 -11.29 -15.51
CA LYS F 326 -25.75 -12.61 -15.52
C LYS F 326 -26.34 -12.94 -16.89
N SER F 327 -27.13 -12.01 -17.44
CA SER F 327 -27.79 -12.27 -18.71
C SER F 327 -26.80 -12.33 -19.87
N THR F 328 -25.71 -11.55 -19.79
CA THR F 328 -24.69 -11.63 -20.83
C THR F 328 -23.94 -12.96 -20.78
N ARG F 329 -23.60 -13.41 -19.57
CA ARG F 329 -22.94 -14.71 -19.44
C ARG F 329 -23.87 -15.86 -19.80
N ALA F 330 -25.18 -15.67 -19.63
CA ALA F 330 -26.12 -16.73 -19.97
C ALA F 330 -26.25 -16.89 -21.48
N VAL F 331 -26.34 -15.78 -22.20
CA VAL F 331 -26.48 -15.86 -23.65
C VAL F 331 -25.19 -16.39 -24.30
N LEU F 332 -24.03 -15.98 -23.77
CA LEU F 332 -22.78 -16.55 -24.26
C LEU F 332 -22.72 -18.04 -24.00
N ARG F 333 -23.26 -18.49 -22.86
CA ARG F 333 -23.19 -19.90 -22.52
C ARG F 333 -24.08 -20.74 -23.44
N GLU F 334 -25.28 -20.26 -23.75
CA GLU F 334 -26.24 -21.06 -24.51
C GLU F 334 -26.27 -20.71 -26.00
N TYR F 335 -25.55 -19.67 -26.43
CA TYR F 335 -25.56 -19.27 -27.83
C TYR F 335 -24.15 -19.03 -28.36
N GLY F 336 -23.23 -18.60 -27.49
CA GLY F 336 -21.91 -18.20 -27.92
C GLY F 336 -21.92 -16.77 -28.41
N ASN F 337 -20.77 -16.36 -28.95
CA ASN F 337 -20.67 -15.03 -29.56
C ASN F 337 -21.36 -15.06 -30.91
N MET F 338 -22.32 -14.15 -31.11
CA MET F 338 -23.01 -14.00 -32.38
C MET F 338 -22.90 -12.56 -32.87
N SER F 339 -21.79 -11.90 -32.54
CA SER F 339 -21.42 -10.58 -33.07
C SER F 339 -22.49 -9.57 -32.68
N SER F 340 -23.15 -8.91 -33.63
CA SER F 340 -24.08 -7.84 -33.31
C SER F 340 -25.36 -8.36 -32.68
N ALA F 341 -25.80 -9.55 -33.09
CA ALA F 341 -27.07 -10.09 -32.61
C ALA F 341 -27.01 -10.50 -31.15
N CYS F 342 -25.81 -10.83 -30.63
CA CYS F 342 -25.66 -11.22 -29.24
C CYS F 342 -26.27 -10.20 -28.31
N VAL F 343 -26.16 -8.92 -28.65
CA VAL F 343 -26.60 -7.88 -27.74
C VAL F 343 -28.12 -7.85 -27.64
N LEU F 344 -28.84 -8.21 -28.71
CA LEU F 344 -30.29 -8.28 -28.65
C LEU F 344 -30.78 -9.56 -28.00
N PHE F 345 -29.97 -10.62 -27.99
CA PHE F 345 -30.32 -11.83 -27.27
C PHE F 345 -30.27 -11.60 -25.77
N ILE F 346 -29.26 -10.87 -25.30
CA ILE F 346 -29.16 -10.54 -23.88
C ILE F 346 -30.30 -9.60 -23.49
N LEU F 347 -30.59 -8.61 -24.35
CA LEU F 347 -31.64 -7.65 -24.05
C LEU F 347 -32.99 -8.33 -23.92
N ASP F 348 -33.26 -9.32 -24.77
CA ASP F 348 -34.48 -10.10 -24.66
C ASP F 348 -34.46 -10.97 -23.41
N GLU F 349 -33.33 -11.62 -23.14
CA GLU F 349 -33.24 -12.45 -21.93
C GLU F 349 -33.32 -11.60 -20.66
N VAL F 350 -32.97 -10.32 -20.73
CA VAL F 350 -33.16 -9.42 -19.60
C VAL F 350 -34.65 -9.16 -19.39
N ARG F 351 -35.39 -8.95 -20.48
CA ARG F 351 -36.84 -8.80 -20.37
C ARG F 351 -37.49 -10.07 -19.86
N LYS F 352 -37.08 -11.24 -20.38
CA LYS F 352 -37.69 -12.49 -19.95
C LYS F 352 -37.42 -12.76 -18.48
N ARG F 353 -36.19 -12.52 -18.03
CA ARG F 353 -35.84 -12.79 -16.63
C ARG F 353 -36.61 -11.89 -15.68
N SER F 354 -36.85 -10.63 -16.08
CA SER F 354 -37.60 -9.74 -15.22
C SER F 354 -39.07 -10.16 -15.12
N MET F 355 -39.63 -10.74 -16.19
CA MET F 355 -41.00 -11.23 -16.15
C MET F 355 -41.12 -12.51 -15.34
N GLU F 356 -40.08 -13.35 -15.33
CA GLU F 356 -40.15 -14.60 -14.57
C GLU F 356 -40.04 -14.34 -13.08
N GLU F 357 -39.18 -13.40 -12.68
CA GLU F 357 -38.90 -13.16 -11.27
C GLU F 357 -39.74 -12.04 -10.67
N GLY F 358 -40.68 -11.48 -11.43
CA GLY F 358 -41.57 -10.47 -10.87
C GLY F 358 -40.88 -9.21 -10.42
N LYS F 359 -39.93 -8.71 -11.21
CA LYS F 359 -39.23 -7.48 -10.88
C LYS F 359 -40.02 -6.28 -11.38
N THR F 360 -39.75 -5.12 -10.78
CA THR F 360 -40.62 -3.97 -10.97
C THR F 360 -40.56 -3.40 -12.38
N THR F 361 -39.46 -3.58 -13.10
CA THR F 361 -39.25 -2.92 -14.38
C THR F 361 -38.80 -3.96 -15.41
N THR F 362 -38.56 -3.48 -16.63
CA THR F 362 -38.09 -4.34 -17.71
C THR F 362 -36.60 -4.63 -17.62
N GLY F 363 -35.86 -3.90 -16.79
CA GLY F 363 -34.44 -4.14 -16.65
C GLY F 363 -34.06 -4.74 -15.31
N GLU F 364 -34.65 -5.90 -14.99
CA GLU F 364 -34.31 -6.65 -13.76
C GLU F 364 -34.49 -5.80 -12.50
N GLY F 365 -35.39 -4.82 -12.53
CA GLY F 365 -35.71 -4.04 -11.36
C GLY F 365 -35.06 -2.68 -11.29
N PHE F 366 -34.17 -2.34 -12.22
CA PHE F 366 -33.43 -1.09 -12.20
C PHE F 366 -33.99 -0.12 -13.23
N ASP F 367 -33.79 1.18 -12.97
CA ASP F 367 -34.31 2.20 -13.87
C ASP F 367 -33.40 2.41 -15.07
N TRP F 368 -32.11 2.65 -14.84
CA TRP F 368 -31.16 2.97 -15.89
C TRP F 368 -30.35 1.75 -16.29
N GLY F 369 -29.92 1.72 -17.55
CA GLY F 369 -29.14 0.63 -18.07
C GLY F 369 -28.17 1.13 -19.13
N VAL F 370 -27.18 0.30 -19.43
CA VAL F 370 -26.21 0.59 -20.47
C VAL F 370 -26.00 -0.66 -21.31
N LEU F 371 -25.76 -0.45 -22.61
CA LEU F 371 -25.62 -1.52 -23.58
C LEU F 371 -24.32 -1.29 -24.34
N PHE F 372 -23.47 -2.33 -24.40
CA PHE F 372 -22.11 -2.19 -24.92
C PHE F 372 -21.91 -3.07 -26.14
N GLY F 373 -21.21 -2.53 -27.12
CA GLY F 373 -20.77 -3.29 -28.28
C GLY F 373 -19.32 -3.01 -28.60
N PHE F 374 -18.48 -4.03 -28.47
CA PHE F 374 -17.04 -3.91 -28.71
C PHE F 374 -16.70 -4.44 -30.09
N GLY F 375 -15.81 -3.73 -30.79
CA GLY F 375 -15.44 -4.13 -32.13
C GLY F 375 -14.17 -3.50 -32.68
N PRO F 376 -13.90 -3.78 -33.96
CA PRO F 376 -12.64 -3.32 -34.57
C PRO F 376 -12.49 -1.80 -34.53
N GLY F 377 -11.28 -1.36 -34.20
CA GLY F 377 -11.00 0.05 -34.02
C GLY F 377 -9.75 0.34 -33.21
N PHE F 378 -9.79 0.11 -31.90
CA PHE F 378 -10.91 -0.56 -31.22
C PHE F 378 -12.09 0.36 -30.94
N THR F 379 -13.26 -0.05 -31.43
CA THR F 379 -14.48 0.73 -31.32
C THR F 379 -15.40 0.14 -30.25
N VAL F 380 -15.81 0.97 -29.30
CA VAL F 380 -16.75 0.58 -28.25
C VAL F 380 -18.02 1.42 -28.44
N GLU F 381 -19.17 0.75 -28.41
CA GLU F 381 -20.47 1.42 -28.53
C GLU F 381 -21.11 1.46 -27.14
N THR F 382 -21.54 2.66 -26.73
CA THR F 382 -22.17 2.87 -25.43
C THR F 382 -23.59 3.36 -25.68
N VAL F 383 -24.58 2.54 -25.34
CA VAL F 383 -25.99 2.86 -25.54
C VAL F 383 -26.67 2.80 -24.18
N VAL F 384 -27.05 3.97 -23.66
CA VAL F 384 -27.73 4.05 -22.37
C VAL F 384 -29.21 3.81 -22.57
N LEU F 385 -29.77 2.86 -21.82
CA LEU F 385 -31.18 2.54 -21.88
C LEU F 385 -31.86 2.93 -20.58
N HIS F 386 -33.17 3.10 -20.65
CA HIS F 386 -34.03 3.28 -19.49
C HIS F 386 -35.09 2.20 -19.52
N SER F 387 -35.33 1.57 -18.37
CA SER F 387 -36.30 0.49 -18.31
C SER F 387 -37.72 1.03 -18.31
N MET F 388 -38.68 0.11 -18.44
CA MET F 388 -40.10 0.44 -18.37
C MET F 388 -40.75 -0.34 -17.23
N PRO F 389 -41.47 0.32 -16.32
CA PRO F 389 -42.07 -0.40 -15.19
C PRO F 389 -43.10 -1.43 -15.65
N ILE F 390 -43.33 -2.41 -14.77
CA ILE F 390 -44.16 -3.56 -15.08
C ILE F 390 -45.10 -3.82 -13.91
N PRO F 391 -46.43 -3.79 -14.11
CA PRO F 391 -47.35 -4.01 -13.00
C PRO F 391 -47.63 -5.51 -12.77
#